data_2FWM
# 
_entry.id   2FWM 
# 
_audit_conform.dict_name       mmcif_pdbx.dic 
_audit_conform.dict_version    5.387 
_audit_conform.dict_location   http://mmcif.pdb.org/dictionaries/ascii/mmcif_pdbx.dic 
# 
loop_
_database_2.database_id 
_database_2.database_code 
_database_2.pdbx_database_accession 
_database_2.pdbx_DOI 
PDB   2FWM         pdb_00002fwm 10.2210/pdb2fwm/pdb 
RCSB  RCSB036399   ?            ?                   
WWPDB D_1000036399 ?            ?                   
# 
loop_
_pdbx_audit_revision_history.ordinal 
_pdbx_audit_revision_history.data_content_type 
_pdbx_audit_revision_history.major_revision 
_pdbx_audit_revision_history.minor_revision 
_pdbx_audit_revision_history.revision_date 
1 'Structure model' 1 0 2006-06-27 
2 'Structure model' 1 1 2008-05-01 
3 'Structure model' 1 2 2011-07-13 
4 'Structure model' 1 3 2014-11-12 
5 'Structure model' 1 4 2017-10-18 
6 'Structure model' 1 5 2024-02-14 
# 
_pdbx_audit_revision_details.ordinal             1 
_pdbx_audit_revision_details.revision_ordinal    1 
_pdbx_audit_revision_details.data_content_type   'Structure model' 
_pdbx_audit_revision_details.provider            repository 
_pdbx_audit_revision_details.type                'Initial release' 
_pdbx_audit_revision_details.description         ? 
_pdbx_audit_revision_details.details             ? 
# 
loop_
_pdbx_audit_revision_group.ordinal 
_pdbx_audit_revision_group.revision_ordinal 
_pdbx_audit_revision_group.data_content_type 
_pdbx_audit_revision_group.group 
1 2 'Structure model' 'Version format compliance' 
2 3 'Structure model' 'Derived calculations'      
3 3 'Structure model' 'Version format compliance' 
4 4 'Structure model' 'Structure summary'         
5 5 'Structure model' 'Refinement description'    
6 6 'Structure model' 'Data collection'           
7 6 'Structure model' 'Database references'       
# 
loop_
_pdbx_audit_revision_category.ordinal 
_pdbx_audit_revision_category.revision_ordinal 
_pdbx_audit_revision_category.data_content_type 
_pdbx_audit_revision_category.category 
1 5 'Structure model' software       
2 6 'Structure model' chem_comp_atom 
3 6 'Structure model' chem_comp_bond 
4 6 'Structure model' database_2     
# 
loop_
_pdbx_audit_revision_item.ordinal 
_pdbx_audit_revision_item.revision_ordinal 
_pdbx_audit_revision_item.data_content_type 
_pdbx_audit_revision_item.item 
1 6 'Structure model' '_database_2.pdbx_DOI'                
2 6 'Structure model' '_database_2.pdbx_database_accession' 
# 
_pdbx_database_status.entry_id                        2FWM 
_pdbx_database_status.deposit_site                    RCSB 
_pdbx_database_status.process_site                    RCSB 
_pdbx_database_status.recvd_initial_deposition_date   2006-02-02 
_pdbx_database_status.status_code                     REL 
_pdbx_database_status.status_code_sf                  REL 
_pdbx_database_status.status_code_mr                  ? 
_pdbx_database_status.SG_entry                        ? 
_pdbx_database_status.pdb_format_compatible           Y 
_pdbx_database_status.status_code_cs                  ? 
_pdbx_database_status.methods_development_category    ? 
_pdbx_database_status.status_code_nmr_data            ? 
# 
loop_
_audit_author.name 
_audit_author.pdbx_ordinal 
'Gulick, A.M.' 1 
'Duax, W.L.'   2 
# 
_citation.id                        primary 
_citation.title                     
'Determination of the crystal structure of EntA, a 2,3-dihydro-2,3-dihydroxybenzoic acid dehydrogenase from Escherichia coli.' 
_citation.journal_abbrev            'Acta Crystallogr.,Sect.D' 
_citation.journal_volume            62 
_citation.page_first                734 
_citation.page_last                 740 
_citation.year                      2006 
_citation.journal_id_ASTM           ABCRE6 
_citation.country                   DK 
_citation.journal_id_ISSN           0907-4449 
_citation.journal_id_CSD            0766 
_citation.book_publisher            ? 
_citation.pdbx_database_id_PubMed   16790929 
_citation.pdbx_database_id_DOI      10.1107/S0907444906015824 
# 
loop_
_citation_author.citation_id 
_citation_author.name 
_citation_author.ordinal 
_citation_author.identifier_ORCID 
primary 'Sundlov, J.A.'   1 ? 
primary 'Garringer, J.A.' 2 ? 
primary 'Carney, J.M.'    3 ? 
primary 'Reger, A.S.'     4 ? 
primary 'Drake, E.J.'     5 ? 
primary 'Duax, W.L.'      6 ? 
primary 'Gulick, A.M.'    7 ? 
# 
loop_
_entity.id 
_entity.type 
_entity.src_method 
_entity.pdbx_description 
_entity.formula_weight 
_entity.pdbx_number_of_molecules 
_entity.pdbx_ec 
_entity.pdbx_mutation 
_entity.pdbx_fragment 
_entity.details 
1 polymer man '2,3-dihydro-2,3-dihydroxybenzoate dehydrogenase' 26466.781 1   1.3.1.28 ? ? ? 
2 water   nat water                                             18.015    109 ?        ? ? ? 
# 
_entity_poly.entity_id                      1 
_entity_poly.type                           'polypeptide(L)' 
_entity_poly.nstd_linkage                   no 
_entity_poly.nstd_monomer                   no 
_entity_poly.pdbx_seq_one_letter_code       
;GHMDFSGKNVWVTGAGKGIGYATALAFVEAGAKVTGFDQAFTQEQYPFATEVMDVADAAQVAQVCQRLLAETERLDALVN
AAGILRMGATDQLSKEDWQQTFAVNVGGAFNLFQQTMNQFRRQRGGAIVTVASDAAHTPRIGMSAYGASKAALKSLALSV
GLELAGSGVRCNVVSPGSTDTDMQRTLWVSDDAEEQRIRGFGEQFKLGIPLGKIARPQEIANTILFLASDLASHITLQDI
VVDGGSTLGA
;
_entity_poly.pdbx_seq_one_letter_code_can   
;GHMDFSGKNVWVTGAGKGIGYATALAFVEAGAKVTGFDQAFTQEQYPFATEVMDVADAAQVAQVCQRLLAETERLDALVN
AAGILRMGATDQLSKEDWQQTFAVNVGGAFNLFQQTMNQFRRQRGGAIVTVASDAAHTPRIGMSAYGASKAALKSLALSV
GLELAGSGVRCNVVSPGSTDTDMQRTLWVSDDAEEQRIRGFGEQFKLGIPLGKIARPQEIANTILFLASDLASHITLQDI
VVDGGSTLGA
;
_entity_poly.pdbx_strand_id                 X 
_entity_poly.pdbx_target_identifier         ? 
# 
_pdbx_entity_nonpoly.entity_id   2 
_pdbx_entity_nonpoly.name        water 
_pdbx_entity_nonpoly.comp_id     HOH 
# 
loop_
_entity_poly_seq.entity_id 
_entity_poly_seq.num 
_entity_poly_seq.mon_id 
_entity_poly_seq.hetero 
1 1   GLY n 
1 2   HIS n 
1 3   MET n 
1 4   ASP n 
1 5   PHE n 
1 6   SER n 
1 7   GLY n 
1 8   LYS n 
1 9   ASN n 
1 10  VAL n 
1 11  TRP n 
1 12  VAL n 
1 13  THR n 
1 14  GLY n 
1 15  ALA n 
1 16  GLY n 
1 17  LYS n 
1 18  GLY n 
1 19  ILE n 
1 20  GLY n 
1 21  TYR n 
1 22  ALA n 
1 23  THR n 
1 24  ALA n 
1 25  LEU n 
1 26  ALA n 
1 27  PHE n 
1 28  VAL n 
1 29  GLU n 
1 30  ALA n 
1 31  GLY n 
1 32  ALA n 
1 33  LYS n 
1 34  VAL n 
1 35  THR n 
1 36  GLY n 
1 37  PHE n 
1 38  ASP n 
1 39  GLN n 
1 40  ALA n 
1 41  PHE n 
1 42  THR n 
1 43  GLN n 
1 44  GLU n 
1 45  GLN n 
1 46  TYR n 
1 47  PRO n 
1 48  PHE n 
1 49  ALA n 
1 50  THR n 
1 51  GLU n 
1 52  VAL n 
1 53  MET n 
1 54  ASP n 
1 55  VAL n 
1 56  ALA n 
1 57  ASP n 
1 58  ALA n 
1 59  ALA n 
1 60  GLN n 
1 61  VAL n 
1 62  ALA n 
1 63  GLN n 
1 64  VAL n 
1 65  CYS n 
1 66  GLN n 
1 67  ARG n 
1 68  LEU n 
1 69  LEU n 
1 70  ALA n 
1 71  GLU n 
1 72  THR n 
1 73  GLU n 
1 74  ARG n 
1 75  LEU n 
1 76  ASP n 
1 77  ALA n 
1 78  LEU n 
1 79  VAL n 
1 80  ASN n 
1 81  ALA n 
1 82  ALA n 
1 83  GLY n 
1 84  ILE n 
1 85  LEU n 
1 86  ARG n 
1 87  MET n 
1 88  GLY n 
1 89  ALA n 
1 90  THR n 
1 91  ASP n 
1 92  GLN n 
1 93  LEU n 
1 94  SER n 
1 95  LYS n 
1 96  GLU n 
1 97  ASP n 
1 98  TRP n 
1 99  GLN n 
1 100 GLN n 
1 101 THR n 
1 102 PHE n 
1 103 ALA n 
1 104 VAL n 
1 105 ASN n 
1 106 VAL n 
1 107 GLY n 
1 108 GLY n 
1 109 ALA n 
1 110 PHE n 
1 111 ASN n 
1 112 LEU n 
1 113 PHE n 
1 114 GLN n 
1 115 GLN n 
1 116 THR n 
1 117 MET n 
1 118 ASN n 
1 119 GLN n 
1 120 PHE n 
1 121 ARG n 
1 122 ARG n 
1 123 GLN n 
1 124 ARG n 
1 125 GLY n 
1 126 GLY n 
1 127 ALA n 
1 128 ILE n 
1 129 VAL n 
1 130 THR n 
1 131 VAL n 
1 132 ALA n 
1 133 SER n 
1 134 ASP n 
1 135 ALA n 
1 136 ALA n 
1 137 HIS n 
1 138 THR n 
1 139 PRO n 
1 140 ARG n 
1 141 ILE n 
1 142 GLY n 
1 143 MET n 
1 144 SER n 
1 145 ALA n 
1 146 TYR n 
1 147 GLY n 
1 148 ALA n 
1 149 SER n 
1 150 LYS n 
1 151 ALA n 
1 152 ALA n 
1 153 LEU n 
1 154 LYS n 
1 155 SER n 
1 156 LEU n 
1 157 ALA n 
1 158 LEU n 
1 159 SER n 
1 160 VAL n 
1 161 GLY n 
1 162 LEU n 
1 163 GLU n 
1 164 LEU n 
1 165 ALA n 
1 166 GLY n 
1 167 SER n 
1 168 GLY n 
1 169 VAL n 
1 170 ARG n 
1 171 CYS n 
1 172 ASN n 
1 173 VAL n 
1 174 VAL n 
1 175 SER n 
1 176 PRO n 
1 177 GLY n 
1 178 SER n 
1 179 THR n 
1 180 ASP n 
1 181 THR n 
1 182 ASP n 
1 183 MET n 
1 184 GLN n 
1 185 ARG n 
1 186 THR n 
1 187 LEU n 
1 188 TRP n 
1 189 VAL n 
1 190 SER n 
1 191 ASP n 
1 192 ASP n 
1 193 ALA n 
1 194 GLU n 
1 195 GLU n 
1 196 GLN n 
1 197 ARG n 
1 198 ILE n 
1 199 ARG n 
1 200 GLY n 
1 201 PHE n 
1 202 GLY n 
1 203 GLU n 
1 204 GLN n 
1 205 PHE n 
1 206 LYS n 
1 207 LEU n 
1 208 GLY n 
1 209 ILE n 
1 210 PRO n 
1 211 LEU n 
1 212 GLY n 
1 213 LYS n 
1 214 ILE n 
1 215 ALA n 
1 216 ARG n 
1 217 PRO n 
1 218 GLN n 
1 219 GLU n 
1 220 ILE n 
1 221 ALA n 
1 222 ASN n 
1 223 THR n 
1 224 ILE n 
1 225 LEU n 
1 226 PHE n 
1 227 LEU n 
1 228 ALA n 
1 229 SER n 
1 230 ASP n 
1 231 LEU n 
1 232 ALA n 
1 233 SER n 
1 234 HIS n 
1 235 ILE n 
1 236 THR n 
1 237 LEU n 
1 238 GLN n 
1 239 ASP n 
1 240 ILE n 
1 241 VAL n 
1 242 VAL n 
1 243 ASP n 
1 244 GLY n 
1 245 GLY n 
1 246 SER n 
1 247 THR n 
1 248 LEU n 
1 249 GLY n 
1 250 ALA n 
# 
_entity_src_gen.entity_id                          1 
_entity_src_gen.pdbx_src_id                        1 
_entity_src_gen.pdbx_alt_source_flag               sample 
_entity_src_gen.pdbx_seq_type                      ? 
_entity_src_gen.pdbx_beg_seq_num                   ? 
_entity_src_gen.pdbx_end_seq_num                   ? 
_entity_src_gen.gene_src_common_name               ? 
_entity_src_gen.gene_src_genus                     Escherichia 
_entity_src_gen.pdbx_gene_src_gene                 entA 
_entity_src_gen.gene_src_species                   ? 
_entity_src_gen.gene_src_strain                    JM109 
_entity_src_gen.gene_src_tissue                    ? 
_entity_src_gen.gene_src_tissue_fraction           ? 
_entity_src_gen.gene_src_details                   ? 
_entity_src_gen.pdbx_gene_src_fragment             ? 
_entity_src_gen.pdbx_gene_src_scientific_name      'Escherichia coli' 
_entity_src_gen.pdbx_gene_src_ncbi_taxonomy_id     562 
_entity_src_gen.pdbx_gene_src_variant              ? 
_entity_src_gen.pdbx_gene_src_cell_line            ? 
_entity_src_gen.pdbx_gene_src_atcc                 ? 
_entity_src_gen.pdbx_gene_src_organ                ? 
_entity_src_gen.pdbx_gene_src_organelle            ? 
_entity_src_gen.pdbx_gene_src_cell                 ? 
_entity_src_gen.pdbx_gene_src_cellular_location    ? 
_entity_src_gen.host_org_common_name               ? 
_entity_src_gen.pdbx_host_org_scientific_name      'Escherichia coli BL21(DE3)' 
_entity_src_gen.pdbx_host_org_ncbi_taxonomy_id     469008 
_entity_src_gen.host_org_genus                     Escherichia 
_entity_src_gen.pdbx_host_org_gene                 ? 
_entity_src_gen.pdbx_host_org_organ                ? 
_entity_src_gen.host_org_species                   'Escherichia coli' 
_entity_src_gen.pdbx_host_org_tissue               ? 
_entity_src_gen.pdbx_host_org_tissue_fraction      ? 
_entity_src_gen.pdbx_host_org_strain               'BL21(DE3)' 
_entity_src_gen.pdbx_host_org_variant              ? 
_entity_src_gen.pdbx_host_org_cell_line            ? 
_entity_src_gen.pdbx_host_org_atcc                 ? 
_entity_src_gen.pdbx_host_org_culture_collection   ? 
_entity_src_gen.pdbx_host_org_cell                 ? 
_entity_src_gen.pdbx_host_org_organelle            ? 
_entity_src_gen.pdbx_host_org_cellular_location    ? 
_entity_src_gen.pdbx_host_org_vector_type          PLASMID 
_entity_src_gen.pdbx_host_org_vector               ? 
_entity_src_gen.host_org_details                   ? 
_entity_src_gen.expression_system_id               ? 
_entity_src_gen.plasmid_name                       pET15b-TEV 
_entity_src_gen.plasmid_details                    ? 
_entity_src_gen.pdbx_description                   ? 
# 
loop_
_chem_comp.id 
_chem_comp.type 
_chem_comp.mon_nstd_flag 
_chem_comp.name 
_chem_comp.pdbx_synonyms 
_chem_comp.formula 
_chem_comp.formula_weight 
ALA 'L-peptide linking' y ALANINE         ? 'C3 H7 N O2'     89.093  
ARG 'L-peptide linking' y ARGININE        ? 'C6 H15 N4 O2 1' 175.209 
ASN 'L-peptide linking' y ASPARAGINE      ? 'C4 H8 N2 O3'    132.118 
ASP 'L-peptide linking' y 'ASPARTIC ACID' ? 'C4 H7 N O4'     133.103 
CYS 'L-peptide linking' y CYSTEINE        ? 'C3 H7 N O2 S'   121.158 
GLN 'L-peptide linking' y GLUTAMINE       ? 'C5 H10 N2 O3'   146.144 
GLU 'L-peptide linking' y 'GLUTAMIC ACID' ? 'C5 H9 N O4'     147.129 
GLY 'peptide linking'   y GLYCINE         ? 'C2 H5 N O2'     75.067  
HIS 'L-peptide linking' y HISTIDINE       ? 'C6 H10 N3 O2 1' 156.162 
HOH non-polymer         . WATER           ? 'H2 O'           18.015  
ILE 'L-peptide linking' y ISOLEUCINE      ? 'C6 H13 N O2'    131.173 
LEU 'L-peptide linking' y LEUCINE         ? 'C6 H13 N O2'    131.173 
LYS 'L-peptide linking' y LYSINE          ? 'C6 H15 N2 O2 1' 147.195 
MET 'L-peptide linking' y METHIONINE      ? 'C5 H11 N O2 S'  149.211 
PHE 'L-peptide linking' y PHENYLALANINE   ? 'C9 H11 N O2'    165.189 
PRO 'L-peptide linking' y PROLINE         ? 'C5 H9 N O2'     115.130 
SER 'L-peptide linking' y SERINE          ? 'C3 H7 N O3'     105.093 
THR 'L-peptide linking' y THREONINE       ? 'C4 H9 N O3'     119.119 
TRP 'L-peptide linking' y TRYPTOPHAN      ? 'C11 H12 N2 O2'  204.225 
TYR 'L-peptide linking' y TYROSINE        ? 'C9 H11 N O3'    181.189 
VAL 'L-peptide linking' y VALINE          ? 'C5 H11 N O2'    117.146 
# 
loop_
_pdbx_poly_seq_scheme.asym_id 
_pdbx_poly_seq_scheme.entity_id 
_pdbx_poly_seq_scheme.seq_id 
_pdbx_poly_seq_scheme.mon_id 
_pdbx_poly_seq_scheme.ndb_seq_num 
_pdbx_poly_seq_scheme.pdb_seq_num 
_pdbx_poly_seq_scheme.auth_seq_num 
_pdbx_poly_seq_scheme.pdb_mon_id 
_pdbx_poly_seq_scheme.auth_mon_id 
_pdbx_poly_seq_scheme.pdb_strand_id 
_pdbx_poly_seq_scheme.pdb_ins_code 
_pdbx_poly_seq_scheme.hetero 
A 1 1   GLY 1   -1  ?   ?   ?   X . n 
A 1 2   HIS 2   0   ?   ?   ?   X . n 
A 1 3   MET 3   1   1   MET MET X . n 
A 1 4   ASP 4   2   2   ASP ASP X . n 
A 1 5   PHE 5   3   3   PHE PHE X . n 
A 1 6   SER 6   4   4   SER SER X . n 
A 1 7   GLY 7   5   5   GLY GLY X . n 
A 1 8   LYS 8   6   6   LYS LYS X . n 
A 1 9   ASN 9   7   7   ASN ASN X . n 
A 1 10  VAL 10  8   8   VAL VAL X . n 
A 1 11  TRP 11  9   9   TRP TRP X . n 
A 1 12  VAL 12  10  10  VAL VAL X . n 
A 1 13  THR 13  11  11  THR THR X . n 
A 1 14  GLY 14  12  12  GLY GLY X . n 
A 1 15  ALA 15  13  13  ALA ALA X . n 
A 1 16  GLY 16  14  14  GLY GLY X . n 
A 1 17  LYS 17  15  15  LYS LYS X . n 
A 1 18  GLY 18  16  16  GLY GLY X . n 
A 1 19  ILE 19  17  17  ILE ILE X . n 
A 1 20  GLY 20  18  18  GLY GLY X . n 
A 1 21  TYR 21  19  19  TYR TYR X . n 
A 1 22  ALA 22  20  20  ALA ALA X . n 
A 1 23  THR 23  21  21  THR THR X . n 
A 1 24  ALA 24  22  22  ALA ALA X . n 
A 1 25  LEU 25  23  23  LEU LEU X . n 
A 1 26  ALA 26  24  24  ALA ALA X . n 
A 1 27  PHE 27  25  25  PHE PHE X . n 
A 1 28  VAL 28  26  26  VAL VAL X . n 
A 1 29  GLU 29  27  27  GLU GLU X . n 
A 1 30  ALA 30  28  28  ALA ALA X . n 
A 1 31  GLY 31  29  29  GLY GLY X . n 
A 1 32  ALA 32  30  30  ALA ALA X . n 
A 1 33  LYS 33  31  31  LYS LYS X . n 
A 1 34  VAL 34  32  32  VAL VAL X . n 
A 1 35  THR 35  33  33  THR THR X . n 
A 1 36  GLY 36  34  34  GLY GLY X . n 
A 1 37  PHE 37  35  35  PHE PHE X . n 
A 1 38  ASP 38  36  36  ASP ASP X . n 
A 1 39  GLN 39  37  37  GLN GLN X . n 
A 1 40  ALA 40  38  38  ALA ALA X . n 
A 1 41  PHE 41  39  39  PHE PHE X . n 
A 1 42  THR 42  40  40  THR THR X . n 
A 1 43  GLN 43  41  41  GLN GLN X . n 
A 1 44  GLU 44  42  42  GLU GLU X . n 
A 1 45  GLN 45  43  43  GLN GLN X . n 
A 1 46  TYR 46  44  44  TYR TYR X . n 
A 1 47  PRO 47  45  45  PRO PRO X . n 
A 1 48  PHE 48  46  46  PHE PHE X . n 
A 1 49  ALA 49  47  47  ALA ALA X . n 
A 1 50  THR 50  48  48  THR THR X . n 
A 1 51  GLU 51  49  49  GLU GLU X . n 
A 1 52  VAL 52  50  50  VAL VAL X . n 
A 1 53  MET 53  51  51  MET MET X . n 
A 1 54  ASP 54  52  52  ASP ASP X . n 
A 1 55  VAL 55  53  53  VAL VAL X . n 
A 1 56  ALA 56  54  54  ALA ALA X . n 
A 1 57  ASP 57  55  55  ASP ASP X . n 
A 1 58  ALA 58  56  56  ALA ALA X . n 
A 1 59  ALA 59  57  57  ALA ALA X . n 
A 1 60  GLN 60  58  58  GLN GLN X . n 
A 1 61  VAL 61  59  59  VAL VAL X . n 
A 1 62  ALA 62  60  60  ALA ALA X . n 
A 1 63  GLN 63  61  61  GLN GLN X . n 
A 1 64  VAL 64  62  62  VAL VAL X . n 
A 1 65  CYS 65  63  63  CYS CYS X . n 
A 1 66  GLN 66  64  64  GLN GLN X . n 
A 1 67  ARG 67  65  65  ARG ARG X . n 
A 1 68  LEU 68  66  66  LEU LEU X . n 
A 1 69  LEU 69  67  67  LEU LEU X . n 
A 1 70  ALA 70  68  68  ALA ALA X . n 
A 1 71  GLU 71  69  69  GLU GLU X . n 
A 1 72  THR 72  70  70  THR THR X . n 
A 1 73  GLU 73  71  71  GLU GLU X . n 
A 1 74  ARG 74  72  72  ARG ARG X . n 
A 1 75  LEU 75  73  73  LEU LEU X . n 
A 1 76  ASP 76  74  74  ASP ASP X . n 
A 1 77  ALA 77  75  75  ALA ALA X . n 
A 1 78  LEU 78  76  76  LEU LEU X . n 
A 1 79  VAL 79  77  77  VAL VAL X . n 
A 1 80  ASN 80  78  78  ASN ASN X . n 
A 1 81  ALA 81  79  79  ALA ALA X . n 
A 1 82  ALA 82  80  80  ALA ALA X . n 
A 1 83  GLY 83  81  81  GLY GLY X . n 
A 1 84  ILE 84  82  82  ILE ILE X . n 
A 1 85  LEU 85  83  83  LEU LEU X . n 
A 1 86  ARG 86  84  84  ARG ARG X . n 
A 1 87  MET 87  85  85  MET MET X . n 
A 1 88  GLY 88  86  86  GLY GLY X . n 
A 1 89  ALA 89  87  87  ALA ALA X . n 
A 1 90  THR 90  88  88  THR THR X . n 
A 1 91  ASP 91  89  89  ASP ASP X . n 
A 1 92  GLN 92  90  90  GLN GLN X . n 
A 1 93  LEU 93  91  91  LEU LEU X . n 
A 1 94  SER 94  92  92  SER SER X . n 
A 1 95  LYS 95  93  93  LYS LYS X . n 
A 1 96  GLU 96  94  94  GLU GLU X . n 
A 1 97  ASP 97  95  95  ASP ASP X . n 
A 1 98  TRP 98  96  96  TRP TRP X . n 
A 1 99  GLN 99  97  97  GLN GLN X . n 
A 1 100 GLN 100 98  98  GLN GLN X . n 
A 1 101 THR 101 99  99  THR THR X . n 
A 1 102 PHE 102 100 100 PHE PHE X . n 
A 1 103 ALA 103 101 101 ALA ALA X . n 
A 1 104 VAL 104 102 102 VAL VAL X . n 
A 1 105 ASN 105 103 103 ASN ASN X . n 
A 1 106 VAL 106 104 104 VAL VAL X . n 
A 1 107 GLY 107 105 105 GLY GLY X . n 
A 1 108 GLY 108 106 106 GLY GLY X . n 
A 1 109 ALA 109 107 107 ALA ALA X . n 
A 1 110 PHE 110 108 108 PHE PHE X . n 
A 1 111 ASN 111 109 109 ASN ASN X . n 
A 1 112 LEU 112 110 110 LEU LEU X . n 
A 1 113 PHE 113 111 111 PHE PHE X . n 
A 1 114 GLN 114 112 112 GLN GLN X . n 
A 1 115 GLN 115 113 113 GLN GLN X . n 
A 1 116 THR 116 114 114 THR THR X . n 
A 1 117 MET 117 115 115 MET MET X . n 
A 1 118 ASN 118 116 116 ASN ASN X . n 
A 1 119 GLN 119 117 117 GLN GLN X . n 
A 1 120 PHE 120 118 118 PHE PHE X . n 
A 1 121 ARG 121 119 119 ARG ARG X . n 
A 1 122 ARG 122 120 120 ARG ARG X . n 
A 1 123 GLN 123 121 121 GLN GLN X . n 
A 1 124 ARG 124 122 122 ARG ARG X . n 
A 1 125 GLY 125 123 123 GLY GLY X . n 
A 1 126 GLY 126 124 124 GLY GLY X . n 
A 1 127 ALA 127 125 125 ALA ALA X . n 
A 1 128 ILE 128 126 126 ILE ILE X . n 
A 1 129 VAL 129 127 127 VAL VAL X . n 
A 1 130 THR 130 128 128 THR THR X . n 
A 1 131 VAL 131 129 129 VAL VAL X . n 
A 1 132 ALA 132 130 130 ALA ALA X . n 
A 1 133 SER 133 131 131 SER SER X . n 
A 1 134 ASP 134 132 132 ASP ASP X . n 
A 1 135 ALA 135 133 133 ALA ALA X . n 
A 1 136 ALA 136 134 134 ALA ALA X . n 
A 1 137 HIS 137 135 135 HIS HIS X . n 
A 1 138 THR 138 136 136 THR THR X . n 
A 1 139 PRO 139 137 137 PRO PRO X . n 
A 1 140 ARG 140 138 138 ARG ARG X . n 
A 1 141 ILE 141 139 139 ILE ILE X . n 
A 1 142 GLY 142 140 140 GLY GLY X . n 
A 1 143 MET 143 141 141 MET MET X . n 
A 1 144 SER 144 142 142 SER SER X . n 
A 1 145 ALA 145 143 143 ALA ALA X . n 
A 1 146 TYR 146 144 144 TYR TYR X . n 
A 1 147 GLY 147 145 145 GLY GLY X . n 
A 1 148 ALA 148 146 146 ALA ALA X . n 
A 1 149 SER 149 147 147 SER SER X . n 
A 1 150 LYS 150 148 148 LYS LYS X . n 
A 1 151 ALA 151 149 149 ALA ALA X . n 
A 1 152 ALA 152 150 150 ALA ALA X . n 
A 1 153 LEU 153 151 151 LEU LEU X . n 
A 1 154 LYS 154 152 152 LYS LYS X . n 
A 1 155 SER 155 153 153 SER SER X . n 
A 1 156 LEU 156 154 154 LEU LEU X . n 
A 1 157 ALA 157 155 155 ALA ALA X . n 
A 1 158 LEU 158 156 156 LEU LEU X . n 
A 1 159 SER 159 157 157 SER SER X . n 
A 1 160 VAL 160 158 158 VAL VAL X . n 
A 1 161 GLY 161 159 159 GLY GLY X . n 
A 1 162 LEU 162 160 160 LEU LEU X . n 
A 1 163 GLU 163 161 161 GLU GLU X . n 
A 1 164 LEU 164 162 162 LEU LEU X . n 
A 1 165 ALA 165 163 163 ALA ALA X . n 
A 1 166 GLY 166 164 164 GLY GLY X . n 
A 1 167 SER 167 165 165 SER SER X . n 
A 1 168 GLY 168 166 166 GLY GLY X . n 
A 1 169 VAL 169 167 167 VAL VAL X . n 
A 1 170 ARG 170 168 168 ARG ARG X . n 
A 1 171 CYS 171 169 169 CYS CYS X . n 
A 1 172 ASN 172 170 170 ASN ASN X . n 
A 1 173 VAL 173 171 171 VAL VAL X . n 
A 1 174 VAL 174 172 172 VAL VAL X . n 
A 1 175 SER 175 173 173 SER SER X . n 
A 1 176 PRO 176 174 174 PRO PRO X . n 
A 1 177 GLY 177 175 175 GLY GLY X . n 
A 1 178 SER 178 176 176 SER SER X . n 
A 1 179 THR 179 177 177 THR THR X . n 
A 1 180 ASP 180 178 ?   ?   ?   X . n 
A 1 181 THR 181 179 ?   ?   ?   X . n 
A 1 182 ASP 182 180 ?   ?   ?   X . n 
A 1 183 MET 183 181 ?   ?   ?   X . n 
A 1 184 GLN 184 182 ?   ?   ?   X . n 
A 1 185 ARG 185 183 ?   ?   ?   X . n 
A 1 186 THR 186 184 ?   ?   ?   X . n 
A 1 187 LEU 187 185 ?   ?   ?   X . n 
A 1 188 TRP 188 186 ?   ?   ?   X . n 
A 1 189 VAL 189 187 ?   ?   ?   X . n 
A 1 190 SER 190 188 ?   ?   ?   X . n 
A 1 191 ASP 191 189 ?   ?   ?   X . n 
A 1 192 ASP 192 190 ?   ?   ?   X . n 
A 1 193 ALA 193 191 ?   ?   ?   X . n 
A 1 194 GLU 194 192 ?   ?   ?   X . n 
A 1 195 GLU 195 193 ?   ?   ?   X . n 
A 1 196 GLN 196 194 ?   ?   ?   X . n 
A 1 197 ARG 197 195 ?   ?   ?   X . n 
A 1 198 ILE 198 196 ?   ?   ?   X . n 
A 1 199 ARG 199 197 ?   ?   ?   X . n 
A 1 200 GLY 200 198 ?   ?   ?   X . n 
A 1 201 PHE 201 199 ?   ?   ?   X . n 
A 1 202 GLY 202 200 ?   ?   ?   X . n 
A 1 203 GLU 203 201 ?   ?   ?   X . n 
A 1 204 GLN 204 202 ?   ?   ?   X . n 
A 1 205 PHE 205 203 ?   ?   ?   X . n 
A 1 206 LYS 206 204 ?   ?   ?   X . n 
A 1 207 LEU 207 205 ?   ?   ?   X . n 
A 1 208 GLY 208 206 ?   ?   ?   X . n 
A 1 209 ILE 209 207 ?   ?   ?   X . n 
A 1 210 PRO 210 208 ?   ?   ?   X . n 
A 1 211 LEU 211 209 ?   ?   ?   X . n 
A 1 212 GLY 212 210 ?   ?   ?   X . n 
A 1 213 LYS 213 211 ?   ?   ?   X . n 
A 1 214 ILE 214 212 ?   ?   ?   X . n 
A 1 215 ALA 215 213 ?   ?   ?   X . n 
A 1 216 ARG 216 214 214 ARG ARG X . n 
A 1 217 PRO 217 215 215 PRO PRO X . n 
A 1 218 GLN 218 216 216 GLN GLN X . n 
A 1 219 GLU 219 217 217 GLU GLU X . n 
A 1 220 ILE 220 218 218 ILE ILE X . n 
A 1 221 ALA 221 219 219 ALA ALA X . n 
A 1 222 ASN 222 220 220 ASN ASN X . n 
A 1 223 THR 223 221 221 THR THR X . n 
A 1 224 ILE 224 222 222 ILE ILE X . n 
A 1 225 LEU 225 223 223 LEU LEU X . n 
A 1 226 PHE 226 224 224 PHE PHE X . n 
A 1 227 LEU 227 225 225 LEU LEU X . n 
A 1 228 ALA 228 226 226 ALA ALA X . n 
A 1 229 SER 229 227 227 SER SER X . n 
A 1 230 ASP 230 228 228 ASP ASP X . n 
A 1 231 LEU 231 229 229 LEU LEU X . n 
A 1 232 ALA 232 230 230 ALA ALA X . n 
A 1 233 SER 233 231 231 SER SER X . n 
A 1 234 HIS 234 232 232 HIS HIS X . n 
A 1 235 ILE 235 233 233 ILE ILE X . n 
A 1 236 THR 236 234 234 THR THR X . n 
A 1 237 LEU 237 235 235 LEU LEU X . n 
A 1 238 GLN 238 236 236 GLN GLN X . n 
A 1 239 ASP 239 237 237 ASP ASP X . n 
A 1 240 ILE 240 238 238 ILE ILE X . n 
A 1 241 VAL 241 239 239 VAL VAL X . n 
A 1 242 VAL 242 240 240 VAL VAL X . n 
A 1 243 ASP 243 241 241 ASP ASP X . n 
A 1 244 GLY 244 242 242 GLY GLY X . n 
A 1 245 GLY 245 243 243 GLY GLY X . n 
A 1 246 SER 246 244 244 SER SER X . n 
A 1 247 THR 247 245 245 THR THR X . n 
A 1 248 LEU 248 246 246 LEU LEU X . n 
A 1 249 GLY 249 247 247 GLY GLY X . n 
A 1 250 ALA 250 248 248 ALA ALA X . n 
# 
loop_
_pdbx_nonpoly_scheme.asym_id 
_pdbx_nonpoly_scheme.entity_id 
_pdbx_nonpoly_scheme.mon_id 
_pdbx_nonpoly_scheme.ndb_seq_num 
_pdbx_nonpoly_scheme.pdb_seq_num 
_pdbx_nonpoly_scheme.auth_seq_num 
_pdbx_nonpoly_scheme.pdb_mon_id 
_pdbx_nonpoly_scheme.auth_mon_id 
_pdbx_nonpoly_scheme.pdb_strand_id 
_pdbx_nonpoly_scheme.pdb_ins_code 
B 2 HOH 1   249 1   HOH HOH X . 
B 2 HOH 2   250 2   HOH HOH X . 
B 2 HOH 3   251 3   HOH HOH X . 
B 2 HOH 4   252 4   HOH HOH X . 
B 2 HOH 5   253 5   HOH HOH X . 
B 2 HOH 6   254 6   HOH HOH X . 
B 2 HOH 7   255 7   HOH HOH X . 
B 2 HOH 8   256 8   HOH HOH X . 
B 2 HOH 9   257 9   HOH HOH X . 
B 2 HOH 10  258 10  HOH HOH X . 
B 2 HOH 11  259 11  HOH HOH X . 
B 2 HOH 12  260 12  HOH HOH X . 
B 2 HOH 13  261 13  HOH HOH X . 
B 2 HOH 14  262 14  HOH HOH X . 
B 2 HOH 15  263 15  HOH HOH X . 
B 2 HOH 16  264 16  HOH HOH X . 
B 2 HOH 17  265 18  HOH HOH X . 
B 2 HOH 18  266 19  HOH HOH X . 
B 2 HOH 19  267 20  HOH HOH X . 
B 2 HOH 20  268 21  HOH HOH X . 
B 2 HOH 21  269 22  HOH HOH X . 
B 2 HOH 22  270 23  HOH HOH X . 
B 2 HOH 23  271 24  HOH HOH X . 
B 2 HOH 24  272 25  HOH HOH X . 
B 2 HOH 25  273 26  HOH HOH X . 
B 2 HOH 26  274 27  HOH HOH X . 
B 2 HOH 27  275 28  HOH HOH X . 
B 2 HOH 28  276 29  HOH HOH X . 
B 2 HOH 29  277 30  HOH HOH X . 
B 2 HOH 30  278 31  HOH HOH X . 
B 2 HOH 31  279 32  HOH HOH X . 
B 2 HOH 32  280 33  HOH HOH X . 
B 2 HOH 33  281 34  HOH HOH X . 
B 2 HOH 34  282 35  HOH HOH X . 
B 2 HOH 35  283 36  HOH HOH X . 
B 2 HOH 36  284 37  HOH HOH X . 
B 2 HOH 37  285 38  HOH HOH X . 
B 2 HOH 38  286 39  HOH HOH X . 
B 2 HOH 39  287 40  HOH HOH X . 
B 2 HOH 40  288 41  HOH HOH X . 
B 2 HOH 41  289 42  HOH HOH X . 
B 2 HOH 42  290 43  HOH HOH X . 
B 2 HOH 43  291 44  HOH HOH X . 
B 2 HOH 44  292 45  HOH HOH X . 
B 2 HOH 45  293 46  HOH HOH X . 
B 2 HOH 46  294 47  HOH HOH X . 
B 2 HOH 47  295 48  HOH HOH X . 
B 2 HOH 48  296 49  HOH HOH X . 
B 2 HOH 49  297 50  HOH HOH X . 
B 2 HOH 50  298 51  HOH HOH X . 
B 2 HOH 51  299 52  HOH HOH X . 
B 2 HOH 52  300 53  HOH HOH X . 
B 2 HOH 53  301 54  HOH HOH X . 
B 2 HOH 54  302 55  HOH HOH X . 
B 2 HOH 55  303 56  HOH HOH X . 
B 2 HOH 56  304 57  HOH HOH X . 
B 2 HOH 57  305 58  HOH HOH X . 
B 2 HOH 58  306 59  HOH HOH X . 
B 2 HOH 59  307 60  HOH HOH X . 
B 2 HOH 60  308 61  HOH HOH X . 
B 2 HOH 61  309 62  HOH HOH X . 
B 2 HOH 62  310 63  HOH HOH X . 
B 2 HOH 63  311 64  HOH HOH X . 
B 2 HOH 64  312 65  HOH HOH X . 
B 2 HOH 65  313 66  HOH HOH X . 
B 2 HOH 66  314 67  HOH HOH X . 
B 2 HOH 67  315 68  HOH HOH X . 
B 2 HOH 68  316 69  HOH HOH X . 
B 2 HOH 69  317 70  HOH HOH X . 
B 2 HOH 70  318 71  HOH HOH X . 
B 2 HOH 71  319 72  HOH HOH X . 
B 2 HOH 72  320 73  HOH HOH X . 
B 2 HOH 73  321 74  HOH HOH X . 
B 2 HOH 74  322 75  HOH HOH X . 
B 2 HOH 75  323 76  HOH HOH X . 
B 2 HOH 76  324 77  HOH HOH X . 
B 2 HOH 77  325 78  HOH HOH X . 
B 2 HOH 78  326 79  HOH HOH X . 
B 2 HOH 79  327 80  HOH HOH X . 
B 2 HOH 80  328 81  HOH HOH X . 
B 2 HOH 81  329 82  HOH HOH X . 
B 2 HOH 82  330 83  HOH HOH X . 
B 2 HOH 83  331 84  HOH HOH X . 
B 2 HOH 84  332 85  HOH HOH X . 
B 2 HOH 85  333 86  HOH HOH X . 
B 2 HOH 86  334 87  HOH HOH X . 
B 2 HOH 87  335 88  HOH HOH X . 
B 2 HOH 88  336 89  HOH HOH X . 
B 2 HOH 89  337 90  HOH HOH X . 
B 2 HOH 90  338 91  HOH HOH X . 
B 2 HOH 91  339 92  HOH HOH X . 
B 2 HOH 92  340 93  HOH HOH X . 
B 2 HOH 93  341 94  HOH HOH X . 
B 2 HOH 94  342 95  HOH HOH X . 
B 2 HOH 95  343 96  HOH HOH X . 
B 2 HOH 96  344 97  HOH HOH X . 
B 2 HOH 97  345 98  HOH HOH X . 
B 2 HOH 98  346 99  HOH HOH X . 
B 2 HOH 99  347 100 HOH HOH X . 
B 2 HOH 100 348 101 HOH HOH X . 
B 2 HOH 101 349 102 HOH HOH X . 
B 2 HOH 102 350 103 HOH HOH X . 
B 2 HOH 103 351 104 HOH HOH X . 
B 2 HOH 104 352 105 HOH HOH X . 
B 2 HOH 105 353 106 HOH HOH X . 
B 2 HOH 106 354 107 HOH HOH X . 
B 2 HOH 107 355 108 HOH HOH X . 
B 2 HOH 108 356 109 HOH HOH X . 
B 2 HOH 109 357 110 HOH HOH X . 
# 
loop_
_pdbx_unobs_or_zero_occ_atoms.id 
_pdbx_unobs_or_zero_occ_atoms.PDB_model_num 
_pdbx_unobs_or_zero_occ_atoms.polymer_flag 
_pdbx_unobs_or_zero_occ_atoms.occupancy_flag 
_pdbx_unobs_or_zero_occ_atoms.auth_asym_id 
_pdbx_unobs_or_zero_occ_atoms.auth_comp_id 
_pdbx_unobs_or_zero_occ_atoms.auth_seq_id 
_pdbx_unobs_or_zero_occ_atoms.PDB_ins_code 
_pdbx_unobs_or_zero_occ_atoms.auth_atom_id 
_pdbx_unobs_or_zero_occ_atoms.label_alt_id 
_pdbx_unobs_or_zero_occ_atoms.label_asym_id 
_pdbx_unobs_or_zero_occ_atoms.label_comp_id 
_pdbx_unobs_or_zero_occ_atoms.label_seq_id 
_pdbx_unobs_or_zero_occ_atoms.label_atom_id 
1  1 Y 1 X LYS 15  ? CG  ? A LYS 17  CG  
2  1 Y 1 X LYS 15  ? CD  ? A LYS 17  CD  
3  1 Y 1 X LYS 15  ? CE  ? A LYS 17  CE  
4  1 Y 1 X LYS 15  ? NZ  ? A LYS 17  NZ  
5  1 Y 1 X GLU 42  ? CG  ? A GLU 44  CG  
6  1 Y 1 X GLU 42  ? CD  ? A GLU 44  CD  
7  1 Y 1 X GLU 42  ? OE1 ? A GLU 44  OE1 
8  1 Y 1 X GLU 42  ? OE2 ? A GLU 44  OE2 
9  1 Y 1 X THR 177 ? OG1 ? A THR 179 OG1 
10 1 Y 1 X THR 177 ? CG2 ? A THR 179 CG2 
11 1 Y 1 X GLU 217 ? CG  ? A GLU 219 CG  
12 1 Y 1 X GLU 217 ? CD  ? A GLU 219 CD  
13 1 Y 1 X GLU 217 ? OE1 ? A GLU 219 OE1 
14 1 Y 1 X GLU 217 ? OE2 ? A GLU 219 OE2 
# 
loop_
_software.name 
_software.version 
_software.date 
_software.type 
_software.contact_author 
_software.contact_author_email 
_software.classification 
_software.location 
_software.language 
_software.citation_id 
_software.pdbx_ordinal 
DENZO       .     ?               package 'Zbyszek Otwinowski' zbyszek@mix.swmed.edu    'data reduction'  
http://www.lnls.br/infra/linhasluz/denzo-hkl.htm ?       ? 1 
SCALEPACK   .     ?               package 'Zbyszek Otwinowski' zbyszek@mix.swmed.edu    'data scaling'    
http://www.lnls.br/infra/linhasluz/denzo-hkl.htm ?       ? 2 
SnB         .     ?               package 'Weeks, C.M'         bnp-help@hwi.buffalo.edu phasing           
http://www.hwi.buffalo.edu/BnP/                  ?       ? 3 
RESOLVE     2.09  25-Apr-2005     program 'Terwilliger, T. C'  terwilliger@LANL.gov     phasing           
http://www.solve.lanl.gov/                       ?       ? 4 
REFMAC      .     ?               program 'Murshudov, G.N.'    ccp4@dl.ac.uk            refinement        
http://www.ccp4.ac.uk/main.html                  Fortran ? 5 
PDB_EXTRACT 1.401 'March 3, 2004' program H.Yang               sw-help@rcsb.rutgers.edu 'data extraction' 
http://pdb.rutgers.edu/software/                 C/C++   ? 6 
HKL-2000    .     ?               ?       ?                    ?                        'data reduction'  ? ?       ? 7 
HKL-2000    .     ?               ?       ?                    ?                        'data scaling'    ? ?       ? 8 
# 
_cell.length_a           58.585 
_cell.length_b           66.643 
_cell.length_c           109.732 
_cell.angle_alpha        90.000 
_cell.angle_beta         90.000 
_cell.angle_gamma        90.000 
_cell.entry_id           2FWM 
_cell.pdbx_unique_axis   ? 
_cell.Z_PDB              8 
_cell.length_a_esd       ? 
_cell.length_b_esd       ? 
_cell.length_c_esd       ? 
_cell.angle_alpha_esd    ? 
_cell.angle_beta_esd     ? 
_cell.angle_gamma_esd    ? 
# 
_symmetry.Int_Tables_number                23 
_symmetry.space_group_name_H-M             'I 2 2 2' 
_symmetry.entry_id                         2FWM 
_symmetry.pdbx_full_space_group_name_H-M   ? 
_symmetry.cell_setting                     ? 
_symmetry.space_group_name_Hall            ? 
# 
_exptl.entry_id          2FWM 
_exptl.method            'X-RAY DIFFRACTION' 
_exptl.crystals_number   1 
# 
_exptl_crystal.id                    1 
_exptl_crystal.density_meas          ? 
_exptl_crystal.density_Matthews      2.02 
_exptl_crystal.density_percent_sol   39.20 
_exptl_crystal.description           ? 
_exptl_crystal.F_000                 ? 
_exptl_crystal.preparation           ? 
# 
_exptl_crystal_grow.crystal_id      1 
_exptl_crystal_grow.method          ? 
_exptl_crystal_grow.temp            277 
_exptl_crystal_grow.temp_details    ? 
_exptl_crystal_grow.pH              5.00 
_exptl_crystal_grow.pdbx_details    
'2% PEG4000, 2% ethylene glycol, 300 mM AmSO4, 50 mM NaSuccinate, VAPOR DIFFUSION, HANGING DROP, temperature 277K, pH 5.00' 
_exptl_crystal_grow.pdbx_pH_range   . 
# 
_diffrn.id                     1 
_diffrn.ambient_temp           113.0 
_diffrn.ambient_temp_details   ? 
_diffrn.crystal_id             1 
# 
_diffrn_detector.diffrn_id              1 
_diffrn_detector.detector               CCD 
_diffrn_detector.type                   'ADSC QUANTUM 4' 
_diffrn_detector.pdbx_collection_date   2005-08-02 
_diffrn_detector.details                ? 
# 
_diffrn_radiation.diffrn_id                        1 
_diffrn_radiation.wavelength_id                    1 
_diffrn_radiation.pdbx_monochromatic_or_laue_m_l   M 
_diffrn_radiation.monochromator                    ? 
_diffrn_radiation.pdbx_diffrn_protocol             MAD 
_diffrn_radiation.pdbx_scattering_type             x-ray 
# 
_diffrn_radiation_wavelength.id           1 
_diffrn_radiation_wavelength.wavelength   0.97930 
_diffrn_radiation_wavelength.wt           1.0 
# 
_diffrn_source.diffrn_id                   1 
_diffrn_source.source                      SYNCHROTRON 
_diffrn_source.type                        'CHESS BEAMLINE F2' 
_diffrn_source.pdbx_synchrotron_site       CHESS 
_diffrn_source.pdbx_synchrotron_beamline   F2 
_diffrn_source.pdbx_wavelength             0.97930 
_diffrn_source.pdbx_wavelength_list        ? 
# 
_reflns.entry_id                     2FWM 
_reflns.observed_criterion_sigma_I   0.000 
_reflns.observed_criterion_sigma_F   ? 
_reflns.d_resolution_low             50.000 
_reflns.d_resolution_high            2.000 
_reflns.number_obs                   14485 
_reflns.number_all                   ? 
_reflns.percent_possible_obs         95.4 
_reflns.pdbx_Rmerge_I_obs            0.059 
_reflns.pdbx_Rsym_value              ? 
_reflns.pdbx_netI_over_sigmaI        ? 
_reflns.B_iso_Wilson_estimate        ? 
_reflns.pdbx_redundancy              4.300 
_reflns.R_free_details               ? 
_reflns.limit_h_max                  ? 
_reflns.limit_h_min                  ? 
_reflns.limit_k_max                  ? 
_reflns.limit_k_min                  ? 
_reflns.limit_l_max                  ? 
_reflns.limit_l_min                  ? 
_reflns.observed_criterion_F_max     ? 
_reflns.observed_criterion_F_min     ? 
_reflns.pdbx_chi_squared             ? 
_reflns.pdbx_scaling_rejects         ? 
_reflns.pdbx_ordinal                 1 
_reflns.pdbx_diffrn_id               1 
# 
_reflns_shell.d_res_high             2.00 
_reflns_shell.d_res_low              2.07 
_reflns_shell.percent_possible_all   70.0 
_reflns_shell.Rmerge_I_obs           0.298 
_reflns_shell.pdbx_Rsym_value        ? 
_reflns_shell.meanI_over_sigI_obs    ? 
_reflns_shell.pdbx_redundancy        3.00 
_reflns_shell.percent_possible_obs   ? 
_reflns_shell.number_unique_all      ? 
_reflns_shell.number_measured_all    ? 
_reflns_shell.number_measured_obs    ? 
_reflns_shell.number_unique_obs      ? 
_reflns_shell.pdbx_chi_squared       ? 
_reflns_shell.pdbx_ordinal           1 
_reflns_shell.pdbx_diffrn_id         1 
# 
_refine.entry_id                                 2FWM 
_refine.ls_number_reflns_obs                     14333 
_refine.ls_number_reflns_all                     14902 
_refine.pdbx_ls_sigma_I                          ? 
_refine.pdbx_ls_sigma_F                          0.000 
_refine.pdbx_data_cutoff_high_absF               ? 
_refine.pdbx_data_cutoff_low_absF                ? 
_refine.pdbx_data_cutoff_high_rms_absF           ? 
_refine.ls_d_res_low                             40.00 
_refine.ls_d_res_high                            2.00 
_refine.ls_percent_reflns_obs                    96.2 
_refine.ls_R_factor_obs                          ? 
_refine.ls_R_factor_all                          ? 
_refine.ls_R_factor_R_work                       0.186 
_refine.ls_R_factor_R_free                       0.214 
_refine.ls_R_factor_R_free_error                 ? 
_refine.ls_R_factor_R_free_error_details         ? 
_refine.ls_percent_reflns_R_free                 4.900 
_refine.ls_number_reflns_R_free                  706 
_refine.ls_number_parameters                     ? 
_refine.ls_number_restraints                     ? 
_refine.occupancy_min                            ? 
_refine.occupancy_max                            ? 
_refine.correlation_coeff_Fo_to_Fc               0.946 
_refine.correlation_coeff_Fo_to_Fc_free          0.935 
_refine.B_iso_mean                               21.48 
_refine.aniso_B[1][1]                            0.90000 
_refine.aniso_B[2][2]                            -0.10000 
_refine.aniso_B[3][3]                            -0.81000 
_refine.aniso_B[1][2]                            0.00000 
_refine.aniso_B[1][3]                            0.00000 
_refine.aniso_B[2][3]                            0.00000 
_refine.solvent_model_details                    MASK 
_refine.solvent_model_param_ksol                 ? 
_refine.solvent_model_param_bsol                 ? 
_refine.pdbx_solvent_vdw_probe_radii             1.200 
_refine.pdbx_solvent_ion_probe_radii             0.800 
_refine.pdbx_solvent_shrinkage_radii             0.800 
_refine.pdbx_ls_cross_valid_method               THROUGHOUT 
_refine.details                                  ? 
_refine.pdbx_starting_model                      ? 
_refine.pdbx_method_to_determine_struct          MAD 
_refine.pdbx_isotropic_thermal_model             ? 
_refine.pdbx_stereochemistry_target_values       'Engh & Huber' 
_refine.pdbx_stereochem_target_val_spec_case     ? 
_refine.pdbx_R_Free_selection_details            RANDOM 
_refine.pdbx_overall_ESU_R                       ? 
_refine.pdbx_overall_ESU_R_Free                  0.154 
_refine.overall_SU_ML                            0.098 
_refine.overall_SU_B                             3.454 
_refine.ls_redundancy_reflns_obs                 ? 
_refine.B_iso_min                                ? 
_refine.B_iso_max                                ? 
_refine.overall_SU_R_Cruickshank_DPI             ? 
_refine.overall_SU_R_free                        ? 
_refine.ls_wR_factor_R_free                      ? 
_refine.ls_wR_factor_R_work                      ? 
_refine.overall_FOM_free_R_set                   ? 
_refine.overall_FOM_work_R_set                   ? 
_refine.pdbx_refine_id                           'X-RAY DIFFRACTION' 
_refine.pdbx_diffrn_id                           1 
_refine.pdbx_TLS_residual_ADP_flag               ? 
_refine.pdbx_overall_phase_error                 ? 
_refine.pdbx_overall_SU_R_free_Cruickshank_DPI   ? 
_refine.pdbx_overall_SU_R_Blow_DPI               ? 
_refine.pdbx_overall_SU_R_free_Blow_DPI          ? 
# 
_refine_hist.pdbx_refine_id                   'X-RAY DIFFRACTION' 
_refine_hist.cycle_id                         LAST 
_refine_hist.pdbx_number_atoms_protein        1542 
_refine_hist.pdbx_number_atoms_nucleic_acid   0 
_refine_hist.pdbx_number_atoms_ligand         0 
_refine_hist.number_atoms_solvent             109 
_refine_hist.number_atoms_total               1651 
_refine_hist.d_res_high                       2.00 
_refine_hist.d_res_low                        40.00 
# 
loop_
_refine_ls_restr.type 
_refine_ls_restr.dev_ideal 
_refine_ls_restr.dev_ideal_target 
_refine_ls_restr.weight 
_refine_ls_restr.number 
_refine_ls_restr.pdbx_refine_id 
_refine_ls_restr.pdbx_restraint_function 
r_bond_refined_d         1569 0.008  0.022  ? 'X-RAY DIFFRACTION' ? 
r_angle_refined_deg      2129 1.082  1.937  ? 'X-RAY DIFFRACTION' ? 
r_dihedral_angle_1_deg   210  4.654  5.000  ? 'X-RAY DIFFRACTION' ? 
r_dihedral_angle_2_deg   66   35.930 24.697 ? 'X-RAY DIFFRACTION' ? 
r_dihedral_angle_3_deg   241  15.119 15.000 ? 'X-RAY DIFFRACTION' ? 
r_dihedral_angle_4_deg   9    20.878 15.000 ? 'X-RAY DIFFRACTION' ? 
r_chiral_restr           251  0.081  0.200  ? 'X-RAY DIFFRACTION' ? 
r_gen_planes_refined     1191 0.003  0.020  ? 'X-RAY DIFFRACTION' ? 
r_nbd_refined            709  0.192  0.200  ? 'X-RAY DIFFRACTION' ? 
r_nbtor_refined          1087 0.301  0.200  ? 'X-RAY DIFFRACTION' ? 
r_xyhbond_nbd_refined    115  0.133  0.200  ? 'X-RAY DIFFRACTION' ? 
r_symmetry_vdw_refined   58   0.153  0.200  ? 'X-RAY DIFFRACTION' ? 
r_symmetry_hbond_refined 15   0.153  0.200  ? 'X-RAY DIFFRACTION' ? 
r_mcbond_it              1072 0.917  2.000  ? 'X-RAY DIFFRACTION' ? 
r_mcangle_it             1648 1.520  3.000  ? 'X-RAY DIFFRACTION' ? 
r_scbond_it              560  0.886  2.000  ? 'X-RAY DIFFRACTION' ? 
r_scangle_it             481  1.438  3.000  ? 'X-RAY DIFFRACTION' ? 
# 
_refine_ls_shell.pdbx_total_number_of_bins_used   20 
_refine_ls_shell.d_res_high                       2.000 
_refine_ls_shell.d_res_low                        2.052 
_refine_ls_shell.number_reflns_R_work             727 
_refine_ls_shell.R_factor_R_work                  0.188 
_refine_ls_shell.percent_reflns_obs               71.840 
_refine_ls_shell.R_factor_R_free                  0.184 
_refine_ls_shell.R_factor_R_free_error            ? 
_refine_ls_shell.percent_reflns_R_free            ? 
_refine_ls_shell.number_reflns_R_free             41 
_refine_ls_shell.number_reflns_all                ? 
_refine_ls_shell.R_factor_all                     ? 
_refine_ls_shell.redundancy_reflns_obs            ? 
_refine_ls_shell.number_reflns_obs                ? 
_refine_ls_shell.pdbx_refine_id                   'X-RAY DIFFRACTION' 
# 
_struct.entry_id                  2FWM 
_struct.title                     'Crystal Structure of E. coli EntA, a 2,3-dihydrodihydroxy benzoate dehydrogenase' 
_struct.pdbx_model_details        ? 
_struct.pdbx_CASP_flag            ? 
_struct.pdbx_model_type_details   ? 
# 
_struct_keywords.entry_id        2FWM 
_struct_keywords.pdbx_keywords   OXIDOREDUCTASE 
_struct_keywords.text            
'enterobactin, Rossmann Fold, chorismate metabolism, short-chain oxidoreductase, tetramer, OXIDOREDUCTASE' 
# 
loop_
_struct_asym.id 
_struct_asym.pdbx_blank_PDB_chainid_flag 
_struct_asym.pdbx_modified 
_struct_asym.entity_id 
_struct_asym.details 
A N N 1 ? 
B N N 2 ? 
# 
_struct_ref.id                         1 
_struct_ref.db_name                    UNP 
_struct_ref.db_code                    ENTA_ECOLI 
_struct_ref.pdbx_db_accession          P15047 
_struct_ref.entity_id                  1 
_struct_ref.pdbx_align_begin           1 
_struct_ref.pdbx_db_isoform            ? 
_struct_ref.pdbx_seq_one_letter_code   ? 
# 
_struct_ref_seq.align_id                      1 
_struct_ref_seq.ref_id                        1 
_struct_ref_seq.pdbx_PDB_id_code              2FWM 
_struct_ref_seq.pdbx_strand_id                X 
_struct_ref_seq.seq_align_beg                 3 
_struct_ref_seq.pdbx_seq_align_beg_ins_code   ? 
_struct_ref_seq.seq_align_end                 250 
_struct_ref_seq.pdbx_seq_align_end_ins_code   ? 
_struct_ref_seq.pdbx_db_accession             P15047 
_struct_ref_seq.db_align_beg                  1 
_struct_ref_seq.pdbx_db_align_beg_ins_code    ? 
_struct_ref_seq.db_align_end                  248 
_struct_ref_seq.pdbx_db_align_end_ins_code    ? 
_struct_ref_seq.pdbx_auth_seq_align_beg       1 
_struct_ref_seq.pdbx_auth_seq_align_end       248 
# 
loop_
_struct_ref_seq_dif.align_id 
_struct_ref_seq_dif.pdbx_pdb_id_code 
_struct_ref_seq_dif.mon_id 
_struct_ref_seq_dif.pdbx_pdb_strand_id 
_struct_ref_seq_dif.seq_num 
_struct_ref_seq_dif.pdbx_pdb_ins_code 
_struct_ref_seq_dif.pdbx_seq_db_name 
_struct_ref_seq_dif.pdbx_seq_db_accession_code 
_struct_ref_seq_dif.db_mon_id 
_struct_ref_seq_dif.pdbx_seq_db_seq_num 
_struct_ref_seq_dif.details 
_struct_ref_seq_dif.pdbx_auth_seq_num 
_struct_ref_seq_dif.pdbx_ordinal 
1 2FWM GLY X 1 ? UNP P15047 ? ? 'SEE REMARK 999' -1 1 
1 2FWM HIS X 2 ? UNP P15047 ? ? 'SEE REMARK 999' 0  2 
# 
_pdbx_struct_assembly.id                   1 
_pdbx_struct_assembly.details              author_and_software_defined_assembly 
_pdbx_struct_assembly.method_details       PISA,PQS 
_pdbx_struct_assembly.oligomeric_details   tetrameric 
_pdbx_struct_assembly.oligomeric_count     4 
# 
loop_
_pdbx_struct_assembly_prop.biol_id 
_pdbx_struct_assembly_prop.type 
_pdbx_struct_assembly_prop.value 
_pdbx_struct_assembly_prop.details 
1 'ABSA (A^2)' 9990  ? 
1 MORE         -76   ? 
1 'SSA (A^2)'  29890 ? 
# 
_pdbx_struct_assembly_gen.assembly_id       1 
_pdbx_struct_assembly_gen.oper_expression   1,2,3,4 
_pdbx_struct_assembly_gen.asym_id_list      A,B 
# 
loop_
_pdbx_struct_oper_list.id 
_pdbx_struct_oper_list.type 
_pdbx_struct_oper_list.name 
_pdbx_struct_oper_list.symmetry_operation 
_pdbx_struct_oper_list.matrix[1][1] 
_pdbx_struct_oper_list.matrix[1][2] 
_pdbx_struct_oper_list.matrix[1][3] 
_pdbx_struct_oper_list.vector[1] 
_pdbx_struct_oper_list.matrix[2][1] 
_pdbx_struct_oper_list.matrix[2][2] 
_pdbx_struct_oper_list.matrix[2][3] 
_pdbx_struct_oper_list.vector[2] 
_pdbx_struct_oper_list.matrix[3][1] 
_pdbx_struct_oper_list.matrix[3][2] 
_pdbx_struct_oper_list.matrix[3][3] 
_pdbx_struct_oper_list.vector[3] 
1 'identity operation'         1_555 x,y,z       1.0000000000  0.0000000000  0.0000000000  0.0000000000   0.0000000000  1.0000000000  0.0000000000  0.0000000000   0.0000000000  0.0000000000  1.0000000000  0.0000000000  
2 'crystal symmetry operation' 2_665 -x+1,-y+1,z 0.5520259209  0.8071222482  0.2093348015  -12.7406020344 0.8071222482  -0.5802606679 0.1088633723  18.7332553437  0.2093348015  0.1088633723  -0.9717652531 22.2309783324 
3 'crystal symmetry operation' 3_656 -x+1,y,-z+1 -0.6995075456 -0.4297313398 -0.5709817591 -27.4682036237 -0.4297313398 -0.3854453857 0.8165554667  -12.8853033849 -0.5709817591 0.8165554667  0.0849529313  -4.7580666017 
4 'crystal symmetry operation' 4_566 x,-y+1,-z+1 -0.8525183754 -0.3773909084 0.3616469576  -39.2998063998 -0.3773909084 -0.0342939464 -0.9254188390 3.5219126531   0.3616469576  -0.9254188390 -0.1131876782 19.7019135949 
# 
_struct_biol.id                    1 
_struct_biol.details               'Tetramer formed around crystallographic 222 symmetry' 
_struct_biol.pdbx_parent_biol_id   ? 
# 
loop_
_struct_conf.conf_type_id 
_struct_conf.id 
_struct_conf.pdbx_PDB_helix_id 
_struct_conf.beg_label_comp_id 
_struct_conf.beg_label_asym_id 
_struct_conf.beg_label_seq_id 
_struct_conf.pdbx_beg_PDB_ins_code 
_struct_conf.end_label_comp_id 
_struct_conf.end_label_asym_id 
_struct_conf.end_label_seq_id 
_struct_conf.pdbx_end_PDB_ins_code 
_struct_conf.beg_auth_comp_id 
_struct_conf.beg_auth_asym_id 
_struct_conf.beg_auth_seq_id 
_struct_conf.end_auth_comp_id 
_struct_conf.end_auth_asym_id 
_struct_conf.end_auth_seq_id 
_struct_conf.pdbx_PDB_helix_class 
_struct_conf.details 
_struct_conf.pdbx_PDB_helix_length 
HELX_P HELX_P1 1 LYS A 17  ? ALA A 30  ? LYS X 15  ALA X 28  1 ? 14 
HELX_P HELX_P2 2 ASP A 57  ? THR A 72  ? ASP X 55  THR X 70  1 ? 16 
HELX_P HELX_P3 3 SER A 94  ? VAL A 106 ? SER X 92  VAL X 104 1 ? 13 
HELX_P HELX_P4 4 VAL A 106 ? ARG A 124 ? VAL X 104 ARG X 122 1 ? 19 
HELX_P HELX_P5 5 SER A 133 ? HIS A 137 ? SER X 131 HIS X 135 5 ? 5  
HELX_P HELX_P6 6 MET A 143 ? ALA A 165 ? MET X 141 ALA X 163 1 ? 23 
HELX_P HELX_P7 7 GLY A 166 ? GLY A 168 ? GLY X 164 GLY X 166 5 ? 3  
HELX_P HELX_P8 8 ARG A 216 ? SER A 229 ? ARG X 214 SER X 227 1 ? 14 
HELX_P HELX_P9 9 ASP A 230 ? SER A 233 ? ASP X 228 SER X 231 5 ? 4  
# 
_struct_conf_type.id          HELX_P 
_struct_conf_type.criteria    ? 
_struct_conf_type.reference   ? 
# 
_struct_sheet.id               A 
_struct_sheet.type             ? 
_struct_sheet.number_strands   7 
_struct_sheet.details          ? 
# 
loop_
_struct_sheet_order.sheet_id 
_struct_sheet_order.range_id_1 
_struct_sheet_order.range_id_2 
_struct_sheet_order.offset 
_struct_sheet_order.sense 
A 1 2 ? parallel 
A 2 3 ? parallel 
A 3 4 ? parallel 
A 4 5 ? parallel 
A 5 6 ? parallel 
A 6 7 ? parallel 
# 
loop_
_struct_sheet_range.sheet_id 
_struct_sheet_range.id 
_struct_sheet_range.beg_label_comp_id 
_struct_sheet_range.beg_label_asym_id 
_struct_sheet_range.beg_label_seq_id 
_struct_sheet_range.pdbx_beg_PDB_ins_code 
_struct_sheet_range.end_label_comp_id 
_struct_sheet_range.end_label_asym_id 
_struct_sheet_range.end_label_seq_id 
_struct_sheet_range.pdbx_end_PDB_ins_code 
_struct_sheet_range.beg_auth_comp_id 
_struct_sheet_range.beg_auth_asym_id 
_struct_sheet_range.beg_auth_seq_id 
_struct_sheet_range.end_auth_comp_id 
_struct_sheet_range.end_auth_asym_id 
_struct_sheet_range.end_auth_seq_id 
A 1 ALA A 49  ? VAL A 52  ? ALA X 47  VAL X 50  
A 2 LYS A 33  ? ASP A 38  ? LYS X 31  ASP X 36  
A 3 ASN A 9   ? THR A 13  ? ASN X 7   THR X 11  
A 4 ALA A 77  ? ASN A 80  ? ALA X 75  ASN X 78  
A 5 ALA A 127 ? VAL A 131 ? ALA X 125 VAL X 129 
A 6 ARG A 170 ? PRO A 176 ? ARG X 168 PRO X 174 
A 7 ASP A 239 ? VAL A 242 ? ASP X 237 VAL X 240 
# 
loop_
_pdbx_struct_sheet_hbond.sheet_id 
_pdbx_struct_sheet_hbond.range_id_1 
_pdbx_struct_sheet_hbond.range_id_2 
_pdbx_struct_sheet_hbond.range_1_label_atom_id 
_pdbx_struct_sheet_hbond.range_1_label_comp_id 
_pdbx_struct_sheet_hbond.range_1_label_asym_id 
_pdbx_struct_sheet_hbond.range_1_label_seq_id 
_pdbx_struct_sheet_hbond.range_1_PDB_ins_code 
_pdbx_struct_sheet_hbond.range_1_auth_atom_id 
_pdbx_struct_sheet_hbond.range_1_auth_comp_id 
_pdbx_struct_sheet_hbond.range_1_auth_asym_id 
_pdbx_struct_sheet_hbond.range_1_auth_seq_id 
_pdbx_struct_sheet_hbond.range_2_label_atom_id 
_pdbx_struct_sheet_hbond.range_2_label_comp_id 
_pdbx_struct_sheet_hbond.range_2_label_asym_id 
_pdbx_struct_sheet_hbond.range_2_label_seq_id 
_pdbx_struct_sheet_hbond.range_2_PDB_ins_code 
_pdbx_struct_sheet_hbond.range_2_auth_atom_id 
_pdbx_struct_sheet_hbond.range_2_auth_comp_id 
_pdbx_struct_sheet_hbond.range_2_auth_asym_id 
_pdbx_struct_sheet_hbond.range_2_auth_seq_id 
A 1 2 O ALA A 49  ? O ALA X 47  N GLY A 36  ? N GLY X 34  
A 2 3 O PHE A 37  ? O PHE X 35  N VAL A 12  ? N VAL X 10  
A 3 4 N TRP A 11  ? N TRP X 9   O ALA A 77  ? O ALA X 75  
A 4 5 N ASN A 80  ? N ASN X 78  O VAL A 131 ? O VAL X 129 
A 5 6 N ILE A 128 ? N ILE X 126 O ARG A 170 ? O ARG X 168 
A 6 7 N SER A 175 ? N SER X 173 O ILE A 240 ? O ILE X 238 
# 
loop_
_pdbx_validate_torsion.id 
_pdbx_validate_torsion.PDB_model_num 
_pdbx_validate_torsion.auth_comp_id 
_pdbx_validate_torsion.auth_asym_id 
_pdbx_validate_torsion.auth_seq_id 
_pdbx_validate_torsion.PDB_ins_code 
_pdbx_validate_torsion.label_alt_id 
_pdbx_validate_torsion.phi 
_pdbx_validate_torsion.psi 
1 1 ASP X 2   ? ? 71.31   76.81   
2 1 MET X 51  ? ? -162.62 108.74  
3 1 ALA X 130 ? ? -98.69  -123.18 
4 1 ASP X 241 ? ? -149.45 23.40   
# 
_pdbx_phasing_dm.entry_id          2FWM 
_pdbx_phasing_dm.fom_acentric      0.86 
_pdbx_phasing_dm.fom_centric       0.83 
_pdbx_phasing_dm.fom               0.86 
_pdbx_phasing_dm.reflns_acentric   12756 
_pdbx_phasing_dm.reflns_centric    1631 
_pdbx_phasing_dm.reflns            14387 
# 
loop_
_pdbx_phasing_dm_shell.d_res_low 
_pdbx_phasing_dm_shell.d_res_high 
_pdbx_phasing_dm_shell.fom_acentric 
_pdbx_phasing_dm_shell.fom_centric 
_pdbx_phasing_dm_shell.fom 
_pdbx_phasing_dm_shell.reflns_acentric 
_pdbx_phasing_dm_shell.reflns_centric 
_pdbx_phasing_dm_shell.reflns 
33.300 5.7 0.96 0.91 0.96 497  194 691  
5.7    3.6 0.97 0.89 0.95 1679 317 1996 
3.6    2.9 0.94 0.86 0.93 2172 302 2474 
2.9    2.5 0.88 0.78 0.87 2189 238 2427 
2.5    2.1 0.83 0.81 0.83 3848 367 4215 
2.1    2.0 0.73 0.70 0.73 2371 213 2584 
# 
_phasing.method   MAD 
# 
_pdbx_database_remark.id     999 
_pdbx_database_remark.text   
;SEQUENCE
After removal of the tag with TEV protease, a Gly-His 
sequence remains upstream of Met at position 1
;
# 
loop_
_pdbx_unobs_or_zero_occ_residues.id 
_pdbx_unobs_or_zero_occ_residues.PDB_model_num 
_pdbx_unobs_or_zero_occ_residues.polymer_flag 
_pdbx_unobs_or_zero_occ_residues.occupancy_flag 
_pdbx_unobs_or_zero_occ_residues.auth_asym_id 
_pdbx_unobs_or_zero_occ_residues.auth_comp_id 
_pdbx_unobs_or_zero_occ_residues.auth_seq_id 
_pdbx_unobs_or_zero_occ_residues.PDB_ins_code 
_pdbx_unobs_or_zero_occ_residues.label_asym_id 
_pdbx_unobs_or_zero_occ_residues.label_comp_id 
_pdbx_unobs_or_zero_occ_residues.label_seq_id 
1  1 Y 1 X GLY -1  ? A GLY 1   
2  1 Y 1 X HIS 0   ? A HIS 2   
3  1 Y 1 X ASP 178 ? A ASP 180 
4  1 Y 1 X THR 179 ? A THR 181 
5  1 Y 1 X ASP 180 ? A ASP 182 
6  1 Y 1 X MET 181 ? A MET 183 
7  1 Y 1 X GLN 182 ? A GLN 184 
8  1 Y 1 X ARG 183 ? A ARG 185 
9  1 Y 1 X THR 184 ? A THR 186 
10 1 Y 1 X LEU 185 ? A LEU 187 
11 1 Y 1 X TRP 186 ? A TRP 188 
12 1 Y 1 X VAL 187 ? A VAL 189 
13 1 Y 1 X SER 188 ? A SER 190 
14 1 Y 1 X ASP 189 ? A ASP 191 
15 1 Y 1 X ASP 190 ? A ASP 192 
16 1 Y 1 X ALA 191 ? A ALA 193 
17 1 Y 1 X GLU 192 ? A GLU 194 
18 1 Y 1 X GLU 193 ? A GLU 195 
19 1 Y 1 X GLN 194 ? A GLN 196 
20 1 Y 1 X ARG 195 ? A ARG 197 
21 1 Y 1 X ILE 196 ? A ILE 198 
22 1 Y 1 X ARG 197 ? A ARG 199 
23 1 Y 1 X GLY 198 ? A GLY 200 
24 1 Y 1 X PHE 199 ? A PHE 201 
25 1 Y 1 X GLY 200 ? A GLY 202 
26 1 Y 1 X GLU 201 ? A GLU 203 
27 1 Y 1 X GLN 202 ? A GLN 204 
28 1 Y 1 X PHE 203 ? A PHE 205 
29 1 Y 1 X LYS 204 ? A LYS 206 
30 1 Y 1 X LEU 205 ? A LEU 207 
31 1 Y 1 X GLY 206 ? A GLY 208 
32 1 Y 1 X ILE 207 ? A ILE 209 
33 1 Y 1 X PRO 208 ? A PRO 210 
34 1 Y 1 X LEU 209 ? A LEU 211 
35 1 Y 1 X GLY 210 ? A GLY 212 
36 1 Y 1 X LYS 211 ? A LYS 213 
37 1 Y 1 X ILE 212 ? A ILE 214 
38 1 Y 1 X ALA 213 ? A ALA 215 
# 
loop_
_chem_comp_atom.comp_id 
_chem_comp_atom.atom_id 
_chem_comp_atom.type_symbol 
_chem_comp_atom.pdbx_aromatic_flag 
_chem_comp_atom.pdbx_stereo_config 
_chem_comp_atom.pdbx_ordinal 
ALA N    N N N 1   
ALA CA   C N S 2   
ALA C    C N N 3   
ALA O    O N N 4   
ALA CB   C N N 5   
ALA OXT  O N N 6   
ALA H    H N N 7   
ALA H2   H N N 8   
ALA HA   H N N 9   
ALA HB1  H N N 10  
ALA HB2  H N N 11  
ALA HB3  H N N 12  
ALA HXT  H N N 13  
ARG N    N N N 14  
ARG CA   C N S 15  
ARG C    C N N 16  
ARG O    O N N 17  
ARG CB   C N N 18  
ARG CG   C N N 19  
ARG CD   C N N 20  
ARG NE   N N N 21  
ARG CZ   C N N 22  
ARG NH1  N N N 23  
ARG NH2  N N N 24  
ARG OXT  O N N 25  
ARG H    H N N 26  
ARG H2   H N N 27  
ARG HA   H N N 28  
ARG HB2  H N N 29  
ARG HB3  H N N 30  
ARG HG2  H N N 31  
ARG HG3  H N N 32  
ARG HD2  H N N 33  
ARG HD3  H N N 34  
ARG HE   H N N 35  
ARG HH11 H N N 36  
ARG HH12 H N N 37  
ARG HH21 H N N 38  
ARG HH22 H N N 39  
ARG HXT  H N N 40  
ASN N    N N N 41  
ASN CA   C N S 42  
ASN C    C N N 43  
ASN O    O N N 44  
ASN CB   C N N 45  
ASN CG   C N N 46  
ASN OD1  O N N 47  
ASN ND2  N N N 48  
ASN OXT  O N N 49  
ASN H    H N N 50  
ASN H2   H N N 51  
ASN HA   H N N 52  
ASN HB2  H N N 53  
ASN HB3  H N N 54  
ASN HD21 H N N 55  
ASN HD22 H N N 56  
ASN HXT  H N N 57  
ASP N    N N N 58  
ASP CA   C N S 59  
ASP C    C N N 60  
ASP O    O N N 61  
ASP CB   C N N 62  
ASP CG   C N N 63  
ASP OD1  O N N 64  
ASP OD2  O N N 65  
ASP OXT  O N N 66  
ASP H    H N N 67  
ASP H2   H N N 68  
ASP HA   H N N 69  
ASP HB2  H N N 70  
ASP HB3  H N N 71  
ASP HD2  H N N 72  
ASP HXT  H N N 73  
CYS N    N N N 74  
CYS CA   C N R 75  
CYS C    C N N 76  
CYS O    O N N 77  
CYS CB   C N N 78  
CYS SG   S N N 79  
CYS OXT  O N N 80  
CYS H    H N N 81  
CYS H2   H N N 82  
CYS HA   H N N 83  
CYS HB2  H N N 84  
CYS HB3  H N N 85  
CYS HG   H N N 86  
CYS HXT  H N N 87  
GLN N    N N N 88  
GLN CA   C N S 89  
GLN C    C N N 90  
GLN O    O N N 91  
GLN CB   C N N 92  
GLN CG   C N N 93  
GLN CD   C N N 94  
GLN OE1  O N N 95  
GLN NE2  N N N 96  
GLN OXT  O N N 97  
GLN H    H N N 98  
GLN H2   H N N 99  
GLN HA   H N N 100 
GLN HB2  H N N 101 
GLN HB3  H N N 102 
GLN HG2  H N N 103 
GLN HG3  H N N 104 
GLN HE21 H N N 105 
GLN HE22 H N N 106 
GLN HXT  H N N 107 
GLU N    N N N 108 
GLU CA   C N S 109 
GLU C    C N N 110 
GLU O    O N N 111 
GLU CB   C N N 112 
GLU CG   C N N 113 
GLU CD   C N N 114 
GLU OE1  O N N 115 
GLU OE2  O N N 116 
GLU OXT  O N N 117 
GLU H    H N N 118 
GLU H2   H N N 119 
GLU HA   H N N 120 
GLU HB2  H N N 121 
GLU HB3  H N N 122 
GLU HG2  H N N 123 
GLU HG3  H N N 124 
GLU HE2  H N N 125 
GLU HXT  H N N 126 
GLY N    N N N 127 
GLY CA   C N N 128 
GLY C    C N N 129 
GLY O    O N N 130 
GLY OXT  O N N 131 
GLY H    H N N 132 
GLY H2   H N N 133 
GLY HA2  H N N 134 
GLY HA3  H N N 135 
GLY HXT  H N N 136 
HIS N    N N N 137 
HIS CA   C N S 138 
HIS C    C N N 139 
HIS O    O N N 140 
HIS CB   C N N 141 
HIS CG   C Y N 142 
HIS ND1  N Y N 143 
HIS CD2  C Y N 144 
HIS CE1  C Y N 145 
HIS NE2  N Y N 146 
HIS OXT  O N N 147 
HIS H    H N N 148 
HIS H2   H N N 149 
HIS HA   H N N 150 
HIS HB2  H N N 151 
HIS HB3  H N N 152 
HIS HD1  H N N 153 
HIS HD2  H N N 154 
HIS HE1  H N N 155 
HIS HE2  H N N 156 
HIS HXT  H N N 157 
HOH O    O N N 158 
HOH H1   H N N 159 
HOH H2   H N N 160 
ILE N    N N N 161 
ILE CA   C N S 162 
ILE C    C N N 163 
ILE O    O N N 164 
ILE CB   C N S 165 
ILE CG1  C N N 166 
ILE CG2  C N N 167 
ILE CD1  C N N 168 
ILE OXT  O N N 169 
ILE H    H N N 170 
ILE H2   H N N 171 
ILE HA   H N N 172 
ILE HB   H N N 173 
ILE HG12 H N N 174 
ILE HG13 H N N 175 
ILE HG21 H N N 176 
ILE HG22 H N N 177 
ILE HG23 H N N 178 
ILE HD11 H N N 179 
ILE HD12 H N N 180 
ILE HD13 H N N 181 
ILE HXT  H N N 182 
LEU N    N N N 183 
LEU CA   C N S 184 
LEU C    C N N 185 
LEU O    O N N 186 
LEU CB   C N N 187 
LEU CG   C N N 188 
LEU CD1  C N N 189 
LEU CD2  C N N 190 
LEU OXT  O N N 191 
LEU H    H N N 192 
LEU H2   H N N 193 
LEU HA   H N N 194 
LEU HB2  H N N 195 
LEU HB3  H N N 196 
LEU HG   H N N 197 
LEU HD11 H N N 198 
LEU HD12 H N N 199 
LEU HD13 H N N 200 
LEU HD21 H N N 201 
LEU HD22 H N N 202 
LEU HD23 H N N 203 
LEU HXT  H N N 204 
LYS N    N N N 205 
LYS CA   C N S 206 
LYS C    C N N 207 
LYS O    O N N 208 
LYS CB   C N N 209 
LYS CG   C N N 210 
LYS CD   C N N 211 
LYS CE   C N N 212 
LYS NZ   N N N 213 
LYS OXT  O N N 214 
LYS H    H N N 215 
LYS H2   H N N 216 
LYS HA   H N N 217 
LYS HB2  H N N 218 
LYS HB3  H N N 219 
LYS HG2  H N N 220 
LYS HG3  H N N 221 
LYS HD2  H N N 222 
LYS HD3  H N N 223 
LYS HE2  H N N 224 
LYS HE3  H N N 225 
LYS HZ1  H N N 226 
LYS HZ2  H N N 227 
LYS HZ3  H N N 228 
LYS HXT  H N N 229 
MET N    N N N 230 
MET CA   C N S 231 
MET C    C N N 232 
MET O    O N N 233 
MET CB   C N N 234 
MET CG   C N N 235 
MET SD   S N N 236 
MET CE   C N N 237 
MET OXT  O N N 238 
MET H    H N N 239 
MET H2   H N N 240 
MET HA   H N N 241 
MET HB2  H N N 242 
MET HB3  H N N 243 
MET HG2  H N N 244 
MET HG3  H N N 245 
MET HE1  H N N 246 
MET HE2  H N N 247 
MET HE3  H N N 248 
MET HXT  H N N 249 
PHE N    N N N 250 
PHE CA   C N S 251 
PHE C    C N N 252 
PHE O    O N N 253 
PHE CB   C N N 254 
PHE CG   C Y N 255 
PHE CD1  C Y N 256 
PHE CD2  C Y N 257 
PHE CE1  C Y N 258 
PHE CE2  C Y N 259 
PHE CZ   C Y N 260 
PHE OXT  O N N 261 
PHE H    H N N 262 
PHE H2   H N N 263 
PHE HA   H N N 264 
PHE HB2  H N N 265 
PHE HB3  H N N 266 
PHE HD1  H N N 267 
PHE HD2  H N N 268 
PHE HE1  H N N 269 
PHE HE2  H N N 270 
PHE HZ   H N N 271 
PHE HXT  H N N 272 
PRO N    N N N 273 
PRO CA   C N S 274 
PRO C    C N N 275 
PRO O    O N N 276 
PRO CB   C N N 277 
PRO CG   C N N 278 
PRO CD   C N N 279 
PRO OXT  O N N 280 
PRO H    H N N 281 
PRO HA   H N N 282 
PRO HB2  H N N 283 
PRO HB3  H N N 284 
PRO HG2  H N N 285 
PRO HG3  H N N 286 
PRO HD2  H N N 287 
PRO HD3  H N N 288 
PRO HXT  H N N 289 
SER N    N N N 290 
SER CA   C N S 291 
SER C    C N N 292 
SER O    O N N 293 
SER CB   C N N 294 
SER OG   O N N 295 
SER OXT  O N N 296 
SER H    H N N 297 
SER H2   H N N 298 
SER HA   H N N 299 
SER HB2  H N N 300 
SER HB3  H N N 301 
SER HG   H N N 302 
SER HXT  H N N 303 
THR N    N N N 304 
THR CA   C N S 305 
THR C    C N N 306 
THR O    O N N 307 
THR CB   C N R 308 
THR OG1  O N N 309 
THR CG2  C N N 310 
THR OXT  O N N 311 
THR H    H N N 312 
THR H2   H N N 313 
THR HA   H N N 314 
THR HB   H N N 315 
THR HG1  H N N 316 
THR HG21 H N N 317 
THR HG22 H N N 318 
THR HG23 H N N 319 
THR HXT  H N N 320 
TRP N    N N N 321 
TRP CA   C N S 322 
TRP C    C N N 323 
TRP O    O N N 324 
TRP CB   C N N 325 
TRP CG   C Y N 326 
TRP CD1  C Y N 327 
TRP CD2  C Y N 328 
TRP NE1  N Y N 329 
TRP CE2  C Y N 330 
TRP CE3  C Y N 331 
TRP CZ2  C Y N 332 
TRP CZ3  C Y N 333 
TRP CH2  C Y N 334 
TRP OXT  O N N 335 
TRP H    H N N 336 
TRP H2   H N N 337 
TRP HA   H N N 338 
TRP HB2  H N N 339 
TRP HB3  H N N 340 
TRP HD1  H N N 341 
TRP HE1  H N N 342 
TRP HE3  H N N 343 
TRP HZ2  H N N 344 
TRP HZ3  H N N 345 
TRP HH2  H N N 346 
TRP HXT  H N N 347 
TYR N    N N N 348 
TYR CA   C N S 349 
TYR C    C N N 350 
TYR O    O N N 351 
TYR CB   C N N 352 
TYR CG   C Y N 353 
TYR CD1  C Y N 354 
TYR CD2  C Y N 355 
TYR CE1  C Y N 356 
TYR CE2  C Y N 357 
TYR CZ   C Y N 358 
TYR OH   O N N 359 
TYR OXT  O N N 360 
TYR H    H N N 361 
TYR H2   H N N 362 
TYR HA   H N N 363 
TYR HB2  H N N 364 
TYR HB3  H N N 365 
TYR HD1  H N N 366 
TYR HD2  H N N 367 
TYR HE1  H N N 368 
TYR HE2  H N N 369 
TYR HH   H N N 370 
TYR HXT  H N N 371 
VAL N    N N N 372 
VAL CA   C N S 373 
VAL C    C N N 374 
VAL O    O N N 375 
VAL CB   C N N 376 
VAL CG1  C N N 377 
VAL CG2  C N N 378 
VAL OXT  O N N 379 
VAL H    H N N 380 
VAL H2   H N N 381 
VAL HA   H N N 382 
VAL HB   H N N 383 
VAL HG11 H N N 384 
VAL HG12 H N N 385 
VAL HG13 H N N 386 
VAL HG21 H N N 387 
VAL HG22 H N N 388 
VAL HG23 H N N 389 
VAL HXT  H N N 390 
# 
loop_
_chem_comp_bond.comp_id 
_chem_comp_bond.atom_id_1 
_chem_comp_bond.atom_id_2 
_chem_comp_bond.value_order 
_chem_comp_bond.pdbx_aromatic_flag 
_chem_comp_bond.pdbx_stereo_config 
_chem_comp_bond.pdbx_ordinal 
ALA N   CA   sing N N 1   
ALA N   H    sing N N 2   
ALA N   H2   sing N N 3   
ALA CA  C    sing N N 4   
ALA CA  CB   sing N N 5   
ALA CA  HA   sing N N 6   
ALA C   O    doub N N 7   
ALA C   OXT  sing N N 8   
ALA CB  HB1  sing N N 9   
ALA CB  HB2  sing N N 10  
ALA CB  HB3  sing N N 11  
ALA OXT HXT  sing N N 12  
ARG N   CA   sing N N 13  
ARG N   H    sing N N 14  
ARG N   H2   sing N N 15  
ARG CA  C    sing N N 16  
ARG CA  CB   sing N N 17  
ARG CA  HA   sing N N 18  
ARG C   O    doub N N 19  
ARG C   OXT  sing N N 20  
ARG CB  CG   sing N N 21  
ARG CB  HB2  sing N N 22  
ARG CB  HB3  sing N N 23  
ARG CG  CD   sing N N 24  
ARG CG  HG2  sing N N 25  
ARG CG  HG3  sing N N 26  
ARG CD  NE   sing N N 27  
ARG CD  HD2  sing N N 28  
ARG CD  HD3  sing N N 29  
ARG NE  CZ   sing N N 30  
ARG NE  HE   sing N N 31  
ARG CZ  NH1  sing N N 32  
ARG CZ  NH2  doub N N 33  
ARG NH1 HH11 sing N N 34  
ARG NH1 HH12 sing N N 35  
ARG NH2 HH21 sing N N 36  
ARG NH2 HH22 sing N N 37  
ARG OXT HXT  sing N N 38  
ASN N   CA   sing N N 39  
ASN N   H    sing N N 40  
ASN N   H2   sing N N 41  
ASN CA  C    sing N N 42  
ASN CA  CB   sing N N 43  
ASN CA  HA   sing N N 44  
ASN C   O    doub N N 45  
ASN C   OXT  sing N N 46  
ASN CB  CG   sing N N 47  
ASN CB  HB2  sing N N 48  
ASN CB  HB3  sing N N 49  
ASN CG  OD1  doub N N 50  
ASN CG  ND2  sing N N 51  
ASN ND2 HD21 sing N N 52  
ASN ND2 HD22 sing N N 53  
ASN OXT HXT  sing N N 54  
ASP N   CA   sing N N 55  
ASP N   H    sing N N 56  
ASP N   H2   sing N N 57  
ASP CA  C    sing N N 58  
ASP CA  CB   sing N N 59  
ASP CA  HA   sing N N 60  
ASP C   O    doub N N 61  
ASP C   OXT  sing N N 62  
ASP CB  CG   sing N N 63  
ASP CB  HB2  sing N N 64  
ASP CB  HB3  sing N N 65  
ASP CG  OD1  doub N N 66  
ASP CG  OD2  sing N N 67  
ASP OD2 HD2  sing N N 68  
ASP OXT HXT  sing N N 69  
CYS N   CA   sing N N 70  
CYS N   H    sing N N 71  
CYS N   H2   sing N N 72  
CYS CA  C    sing N N 73  
CYS CA  CB   sing N N 74  
CYS CA  HA   sing N N 75  
CYS C   O    doub N N 76  
CYS C   OXT  sing N N 77  
CYS CB  SG   sing N N 78  
CYS CB  HB2  sing N N 79  
CYS CB  HB3  sing N N 80  
CYS SG  HG   sing N N 81  
CYS OXT HXT  sing N N 82  
GLN N   CA   sing N N 83  
GLN N   H    sing N N 84  
GLN N   H2   sing N N 85  
GLN CA  C    sing N N 86  
GLN CA  CB   sing N N 87  
GLN CA  HA   sing N N 88  
GLN C   O    doub N N 89  
GLN C   OXT  sing N N 90  
GLN CB  CG   sing N N 91  
GLN CB  HB2  sing N N 92  
GLN CB  HB3  sing N N 93  
GLN CG  CD   sing N N 94  
GLN CG  HG2  sing N N 95  
GLN CG  HG3  sing N N 96  
GLN CD  OE1  doub N N 97  
GLN CD  NE2  sing N N 98  
GLN NE2 HE21 sing N N 99  
GLN NE2 HE22 sing N N 100 
GLN OXT HXT  sing N N 101 
GLU N   CA   sing N N 102 
GLU N   H    sing N N 103 
GLU N   H2   sing N N 104 
GLU CA  C    sing N N 105 
GLU CA  CB   sing N N 106 
GLU CA  HA   sing N N 107 
GLU C   O    doub N N 108 
GLU C   OXT  sing N N 109 
GLU CB  CG   sing N N 110 
GLU CB  HB2  sing N N 111 
GLU CB  HB3  sing N N 112 
GLU CG  CD   sing N N 113 
GLU CG  HG2  sing N N 114 
GLU CG  HG3  sing N N 115 
GLU CD  OE1  doub N N 116 
GLU CD  OE2  sing N N 117 
GLU OE2 HE2  sing N N 118 
GLU OXT HXT  sing N N 119 
GLY N   CA   sing N N 120 
GLY N   H    sing N N 121 
GLY N   H2   sing N N 122 
GLY CA  C    sing N N 123 
GLY CA  HA2  sing N N 124 
GLY CA  HA3  sing N N 125 
GLY C   O    doub N N 126 
GLY C   OXT  sing N N 127 
GLY OXT HXT  sing N N 128 
HIS N   CA   sing N N 129 
HIS N   H    sing N N 130 
HIS N   H2   sing N N 131 
HIS CA  C    sing N N 132 
HIS CA  CB   sing N N 133 
HIS CA  HA   sing N N 134 
HIS C   O    doub N N 135 
HIS C   OXT  sing N N 136 
HIS CB  CG   sing N N 137 
HIS CB  HB2  sing N N 138 
HIS CB  HB3  sing N N 139 
HIS CG  ND1  sing Y N 140 
HIS CG  CD2  doub Y N 141 
HIS ND1 CE1  doub Y N 142 
HIS ND1 HD1  sing N N 143 
HIS CD2 NE2  sing Y N 144 
HIS CD2 HD2  sing N N 145 
HIS CE1 NE2  sing Y N 146 
HIS CE1 HE1  sing N N 147 
HIS NE2 HE2  sing N N 148 
HIS OXT HXT  sing N N 149 
HOH O   H1   sing N N 150 
HOH O   H2   sing N N 151 
ILE N   CA   sing N N 152 
ILE N   H    sing N N 153 
ILE N   H2   sing N N 154 
ILE CA  C    sing N N 155 
ILE CA  CB   sing N N 156 
ILE CA  HA   sing N N 157 
ILE C   O    doub N N 158 
ILE C   OXT  sing N N 159 
ILE CB  CG1  sing N N 160 
ILE CB  CG2  sing N N 161 
ILE CB  HB   sing N N 162 
ILE CG1 CD1  sing N N 163 
ILE CG1 HG12 sing N N 164 
ILE CG1 HG13 sing N N 165 
ILE CG2 HG21 sing N N 166 
ILE CG2 HG22 sing N N 167 
ILE CG2 HG23 sing N N 168 
ILE CD1 HD11 sing N N 169 
ILE CD1 HD12 sing N N 170 
ILE CD1 HD13 sing N N 171 
ILE OXT HXT  sing N N 172 
LEU N   CA   sing N N 173 
LEU N   H    sing N N 174 
LEU N   H2   sing N N 175 
LEU CA  C    sing N N 176 
LEU CA  CB   sing N N 177 
LEU CA  HA   sing N N 178 
LEU C   O    doub N N 179 
LEU C   OXT  sing N N 180 
LEU CB  CG   sing N N 181 
LEU CB  HB2  sing N N 182 
LEU CB  HB3  sing N N 183 
LEU CG  CD1  sing N N 184 
LEU CG  CD2  sing N N 185 
LEU CG  HG   sing N N 186 
LEU CD1 HD11 sing N N 187 
LEU CD1 HD12 sing N N 188 
LEU CD1 HD13 sing N N 189 
LEU CD2 HD21 sing N N 190 
LEU CD2 HD22 sing N N 191 
LEU CD2 HD23 sing N N 192 
LEU OXT HXT  sing N N 193 
LYS N   CA   sing N N 194 
LYS N   H    sing N N 195 
LYS N   H2   sing N N 196 
LYS CA  C    sing N N 197 
LYS CA  CB   sing N N 198 
LYS CA  HA   sing N N 199 
LYS C   O    doub N N 200 
LYS C   OXT  sing N N 201 
LYS CB  CG   sing N N 202 
LYS CB  HB2  sing N N 203 
LYS CB  HB3  sing N N 204 
LYS CG  CD   sing N N 205 
LYS CG  HG2  sing N N 206 
LYS CG  HG3  sing N N 207 
LYS CD  CE   sing N N 208 
LYS CD  HD2  sing N N 209 
LYS CD  HD3  sing N N 210 
LYS CE  NZ   sing N N 211 
LYS CE  HE2  sing N N 212 
LYS CE  HE3  sing N N 213 
LYS NZ  HZ1  sing N N 214 
LYS NZ  HZ2  sing N N 215 
LYS NZ  HZ3  sing N N 216 
LYS OXT HXT  sing N N 217 
MET N   CA   sing N N 218 
MET N   H    sing N N 219 
MET N   H2   sing N N 220 
MET CA  C    sing N N 221 
MET CA  CB   sing N N 222 
MET CA  HA   sing N N 223 
MET C   O    doub N N 224 
MET C   OXT  sing N N 225 
MET CB  CG   sing N N 226 
MET CB  HB2  sing N N 227 
MET CB  HB3  sing N N 228 
MET CG  SD   sing N N 229 
MET CG  HG2  sing N N 230 
MET CG  HG3  sing N N 231 
MET SD  CE   sing N N 232 
MET CE  HE1  sing N N 233 
MET CE  HE2  sing N N 234 
MET CE  HE3  sing N N 235 
MET OXT HXT  sing N N 236 
PHE N   CA   sing N N 237 
PHE N   H    sing N N 238 
PHE N   H2   sing N N 239 
PHE CA  C    sing N N 240 
PHE CA  CB   sing N N 241 
PHE CA  HA   sing N N 242 
PHE C   O    doub N N 243 
PHE C   OXT  sing N N 244 
PHE CB  CG   sing N N 245 
PHE CB  HB2  sing N N 246 
PHE CB  HB3  sing N N 247 
PHE CG  CD1  doub Y N 248 
PHE CG  CD2  sing Y N 249 
PHE CD1 CE1  sing Y N 250 
PHE CD1 HD1  sing N N 251 
PHE CD2 CE2  doub Y N 252 
PHE CD2 HD2  sing N N 253 
PHE CE1 CZ   doub Y N 254 
PHE CE1 HE1  sing N N 255 
PHE CE2 CZ   sing Y N 256 
PHE CE2 HE2  sing N N 257 
PHE CZ  HZ   sing N N 258 
PHE OXT HXT  sing N N 259 
PRO N   CA   sing N N 260 
PRO N   CD   sing N N 261 
PRO N   H    sing N N 262 
PRO CA  C    sing N N 263 
PRO CA  CB   sing N N 264 
PRO CA  HA   sing N N 265 
PRO C   O    doub N N 266 
PRO C   OXT  sing N N 267 
PRO CB  CG   sing N N 268 
PRO CB  HB2  sing N N 269 
PRO CB  HB3  sing N N 270 
PRO CG  CD   sing N N 271 
PRO CG  HG2  sing N N 272 
PRO CG  HG3  sing N N 273 
PRO CD  HD2  sing N N 274 
PRO CD  HD3  sing N N 275 
PRO OXT HXT  sing N N 276 
SER N   CA   sing N N 277 
SER N   H    sing N N 278 
SER N   H2   sing N N 279 
SER CA  C    sing N N 280 
SER CA  CB   sing N N 281 
SER CA  HA   sing N N 282 
SER C   O    doub N N 283 
SER C   OXT  sing N N 284 
SER CB  OG   sing N N 285 
SER CB  HB2  sing N N 286 
SER CB  HB3  sing N N 287 
SER OG  HG   sing N N 288 
SER OXT HXT  sing N N 289 
THR N   CA   sing N N 290 
THR N   H    sing N N 291 
THR N   H2   sing N N 292 
THR CA  C    sing N N 293 
THR CA  CB   sing N N 294 
THR CA  HA   sing N N 295 
THR C   O    doub N N 296 
THR C   OXT  sing N N 297 
THR CB  OG1  sing N N 298 
THR CB  CG2  sing N N 299 
THR CB  HB   sing N N 300 
THR OG1 HG1  sing N N 301 
THR CG2 HG21 sing N N 302 
THR CG2 HG22 sing N N 303 
THR CG2 HG23 sing N N 304 
THR OXT HXT  sing N N 305 
TRP N   CA   sing N N 306 
TRP N   H    sing N N 307 
TRP N   H2   sing N N 308 
TRP CA  C    sing N N 309 
TRP CA  CB   sing N N 310 
TRP CA  HA   sing N N 311 
TRP C   O    doub N N 312 
TRP C   OXT  sing N N 313 
TRP CB  CG   sing N N 314 
TRP CB  HB2  sing N N 315 
TRP CB  HB3  sing N N 316 
TRP CG  CD1  doub Y N 317 
TRP CG  CD2  sing Y N 318 
TRP CD1 NE1  sing Y N 319 
TRP CD1 HD1  sing N N 320 
TRP CD2 CE2  doub Y N 321 
TRP CD2 CE3  sing Y N 322 
TRP NE1 CE2  sing Y N 323 
TRP NE1 HE1  sing N N 324 
TRP CE2 CZ2  sing Y N 325 
TRP CE3 CZ3  doub Y N 326 
TRP CE3 HE3  sing N N 327 
TRP CZ2 CH2  doub Y N 328 
TRP CZ2 HZ2  sing N N 329 
TRP CZ3 CH2  sing Y N 330 
TRP CZ3 HZ3  sing N N 331 
TRP CH2 HH2  sing N N 332 
TRP OXT HXT  sing N N 333 
TYR N   CA   sing N N 334 
TYR N   H    sing N N 335 
TYR N   H2   sing N N 336 
TYR CA  C    sing N N 337 
TYR CA  CB   sing N N 338 
TYR CA  HA   sing N N 339 
TYR C   O    doub N N 340 
TYR C   OXT  sing N N 341 
TYR CB  CG   sing N N 342 
TYR CB  HB2  sing N N 343 
TYR CB  HB3  sing N N 344 
TYR CG  CD1  doub Y N 345 
TYR CG  CD2  sing Y N 346 
TYR CD1 CE1  sing Y N 347 
TYR CD1 HD1  sing N N 348 
TYR CD2 CE2  doub Y N 349 
TYR CD2 HD2  sing N N 350 
TYR CE1 CZ   doub Y N 351 
TYR CE1 HE1  sing N N 352 
TYR CE2 CZ   sing Y N 353 
TYR CE2 HE2  sing N N 354 
TYR CZ  OH   sing N N 355 
TYR OH  HH   sing N N 356 
TYR OXT HXT  sing N N 357 
VAL N   CA   sing N N 358 
VAL N   H    sing N N 359 
VAL N   H2   sing N N 360 
VAL CA  C    sing N N 361 
VAL CA  CB   sing N N 362 
VAL CA  HA   sing N N 363 
VAL C   O    doub N N 364 
VAL C   OXT  sing N N 365 
VAL CB  CG1  sing N N 366 
VAL CB  CG2  sing N N 367 
VAL CB  HB   sing N N 368 
VAL CG1 HG11 sing N N 369 
VAL CG1 HG12 sing N N 370 
VAL CG1 HG13 sing N N 371 
VAL CG2 HG21 sing N N 372 
VAL CG2 HG22 sing N N 373 
VAL CG2 HG23 sing N N 374 
VAL OXT HXT  sing N N 375 
# 
_atom_sites.entry_id                    2FWM 
_atom_sites.fract_transf_matrix[1][1]   0.00464355 
_atom_sites.fract_transf_matrix[1][2]   -0.01188238 
_atom_sites.fract_transf_matrix[1][3]   0.01138668 
_atom_sites.fract_transf_matrix[2][1]   -0.00581424 
_atom_sites.fract_transf_matrix[2][2]   0.00831489 
_atom_sites.fract_transf_matrix[2][3]   0.01104795 
_atom_sites.fract_transf_matrix[3][1]   -0.00801634 
_atom_sites.fract_transf_matrix[3][2]   -0.00416885 
_atom_sites.fract_transf_matrix[3][3]   -0.00108123 
_atom_sites.fract_transf_vector[1]      0.515212 
_atom_sites.fract_transf_vector[2]      0.262098 
_atom_sites.fract_transf_vector[3]      0.359753 
# 
loop_
_atom_type.symbol 
C 
N 
O 
S 
# 
loop_
_atom_site.group_PDB 
_atom_site.id 
_atom_site.type_symbol 
_atom_site.label_atom_id 
_atom_site.label_alt_id 
_atom_site.label_comp_id 
_atom_site.label_asym_id 
_atom_site.label_entity_id 
_atom_site.label_seq_id 
_atom_site.pdbx_PDB_ins_code 
_atom_site.Cartn_x 
_atom_site.Cartn_y 
_atom_site.Cartn_z 
_atom_site.occupancy 
_atom_site.B_iso_or_equiv 
_atom_site.pdbx_formal_charge 
_atom_site.auth_seq_id 
_atom_site.auth_comp_id 
_atom_site.auth_asym_id 
_atom_site.auth_atom_id 
_atom_site.pdbx_PDB_model_num 
ATOM   1    N N   . MET A 1 3   ? 10.103  13.532  9.915   1.00 46.63 ? 1   MET X N   1 
ATOM   2    C CA  . MET A 1 3   ? 9.481   12.788  11.055  1.00 46.56 ? 1   MET X CA  1 
ATOM   3    C C   . MET A 1 3   ? 10.488  11.898  11.774  1.00 45.59 ? 1   MET X C   1 
ATOM   4    O O   . MET A 1 3   ? 10.238  11.430  12.885  1.00 46.42 ? 1   MET X O   1 
ATOM   5    C CB  . MET A 1 3   ? 8.313   11.938  10.563  1.00 46.98 ? 1   MET X CB  1 
ATOM   6    C CG  . MET A 1 3   ? 6.999   12.688  10.448  1.00 47.23 ? 1   MET X CG  1 
ATOM   7    S SD  . MET A 1 3   ? 5.660   11.698  11.135  1.00 47.08 ? 1   MET X SD  1 
ATOM   8    C CE  . MET A 1 3   ? 6.286   11.475  12.797  1.00 47.31 ? 1   MET X CE  1 
ATOM   9    N N   . ASP A 1 4   ? 11.620  11.679  11.113  1.00 44.15 ? 2   ASP X N   1 
ATOM   10   C CA  . ASP A 1 4   ? 12.745  10.872  11.605  1.00 42.20 ? 2   ASP X CA  1 
ATOM   11   C C   . ASP A 1 4   ? 12.510  9.363   11.654  1.00 40.03 ? 2   ASP X C   1 
ATOM   12   O O   . ASP A 1 4   ? 12.306  8.773   12.724  1.00 39.69 ? 2   ASP X O   1 
ATOM   13   C CB  . ASP A 1 4   ? 13.331  11.387  12.926  1.00 43.10 ? 2   ASP X CB  1 
ATOM   14   C CG  . ASP A 1 4   ? 14.786  10.975  13.108  1.00 43.78 ? 2   ASP X CG  1 
ATOM   15   O OD1 . ASP A 1 4   ? 15.345  10.311  12.202  1.00 43.34 ? 2   ASP X OD1 1 
ATOM   16   O OD2 . ASP A 1 4   ? 15.380  11.323  14.153  1.00 44.69 ? 2   ASP X OD2 1 
ATOM   17   N N   . PHE A 1 5   ? 12.579  8.756   10.475  1.00 36.72 ? 3   PHE X N   1 
ATOM   18   C CA  . PHE A 1 5   ? 12.560  7.316   10.328  1.00 33.94 ? 3   PHE X CA  1 
ATOM   19   C C   . PHE A 1 5   ? 13.980  6.799   10.089  1.00 32.71 ? 3   PHE X C   1 
ATOM   20   O O   . PHE A 1 5   ? 14.170  5.779   9.429   1.00 31.56 ? 3   PHE X O   1 
ATOM   21   C CB  . PHE A 1 5   ? 11.649  6.919   9.164   1.00 32.90 ? 3   PHE X CB  1 
ATOM   22   C CG  . PHE A 1 5   ? 10.184  7.027   9.467   1.00 32.34 ? 3   PHE X CG  1 
ATOM   23   C CD1 . PHE A 1 5   ? 9.503   8.229   9.275   1.00 32.28 ? 3   PHE X CD1 1 
ATOM   24   C CD2 . PHE A 1 5   ? 9.475   5.919   9.928   1.00 32.19 ? 3   PHE X CD2 1 
ATOM   25   C CE1 . PHE A 1 5   ? 8.139   8.331   9.549   1.00 32.16 ? 3   PHE X CE1 1 
ATOM   26   C CE2 . PHE A 1 5   ? 8.112   6.012   10.200  1.00 31.98 ? 3   PHE X CE2 1 
ATOM   27   C CZ  . PHE A 1 5   ? 7.447   7.221   10.011  1.00 32.19 ? 3   PHE X CZ  1 
ATOM   28   N N   . SER A 1 6   ? 14.981  7.500   10.624  1.00 31.89 ? 4   SER X N   1 
ATOM   29   C CA  . SER A 1 6   ? 16.370  7.096   10.403  1.00 31.46 ? 4   SER X CA  1 
ATOM   30   C C   . SER A 1 6   ? 16.632  5.730   11.027  1.00 30.54 ? 4   SER X C   1 
ATOM   31   O O   . SER A 1 6   ? 16.151  5.440   12.124  1.00 30.20 ? 4   SER X O   1 
ATOM   32   C CB  . SER A 1 6   ? 17.356  8.149   10.909  1.00 32.03 ? 4   SER X CB  1 
ATOM   33   O OG  . SER A 1 6   ? 17.359  8.205   12.321  1.00 33.12 ? 4   SER X OG  1 
ATOM   34   N N   . GLY A 1 7   ? 17.363  4.884   10.309  1.00 29.95 ? 5   GLY X N   1 
ATOM   35   C CA  . GLY A 1 7   ? 17.603  3.514   10.757  1.00 29.62 ? 5   GLY X CA  1 
ATOM   36   C C   . GLY A 1 7   ? 16.399  2.589   10.604  1.00 28.78 ? 5   GLY X C   1 
ATOM   37   O O   . GLY A 1 7   ? 16.408  1.456   11.110  1.00 29.39 ? 5   GLY X O   1 
ATOM   38   N N   . LYS A 1 8   ? 15.355  3.062   9.923   1.00 27.50 ? 6   LYS X N   1 
ATOM   39   C CA  . LYS A 1 8   ? 14.175  2.230   9.673   1.00 25.68 ? 6   LYS X CA  1 
ATOM   40   C C   . LYS A 1 8   ? 14.212  1.728   8.241   1.00 24.27 ? 6   LYS X C   1 
ATOM   41   O O   . LYS A 1 8   ? 14.599  2.456   7.327   1.00 24.12 ? 6   LYS X O   1 
ATOM   42   C CB  . LYS A 1 8   ? 12.864  2.986   9.924   1.00 25.54 ? 6   LYS X CB  1 
ATOM   43   C CG  . LYS A 1 8   ? 12.714  3.640   11.301  1.00 26.59 ? 6   LYS X CG  1 
ATOM   44   C CD  . LYS A 1 8   ? 12.488  2.635   12.421  1.00 27.45 ? 6   LYS X CD  1 
ATOM   45   C CE  . LYS A 1 8   ? 12.033  3.349   13.686  1.00 28.41 ? 6   LYS X CE  1 
ATOM   46   N NZ  . LYS A 1 8   ? 12.469  2.611   14.891  1.00 29.07 ? 6   LYS X NZ  1 
ATOM   47   N N   . ASN A 1 9   ? 13.811  0.475   8.061   1.00 22.30 ? 7   ASN X N   1 
ATOM   48   C CA  . ASN A 1 9   ? 13.735  -0.136  6.747   1.00 21.06 ? 7   ASN X CA  1 
ATOM   49   C C   . ASN A 1 9   ? 12.276  -0.151  6.246   1.00 19.86 ? 7   ASN X C   1 
ATOM   50   O O   . ASN A 1 9   ? 11.405  -0.757  6.864   1.00 18.41 ? 7   ASN X O   1 
ATOM   51   C CB  A ASN A 1 9   ? 14.305  -1.555  6.828   0.50 21.01 ? 7   ASN X CB  1 
ATOM   52   C CB  B ASN A 1 9   ? 14.281  -1.570  6.754   0.50 21.04 ? 7   ASN X CB  1 
ATOM   53   C CG  A ASN A 1 9   ? 14.450  -2.206  5.481   0.50 20.96 ? 7   ASN X CG  1 
ATOM   54   C CG  B ASN A 1 9   ? 15.758  -1.645  7.079   0.50 21.10 ? 7   ASN X CG  1 
ATOM   55   O OD1 A ASN A 1 9   ? 13.865  -3.258  5.224   0.50 21.38 ? 7   ASN X OD1 1 
ATOM   56   O OD1 B ASN A 1 9   ? 16.521  -0.710  6.831   0.50 21.45 ? 7   ASN X OD1 1 
ATOM   57   N ND2 A ASN A 1 9   ? 15.237  -1.594  4.609   0.50 21.09 ? 7   ASN X ND2 1 
ATOM   58   N ND2 B ASN A 1 9   ? 16.174  -2.776  7.629   0.50 21.11 ? 7   ASN X ND2 1 
ATOM   59   N N   . VAL A 1 10  ? 12.044  0.479   5.098   1.00 18.51 ? 8   VAL X N   1 
ATOM   60   C CA  . VAL A 1 10  ? 10.699  0.725   4.596   1.00 18.03 ? 8   VAL X CA  1 
ATOM   61   C C   . VAL A 1 10  ? 10.557  0.240   3.151   1.00 16.81 ? 8   VAL X C   1 
ATOM   62   O O   . VAL A 1 10  ? 11.424  0.501   2.321   1.00 16.37 ? 8   VAL X O   1 
ATOM   63   C CB  . VAL A 1 10  ? 10.343  2.243   4.689   1.00 17.77 ? 8   VAL X CB  1 
ATOM   64   C CG1 . VAL A 1 10  ? 8.957   2.519   4.112   1.00 18.38 ? 8   VAL X CG1 1 
ATOM   65   C CG2 . VAL A 1 10  ? 10.435  2.737   6.142   1.00 17.96 ? 8   VAL X CG2 1 
ATOM   66   N N   . TRP A 1 11  ? 9.459   -0.469  2.873   1.00 16.41 ? 9   TRP X N   1 
ATOM   67   C CA  . TRP A 1 11  ? 9.111   -0.905  1.518   1.00 16.07 ? 9   TRP X CA  1 
ATOM   68   C C   . TRP A 1 11  ? 7.877   -0.139  1.039   1.00 15.24 ? 9   TRP X C   1 
ATOM   69   O O   . TRP A 1 11  ? 6.894   0.004   1.779   1.00 14.36 ? 9   TRP X O   1 
ATOM   70   C CB  . TRP A 1 11  ? 8.792   -2.401  1.488   1.00 16.41 ? 9   TRP X CB  1 
ATOM   71   C CG  . TRP A 1 11  ? 9.956   -3.342  1.597   1.00 17.16 ? 9   TRP X CG  1 
ATOM   72   C CD1 . TRP A 1 11  ? 11.252  -3.040  1.937   1.00 17.45 ? 9   TRP X CD1 1 
ATOM   73   C CD2 . TRP A 1 11  ? 9.909   -4.763  1.419   1.00 17.26 ? 9   TRP X CD2 1 
ATOM   74   N NE1 . TRP A 1 11  ? 12.018  -4.190  1.950   1.00 17.36 ? 9   TRP X NE1 1 
ATOM   75   C CE2 . TRP A 1 11  ? 11.217  -5.260  1.642   1.00 17.68 ? 9   TRP X CE2 1 
ATOM   76   C CE3 . TRP A 1 11  ? 8.886   -5.667  1.080   1.00 17.05 ? 9   TRP X CE3 1 
ATOM   77   C CZ2 . TRP A 1 11  ? 11.529  -6.623  1.539   1.00 17.25 ? 9   TRP X CZ2 1 
ATOM   78   C CZ3 . TRP A 1 11  ? 9.196   -7.023  0.978   1.00 17.25 ? 9   TRP X CZ3 1 
ATOM   79   C CH2 . TRP A 1 11  ? 10.507  -7.486  1.213   1.00 17.28 ? 9   TRP X CH2 1 
ATOM   80   N N   . VAL A 1 12  ? 7.928   0.344   -0.200  1.00 14.62 ? 10  VAL X N   1 
ATOM   81   C CA  . VAL A 1 12  ? 6.775   1.022   -0.803  1.00 13.73 ? 10  VAL X CA  1 
ATOM   82   C C   . VAL A 1 12  ? 6.530   0.441   -2.191  1.00 13.82 ? 10  VAL X C   1 
ATOM   83   O O   . VAL A 1 12  ? 7.425   0.479   -3.037  1.00 13.62 ? 10  VAL X O   1 
ATOM   84   C CB  . VAL A 1 12  ? 6.985   2.546   -0.953  1.00 13.41 ? 10  VAL X CB  1 
ATOM   85   C CG1 . VAL A 1 12  ? 5.710   3.212   -1.509  1.00 13.23 ? 10  VAL X CG1 1 
ATOM   86   C CG2 . VAL A 1 12  ? 7.401   3.196   0.382   1.00 13.29 ? 10  VAL X CG2 1 
ATOM   87   N N   . THR A 1 13  ? 5.324   -0.080  -2.418  1.00 13.68 ? 11  THR X N   1 
ATOM   88   C CA  . THR A 1 13  ? 4.933   -0.599  -3.742  1.00 14.24 ? 11  THR X CA  1 
ATOM   89   C C   . THR A 1 13  ? 4.242   0.509   -4.563  1.00 14.57 ? 11  THR X C   1 
ATOM   90   O O   . THR A 1 13  ? 3.782   1.501   -3.987  1.00 14.64 ? 11  THR X O   1 
ATOM   91   C CB  . THR A 1 13  ? 4.049   -1.858  -3.624  1.00 14.36 ? 11  THR X CB  1 
ATOM   92   O OG1 . THR A 1 13  ? 2.758   -1.514  -3.096  1.00 13.59 ? 11  THR X OG1 1 
ATOM   93   C CG2 . THR A 1 13  ? 4.715   -2.899  -2.700  1.00 13.96 ? 11  THR X CG2 1 
ATOM   94   N N   . GLY A 1 14  ? 4.184   0.354   -5.892  1.00 14.18 ? 12  GLY X N   1 
ATOM   95   C CA  . GLY A 1 14  ? 3.702   1.430   -6.776  1.00 14.46 ? 12  GLY X CA  1 
ATOM   96   C C   . GLY A 1 14  ? 4.563   2.692   -6.670  1.00 15.34 ? 12  GLY X C   1 
ATOM   97   O O   . GLY A 1 14  ? 4.071   3.806   -6.882  1.00 15.15 ? 12  GLY X O   1 
ATOM   98   N N   . ALA A 1 15  ? 5.852   2.513   -6.362  1.00 15.44 ? 13  ALA X N   1 
ATOM   99   C CA  . ALA A 1 15  ? 6.769   3.629   -6.056  1.00 16.71 ? 13  ALA X CA  1 
ATOM   100  C C   . ALA A 1 15  ? 7.267   4.452   -7.267  1.00 17.65 ? 13  ALA X C   1 
ATOM   101  O O   . ALA A 1 15  ? 7.957   5.456   -7.089  1.00 18.40 ? 13  ALA X O   1 
ATOM   102  C CB  . ALA A 1 15  ? 7.961   3.121   -5.243  1.00 15.77 ? 13  ALA X CB  1 
ATOM   103  N N   . GLY A 1 16  ? 6.925   4.026   -8.480  1.00 18.64 ? 14  GLY X N   1 
ATOM   104  C CA  . GLY A 1 16  ? 7.385   4.698   -9.700  1.00 19.53 ? 14  GLY X CA  1 
ATOM   105  C C   . GLY A 1 16  ? 6.654   6.000   -9.983  1.00 20.65 ? 14  GLY X C   1 
ATOM   106  O O   . GLY A 1 16  ? 7.207   6.900   -10.617 1.00 20.52 ? 14  GLY X O   1 
ATOM   107  N N   . LYS A 1 17  ? 5.422   6.112   -9.480  1.00 20.01 ? 15  LYS X N   1 
ATOM   108  C CA  . LYS A 1 17  ? 4.550   7.241   -9.792  1.00 20.08 ? 15  LYS X CA  1 
ATOM   109  C C   . LYS A 1 17  ? 3.560   7.511   -8.657  1.00 19.44 ? 15  LYS X C   1 
ATOM   110  O O   . LYS A 1 17  ? 3.396   6.683   -7.765  1.00 17.86 ? 15  LYS X O   1 
ATOM   111  C CB  . LYS A 1 17  ? 3.792   6.966   -11.100 1.00 20.45 ? 15  LYS X CB  1 
ATOM   112  N N   . GLY A 1 18  ? 2.920   8.681   -8.702  1.00 19.22 ? 16  GLY X N   1 
ATOM   113  C CA  . GLY A 1 18  ? 1.804   9.030   -7.807  1.00 18.50 ? 16  GLY X CA  1 
ATOM   114  C C   . GLY A 1 18  ? 2.059   8.933   -6.313  1.00 17.93 ? 16  GLY X C   1 
ATOM   115  O O   . GLY A 1 18  ? 3.109   9.339   -5.811  1.00 18.08 ? 16  GLY X O   1 
ATOM   116  N N   . ILE A 1 19  ? 1.088   8.379   -5.598  1.00 17.27 ? 17  ILE X N   1 
ATOM   117  C CA  . ILE A 1 19  ? 1.169   8.271   -4.147  1.00 16.88 ? 17  ILE X CA  1 
ATOM   118  C C   . ILE A 1 19  ? 2.389   7.465   -3.677  1.00 16.01 ? 17  ILE X C   1 
ATOM   119  O O   . ILE A 1 19  ? 3.079   7.881   -2.754  1.00 15.14 ? 17  ILE X O   1 
ATOM   120  C CB  . ILE A 1 19  ? -0.144  7.713   -3.551  1.00 17.56 ? 17  ILE X CB  1 
ATOM   121  C CG1 . ILE A 1 19  ? -1.291  8.707   -3.819  1.00 18.31 ? 17  ILE X CG1 1 
ATOM   122  C CG2 . ILE A 1 19  ? 0.003   7.474   -2.038  1.00 17.61 ? 17  ILE X CG2 1 
ATOM   123  C CD1 . ILE A 1 19  ? -2.682  8.129   -3.639  1.00 19.17 ? 17  ILE X CD1 1 
ATOM   124  N N   . GLY A 1 20  ? 2.645   6.326   -4.320  1.00 15.45 ? 18  GLY X N   1 
ATOM   125  C CA  . GLY A 1 20  ? 3.782   5.480   -3.965  1.00 15.92 ? 18  GLY X CA  1 
ATOM   126  C C   . GLY A 1 20  ? 5.104   6.222   -4.069  1.00 16.02 ? 18  GLY X C   1 
ATOM   127  O O   . GLY A 1 20  ? 5.956   6.109   -3.191  1.00 16.18 ? 18  GLY X O   1 
ATOM   128  N N   . TYR A 1 21  ? 5.268   6.978   -5.154  1.00 16.59 ? 19  TYR X N   1 
ATOM   129  C CA  . TYR A 1 21  ? 6.473   7.771   -5.369  1.00 17.11 ? 19  TYR X CA  1 
ATOM   130  C C   . TYR A 1 21  ? 6.619   8.853   -4.304  1.00 16.65 ? 19  TYR X C   1 
ATOM   131  O O   . TYR A 1 21  ? 7.678   8.990   -3.695  1.00 16.35 ? 19  TYR X O   1 
ATOM   132  C CB  . TYR A 1 21  ? 6.456   8.392   -6.770  1.00 18.49 ? 19  TYR X CB  1 
ATOM   133  C CG  . TYR A 1 21  ? 7.680   9.218   -7.111  1.00 19.02 ? 19  TYR X CG  1 
ATOM   134  C CD1 . TYR A 1 21  ? 8.847   8.616   -7.587  1.00 19.37 ? 19  TYR X CD1 1 
ATOM   135  C CD2 . TYR A 1 21  ? 7.660   10.608  -6.979  1.00 19.62 ? 19  TYR X CD2 1 
ATOM   136  C CE1 . TYR A 1 21  ? 9.968   9.376   -7.907  1.00 19.43 ? 19  TYR X CE1 1 
ATOM   137  C CE2 . TYR A 1 21  ? 8.770   11.377  -7.299  1.00 19.50 ? 19  TYR X CE2 1 
ATOM   138  C CZ  . TYR A 1 21  ? 9.918   10.758  -7.762  1.00 19.49 ? 19  TYR X CZ  1 
ATOM   139  O OH  . TYR A 1 21  ? 11.010  11.528  -8.077  1.00 19.63 ? 19  TYR X OH  1 
ATOM   140  N N   . ALA A 1 22  ? 5.547   9.613   -4.083  1.00 16.87 ? 20  ALA X N   1 
ATOM   141  C CA  . ALA A 1 22  ? 5.550   10.689  -3.098  1.00 17.02 ? 20  ALA X CA  1 
ATOM   142  C C   . ALA A 1 22  ? 5.894   10.142  -1.709  1.00 17.17 ? 20  ALA X C   1 
ATOM   143  O O   . ALA A 1 22  ? 6.661   10.749  -0.968  1.00 17.51 ? 20  ALA X O   1 
ATOM   144  C CB  . ALA A 1 22  ? 4.202   11.387  -3.084  1.00 16.63 ? 20  ALA X CB  1 
ATOM   145  N N   . THR A 1 23  ? 5.333   8.980   -1.379  1.00 16.73 ? 21  THR X N   1 
ATOM   146  C CA  . THR A 1 23  ? 5.540   8.354   -0.079  1.00 16.68 ? 21  THR X CA  1 
ATOM   147  C C   . THR A 1 23  ? 6.972   7.839   0.054   1.00 17.01 ? 21  THR X C   1 
ATOM   148  O O   . THR A 1 23  ? 7.606   8.015   1.097   1.00 17.38 ? 21  THR X O   1 
ATOM   149  C CB  . THR A 1 23  ? 4.523   7.213   0.126   1.00 16.56 ? 21  THR X CB  1 
ATOM   150  O OG1 . THR A 1 23  ? 3.197   7.745   -0.004  1.00 16.45 ? 21  THR X OG1 1 
ATOM   151  C CG2 . THR A 1 23  ? 4.681   6.561   1.486   1.00 16.15 ? 21  THR X CG2 1 
ATOM   152  N N   . ALA A 1 24  ? 7.485   7.212   -1.006  1.00 17.53 ? 22  ALA X N   1 
ATOM   153  C CA  . ALA A 1 24  ? 8.885   6.764   -1.007  1.00 17.49 ? 22  ALA X CA  1 
ATOM   154  C C   . ALA A 1 24  ? 9.837   7.944   -0.807  1.00 17.57 ? 22  ALA X C   1 
ATOM   155  O O   . ALA A 1 24  ? 10.740  7.874   0.019   1.00 17.31 ? 22  ALA X O   1 
ATOM   156  C CB  . ALA A 1 24  ? 9.214   6.004   -2.277  1.00 16.97 ? 22  ALA X CB  1 
ATOM   157  N N   . LEU A 1 25  ? 9.623   9.028   -1.553  1.00 18.22 ? 23  LEU X N   1 
ATOM   158  C CA  . LEU A 1 25  ? 10.425  10.244  -1.380  1.00 20.14 ? 23  LEU X CA  1 
ATOM   159  C C   . LEU A 1 25  ? 10.342  10.803  0.049   1.00 19.74 ? 23  LEU X C   1 
ATOM   160  O O   . LEU A 1 25  ? 11.345  11.223  0.607   1.00 19.44 ? 23  LEU X O   1 
ATOM   161  C CB  . LEU A 1 25  ? 10.046  11.326  -2.404  1.00 21.42 ? 23  LEU X CB  1 
ATOM   162  C CG  . LEU A 1 25  ? 10.938  11.563  -3.632  1.00 23.48 ? 23  LEU X CG  1 
ATOM   163  C CD1 . LEU A 1 25  ? 10.437  12.753  -4.422  1.00 24.00 ? 23  LEU X CD1 1 
ATOM   164  C CD2 . LEU A 1 25  ? 12.373  11.835  -3.232  1.00 25.00 ? 23  LEU X CD2 1 
ATOM   165  N N   . ALA A 1 26  ? 9.148   10.788  0.636   1.00 19.72 ? 24  ALA X N   1 
ATOM   166  C CA  . ALA A 1 26  ? 8.955   11.304  2.000   1.00 19.34 ? 24  ALA X CA  1 
ATOM   167  C C   . ALA A 1 26  ? 9.710   10.481  3.054   1.00 18.96 ? 24  ALA X C   1 
ATOM   168  O O   . ALA A 1 26  ? 10.306  11.043  3.980   1.00 18.52 ? 24  ALA X O   1 
ATOM   169  C CB  . ALA A 1 26  ? 7.460   11.392  2.337   1.00 19.25 ? 24  ALA X CB  1 
ATOM   170  N N   . PHE A 1 27  ? 9.685   9.159   2.913   1.00 18.34 ? 25  PHE X N   1 
ATOM   171  C CA  . PHE A 1 27  ? 10.441  8.293   3.809   1.00 18.24 ? 25  PHE X CA  1 
ATOM   172  C C   . PHE A 1 27  ? 11.943  8.512   3.653   1.00 18.93 ? 25  PHE X C   1 
ATOM   173  O O   . PHE A 1 27  ? 12.684  8.459   4.648   1.00 18.50 ? 25  PHE X O   1 
ATOM   174  C CB  . PHE A 1 27  ? 10.082  6.812   3.612   1.00 17.30 ? 25  PHE X CB  1 
ATOM   175  C CG  . PHE A 1 27  ? 8.838   6.360   4.367   1.00 17.25 ? 25  PHE X CG  1 
ATOM   176  C CD1 . PHE A 1 27  ? 8.823   6.308   5.762   1.00 16.90 ? 25  PHE X CD1 1 
ATOM   177  C CD2 . PHE A 1 27  ? 7.705   5.936   3.673   1.00 17.13 ? 25  PHE X CD2 1 
ATOM   178  C CE1 . PHE A 1 27  ? 7.688   5.870   6.454   1.00 17.07 ? 25  PHE X CE1 1 
ATOM   179  C CE2 . PHE A 1 27  ? 6.560   5.495   4.356   1.00 17.22 ? 25  PHE X CE2 1 
ATOM   180  C CZ  . PHE A 1 27  ? 6.551   5.463   5.748   1.00 16.83 ? 25  PHE X CZ  1 
ATOM   181  N N   . VAL A 1 28  ? 12.391  8.760   2.418   1.00 19.78 ? 26  VAL X N   1 
ATOM   182  C CA  . VAL A 1 28  ? 13.805  9.076   2.162   1.00 21.45 ? 26  VAL X CA  1 
ATOM   183  C C   . VAL A 1 28  ? 14.198  10.368  2.900   1.00 22.90 ? 26  VAL X C   1 
ATOM   184  O O   . VAL A 1 28  ? 15.188  10.383  3.639   1.00 22.58 ? 26  VAL X O   1 
ATOM   185  C CB  . VAL A 1 28  ? 14.148  9.162   0.643   1.00 21.64 ? 26  VAL X CB  1 
ATOM   186  C CG1 . VAL A 1 28  ? 15.559  9.741   0.427   1.00 21.89 ? 26  VAL X CG1 1 
ATOM   187  C CG2 . VAL A 1 28  ? 14.050  7.789   -0.008  1.00 20.86 ? 26  VAL X CG2 1 
ATOM   188  N N   . GLU A 1 29  ? 13.390  11.420  2.738   1.00 24.39 ? 27  GLU X N   1 
ATOM   189  C CA  . GLU A 1 29  ? 13.644  12.699  3.422   1.00 25.92 ? 27  GLU X CA  1 
ATOM   190  C C   . GLU A 1 29  ? 13.619  12.563  4.947   1.00 25.17 ? 27  GLU X C   1 
ATOM   191  O O   . GLU A 1 29  ? 14.311  13.307  5.630   1.00 25.16 ? 27  GLU X O   1 
ATOM   192  C CB  . GLU A 1 29  ? 12.658  13.802  2.997   1.00 28.28 ? 27  GLU X CB  1 
ATOM   193  C CG  . GLU A 1 29  ? 12.188  13.815  1.531   1.00 31.63 ? 27  GLU X CG  1 
ATOM   194  C CD  . GLU A 1 29  ? 13.301  13.729  0.490   1.00 33.60 ? 27  GLU X CD  1 
ATOM   195  O OE1 . GLU A 1 29  ? 12.998  13.249  -0.629  1.00 34.40 ? 27  GLU X OE1 1 
ATOM   196  O OE2 . GLU A 1 29  ? 14.464  14.126  0.771   1.00 35.14 ? 27  GLU X OE2 1 
ATOM   197  N N   . ALA A 1 30  ? 12.822  11.622  5.468   1.00 24.15 ? 28  ALA X N   1 
ATOM   198  C CA  . ALA A 1 30  ? 12.745  11.353  6.916   1.00 23.74 ? 28  ALA X CA  1 
ATOM   199  C C   . ALA A 1 30  ? 13.871  10.453  7.445   1.00 23.80 ? 28  ALA X C   1 
ATOM   200  O O   . ALA A 1 30  ? 13.897  10.121  8.641   1.00 23.70 ? 28  ALA X O   1 
ATOM   201  C CB  . ALA A 1 30  ? 11.380  10.762  7.289   1.00 23.65 ? 28  ALA X CB  1 
ATOM   202  N N   . GLY A 1 31  ? 14.790  10.059  6.564   1.00 23.08 ? 29  GLY X N   1 
ATOM   203  C CA  . GLY A 1 31  ? 15.979  9.302   6.965   1.00 22.52 ? 29  GLY X CA  1 
ATOM   204  C C   . GLY A 1 31  ? 15.911  7.784   6.861   1.00 22.91 ? 29  GLY X C   1 
ATOM   205  O O   . GLY A 1 31  ? 16.833  7.091   7.304   1.00 22.09 ? 29  GLY X O   1 
ATOM   206  N N   . ALA A 1 32  ? 14.828  7.258   6.287   1.00 22.43 ? 30  ALA X N   1 
ATOM   207  C CA  . ALA A 1 32  ? 14.623  5.803   6.198   1.00 21.89 ? 30  ALA X CA  1 
ATOM   208  C C   . ALA A 1 32  ? 15.433  5.164   5.079   1.00 21.81 ? 30  ALA X C   1 
ATOM   209  O O   . ALA A 1 32  ? 15.811  5.827   4.110   1.00 21.64 ? 30  ALA X O   1 
ATOM   210  C CB  . ALA A 1 32  ? 13.140  5.483   6.024   1.00 21.76 ? 30  ALA X CB  1 
ATOM   211  N N   . LYS A 1 33  ? 15.715  3.874   5.222   1.00 22.16 ? 31  LYS X N   1 
ATOM   212  C CA  . LYS A 1 33  ? 16.284  3.100   4.125   1.00 23.34 ? 31  LYS X CA  1 
ATOM   213  C C   . LYS A 1 33  ? 15.094  2.559   3.329   1.00 21.95 ? 31  LYS X C   1 
ATOM   214  O O   . LYS A 1 33  ? 14.344  1.711   3.815   1.00 22.12 ? 31  LYS X O   1 
ATOM   215  C CB  . LYS A 1 33  ? 17.194  1.984   4.655   1.00 24.74 ? 31  LYS X CB  1 
ATOM   216  C CG  . LYS A 1 33  ? 17.675  0.984   3.596   1.00 26.45 ? 31  LYS X CG  1 
ATOM   217  C CD  . LYS A 1 33  ? 18.575  -0.111  4.212   1.00 26.57 ? 31  LYS X CD  1 
ATOM   218  C CE  . LYS A 1 33  ? 18.834  -1.262  3.234   1.00 27.37 ? 31  LYS X CE  1 
ATOM   219  N NZ  . LYS A 1 33  ? 17.643  -2.159  3.092   1.00 28.38 ? 31  LYS X NZ  1 
ATOM   220  N N   . VAL A 1 34  ? 14.916  3.074   2.116   1.00 20.28 ? 32  VAL X N   1 
ATOM   221  C CA  . VAL A 1 34  ? 13.706  2.815   1.336   1.00 18.55 ? 32  VAL X CA  1 
ATOM   222  C C   . VAL A 1 34  ? 13.994  1.947   0.121   1.00 18.47 ? 32  VAL X C   1 
ATOM   223  O O   . VAL A 1 34  ? 14.934  2.210   -0.638  1.00 18.15 ? 32  VAL X O   1 
ATOM   224  C CB  . VAL A 1 34  ? 13.024  4.143   0.890   1.00 17.83 ? 32  VAL X CB  1 
ATOM   225  C CG1 . VAL A 1 34  ? 11.716  3.883   0.123   1.00 17.13 ? 32  VAL X CG1 1 
ATOM   226  C CG2 . VAL A 1 34  ? 12.757  5.022   2.086   1.00 17.67 ? 32  VAL X CG2 1 
ATOM   227  N N   . THR A 1 35  ? 13.182  0.906   -0.047  1.00 17.85 ? 33  THR X N   1 
ATOM   228  C CA  . THR A 1 35  ? 13.121  0.165   -1.296  1.00 16.44 ? 33  THR X CA  1 
ATOM   229  C C   . THR A 1 35  ? 11.764  0.436   -1.947  1.00 16.63 ? 33  THR X C   1 
ATOM   230  O O   . THR A 1 35  ? 10.718  0.264   -1.324  1.00 17.10 ? 33  THR X O   1 
ATOM   231  C CB  . THR A 1 35  ? 13.359  -1.337  -1.079  1.00 16.22 ? 33  THR X CB  1 
ATOM   232  O OG1 . THR A 1 35  ? 14.574  -1.515  -0.346  1.00 16.03 ? 33  THR X OG1 1 
ATOM   233  C CG2 . THR A 1 35  ? 13.483  -2.072  -2.414  1.00 15.71 ? 33  THR X CG2 1 
ATOM   234  N N   . GLY A 1 36  ? 11.795  0.892   -3.192  1.00 16.16 ? 34  GLY X N   1 
ATOM   235  C CA  . GLY A 1 36  ? 10.579  1.113   -3.965  1.00 16.25 ? 34  GLY X CA  1 
ATOM   236  C C   . GLY A 1 36  ? 10.374  -0.012  -4.959  1.00 16.85 ? 34  GLY X C   1 
ATOM   237  O O   . GLY A 1 36  ? 11.331  -0.465  -5.594  1.00 16.79 ? 34  GLY X O   1 
ATOM   238  N N   . PHE A 1 37  ? 9.128   -0.469  -5.088  1.00 16.19 ? 35  PHE X N   1 
ATOM   239  C CA  . PHE A 1 37  ? 8.782   -1.551  -6.018  1.00 15.99 ? 35  PHE X CA  1 
ATOM   240  C C   . PHE A 1 37  ? 7.781   -1.048  -7.047  1.00 16.58 ? 35  PHE X C   1 
ATOM   241  O O   . PHE A 1 37  ? 6.836   -0.329  -6.699  1.00 16.01 ? 35  PHE X O   1 
ATOM   242  C CB  . PHE A 1 37  ? 8.147   -2.741  -5.277  1.00 14.61 ? 35  PHE X CB  1 
ATOM   243  C CG  . PHE A 1 37  ? 9.003   -3.317  -4.182  1.00 15.07 ? 35  PHE X CG  1 
ATOM   244  C CD1 . PHE A 1 37  ? 8.998   -2.757  -2.907  1.00 14.96 ? 35  PHE X CD1 1 
ATOM   245  C CD2 . PHE A 1 37  ? 9.793   -4.443  -4.418  1.00 14.96 ? 35  PHE X CD2 1 
ATOM   246  C CE1 . PHE A 1 37  ? 9.782   -3.298  -1.890  1.00 15.68 ? 35  PHE X CE1 1 
ATOM   247  C CE2 . PHE A 1 37  ? 10.568  -4.989  -3.419  1.00 15.03 ? 35  PHE X CE2 1 
ATOM   248  C CZ  . PHE A 1 37  ? 10.574  -4.415  -2.147  1.00 15.06 ? 35  PHE X CZ  1 
ATOM   249  N N   . ASP A 1 38  ? 7.972   -1.429  -8.308  1.00 16.95 ? 36  ASP X N   1 
ATOM   250  C CA  . ASP A 1 38  ? 6.943   -1.177  -9.315  1.00 18.63 ? 36  ASP X CA  1 
ATOM   251  C C   . ASP A 1 38  ? 7.004   -2.181  -10.465 1.00 19.16 ? 36  ASP X C   1 
ATOM   252  O O   . ASP A 1 38  ? 8.014   -2.861  -10.659 1.00 18.46 ? 36  ASP X O   1 
ATOM   253  C CB  . ASP A 1 38  ? 6.997   0.274   -9.831  1.00 19.46 ? 36  ASP X CB  1 
ATOM   254  C CG  . ASP A 1 38  ? 5.604   0.855   -10.092 1.00 20.79 ? 36  ASP X CG  1 
ATOM   255  O OD1 . ASP A 1 38  ? 4.719   0.115   -10.569 1.00 22.30 ? 36  ASP X OD1 1 
ATOM   256  O OD2 . ASP A 1 38  ? 5.386   2.047   -9.821  1.00 21.30 ? 36  ASP X OD2 1 
ATOM   257  N N   . GLN A 1 39  ? 5.903   -2.273  -11.206 1.00 19.50 ? 37  GLN X N   1 
ATOM   258  C CA  . GLN A 1 39  ? 5.799   -3.137  -12.382 1.00 20.32 ? 37  GLN X CA  1 
ATOM   259  C C   . GLN A 1 39  ? 6.944   -2.873  -13.349 1.00 21.11 ? 37  GLN X C   1 
ATOM   260  O O   . GLN A 1 39  ? 7.455   -3.795  -13.998 1.00 21.89 ? 37  GLN X O   1 
ATOM   261  C CB  . GLN A 1 39  ? 4.462   -2.894  -13.068 1.00 20.41 ? 37  GLN X CB  1 
ATOM   262  C CG  . GLN A 1 39  ? 4.161   -3.766  -14.275 1.00 20.62 ? 37  GLN X CG  1 
ATOM   263  C CD  . GLN A 1 39  ? 2.826   -3.399  -14.862 1.00 20.30 ? 37  GLN X CD  1 
ATOM   264  O OE1 . GLN A 1 39  ? 1.826   -4.060  -14.606 1.00 21.25 ? 37  GLN X OE1 1 
ATOM   265  N NE2 . GLN A 1 39  ? 2.785   -2.297  -15.587 1.00 20.04 ? 37  GLN X NE2 1 
ATOM   266  N N   . ALA A 1 40  ? 7.338   -1.606  -13.439 1.00 21.23 ? 38  ALA X N   1 
ATOM   267  C CA  . ALA A 1 40  ? 8.521   -1.198  -14.185 1.00 22.32 ? 38  ALA X CA  1 
ATOM   268  C C   . ALA A 1 40  ? 8.927   0.200   -13.748 1.00 23.91 ? 38  ALA X C   1 
ATOM   269  O O   . ALA A 1 40  ? 8.119   0.948   -13.189 1.00 22.82 ? 38  ALA X O   1 
ATOM   270  C CB  . ALA A 1 40  ? 8.255   -1.237  -15.691 1.00 22.19 ? 38  ALA X CB  1 
ATOM   271  N N   . PHE A 1 41  ? 10.192  0.543   -13.981 1.00 26.09 ? 39  PHE X N   1 
ATOM   272  C CA  . PHE A 1 41  ? 10.677  1.885   -13.690 1.00 28.53 ? 39  PHE X CA  1 
ATOM   273  C C   . PHE A 1 41  ? 11.088  2.614   -14.971 1.00 31.23 ? 39  PHE X C   1 
ATOM   274  O O   . PHE A 1 41  ? 11.791  2.062   -15.819 1.00 32.18 ? 39  PHE X O   1 
ATOM   275  C CB  . PHE A 1 41  ? 11.797  1.855   -12.643 1.00 27.55 ? 39  PHE X CB  1 
ATOM   276  C CG  . PHE A 1 41  ? 11.311  1.549   -11.244 1.00 27.03 ? 39  PHE X CG  1 
ATOM   277  C CD1 . PHE A 1 41  ? 10.736  2.545   -10.459 1.00 26.69 ? 39  PHE X CD1 1 
ATOM   278  C CD2 . PHE A 1 41  ? 11.420  0.264   -10.721 1.00 26.93 ? 39  PHE X CD2 1 
ATOM   279  C CE1 . PHE A 1 41  ? 10.275  2.268   -9.172  1.00 26.83 ? 39  PHE X CE1 1 
ATOM   280  C CE2 . PHE A 1 41  ? 10.966  -0.029  -9.433  1.00 26.86 ? 39  PHE X CE2 1 
ATOM   281  C CZ  . PHE A 1 41  ? 10.394  0.976   -8.656  1.00 27.24 ? 39  PHE X CZ  1 
ATOM   282  N N   . THR A 1 42  ? 10.613  3.848   -15.101 1.00 34.37 ? 40  THR X N   1 
ATOM   283  C CA  . THR A 1 42  ? 10.780  4.657   -16.307 1.00 36.98 ? 40  THR X CA  1 
ATOM   284  C C   . THR A 1 42  ? 12.113  5.401   -16.324 1.00 37.70 ? 40  THR X C   1 
ATOM   285  O O   . THR A 1 42  ? 12.900  5.246   -17.259 1.00 38.87 ? 40  THR X O   1 
ATOM   286  C CB  . THR A 1 42  ? 9.588   5.653   -16.501 1.00 37.98 ? 40  THR X CB  1 
ATOM   287  O OG1 . THR A 1 42  ? 9.927   6.634   -17.488 1.00 39.24 ? 40  THR X OG1 1 
ATOM   288  C CG2 . THR A 1 42  ? 9.235   6.373   -15.199 1.00 38.47 ? 40  THR X CG2 1 
ATOM   289  N N   . GLN A 1 43  ? 12.358  6.196   -15.282 1.00 38.31 ? 41  GLN X N   1 
ATOM   290  C CA  . GLN A 1 43  ? 13.553  7.034   -15.187 1.00 38.14 ? 41  GLN X CA  1 
ATOM   291  C C   . GLN A 1 43  ? 14.800  6.176   -15.000 1.00 37.60 ? 41  GLN X C   1 
ATOM   292  O O   . GLN A 1 43  ? 14.712  4.978   -14.686 1.00 37.23 ? 41  GLN X O   1 
ATOM   293  C CB  . GLN A 1 43  ? 13.459  8.022   -14.012 1.00 38.36 ? 41  GLN X CB  1 
ATOM   294  C CG  . GLN A 1 43  ? 12.094  8.666   -13.743 1.00 38.95 ? 41  GLN X CG  1 
ATOM   295  C CD  . GLN A 1 43  ? 11.973  9.205   -12.306 1.00 39.18 ? 41  GLN X CD  1 
ATOM   296  O OE1 . GLN A 1 43  ? 10.867  9.442   -11.805 1.00 39.56 ? 41  GLN X OE1 1 
ATOM   297  N NE2 . GLN A 1 43  ? 13.115  9.389   -11.638 1.00 39.47 ? 41  GLN X NE2 1 
ATOM   298  N N   . GLU A 1 44  ? 15.958  6.807   -15.182 1.00 36.78 ? 42  GLU X N   1 
ATOM   299  C CA  . GLU A 1 44  ? 17.239  6.147   -14.994 1.00 36.16 ? 42  GLU X CA  1 
ATOM   300  C C   . GLU A 1 44  ? 17.753  6.281   -13.550 1.00 35.83 ? 42  GLU X C   1 
ATOM   301  O O   . GLU A 1 44  ? 18.641  5.525   -13.136 1.00 36.46 ? 42  GLU X O   1 
ATOM   302  C CB  . GLU A 1 44  ? 18.265  6.690   -15.991 1.00 36.61 ? 42  GLU X CB  1 
ATOM   303  N N   . GLN A 1 45  ? 17.194  7.219   -12.783 1.00 33.93 ? 43  GLN X N   1 
ATOM   304  C CA  . GLN A 1 45  ? 17.700  7.490   -11.431 1.00 32.65 ? 43  GLN X CA  1 
ATOM   305  C C   . GLN A 1 45  ? 16.590  7.790   -10.422 1.00 30.16 ? 43  GLN X C   1 
ATOM   306  O O   . GLN A 1 45  ? 15.695  8.589   -10.694 1.00 29.81 ? 43  GLN X O   1 
ATOM   307  C CB  . GLN A 1 45  ? 18.709  8.646   -11.470 1.00 33.37 ? 43  GLN X CB  1 
ATOM   308  C CG  . GLN A 1 45  ? 19.829  8.525   -10.468 1.00 34.10 ? 43  GLN X CG  1 
ATOM   309  C CD  . GLN A 1 45  ? 20.922  9.567   -10.655 1.00 34.46 ? 43  GLN X CD  1 
ATOM   310  O OE1 . GLN A 1 45  ? 21.490  10.058  -9.680  1.00 35.01 ? 43  GLN X OE1 1 
ATOM   311  N NE2 . GLN A 1 45  ? 21.233  9.897   -11.909 1.00 35.19 ? 43  GLN X NE2 1 
ATOM   312  N N   . TYR A 1 46  ? 16.659  7.135   -9.263  1.00 27.49 ? 44  TYR X N   1 
ATOM   313  C CA  . TYR A 1 46  ? 15.696  7.329   -8.176  1.00 25.32 ? 44  TYR X CA  1 
ATOM   314  C C   . TYR A 1 46  ? 16.442  7.522   -6.855  1.00 24.21 ? 44  TYR X C   1 
ATOM   315  O O   . TYR A 1 46  ? 17.533  6.983   -6.671  1.00 24.39 ? 44  TYR X O   1 
ATOM   316  C CB  . TYR A 1 46  ? 14.733  6.133   -8.072  1.00 24.64 ? 44  TYR X CB  1 
ATOM   317  C CG  . TYR A 1 46  ? 13.826  5.969   -9.275  1.00 24.81 ? 44  TYR X CG  1 
ATOM   318  C CD1 . TYR A 1 46  ? 14.252  5.258   -10.401 1.00 24.32 ? 44  TYR X CD1 1 
ATOM   319  C CD2 . TYR A 1 46  ? 12.545  6.526   -9.290  1.00 24.32 ? 44  TYR X CD2 1 
ATOM   320  C CE1 . TYR A 1 46  ? 13.432  5.111   -11.510 1.00 24.32 ? 44  TYR X CE1 1 
ATOM   321  C CE2 . TYR A 1 46  ? 11.712  6.387   -10.403 1.00 24.48 ? 44  TYR X CE2 1 
ATOM   322  C CZ  . TYR A 1 46  ? 12.166  5.678   -11.508 1.00 24.54 ? 44  TYR X CZ  1 
ATOM   323  O OH  . TYR A 1 46  ? 11.360  5.525   -12.619 1.00 24.68 ? 44  TYR X OH  1 
ATOM   324  N N   . PRO A 1 47  ? 15.853  8.288   -5.925  1.00 23.28 ? 45  PRO X N   1 
ATOM   325  C CA  . PRO A 1 47  ? 16.472  8.518   -4.616  1.00 22.74 ? 45  PRO X CA  1 
ATOM   326  C C   . PRO A 1 47  ? 16.303  7.366   -3.613  1.00 21.93 ? 45  PRO X C   1 
ATOM   327  O O   . PRO A 1 47  ? 16.740  7.481   -2.470  1.00 22.37 ? 45  PRO X O   1 
ATOM   328  C CB  . PRO A 1 47  ? 15.743  9.756   -4.115  1.00 22.57 ? 45  PRO X CB  1 
ATOM   329  C CG  . PRO A 1 47  ? 14.395  9.650   -4.712  1.00 22.80 ? 45  PRO X CG  1 
ATOM   330  C CD  . PRO A 1 47  ? 14.575  9.012   -6.061  1.00 22.71 ? 45  PRO X CD  1 
ATOM   331  N N   . PHE A 1 48  ? 15.643  6.290   -4.029  1.00 20.88 ? 46  PHE X N   1 
ATOM   332  C CA  . PHE A 1 48  ? 15.504  5.088   -3.197  1.00 19.64 ? 46  PHE X CA  1 
ATOM   333  C C   . PHE A 1 48  ? 15.991  3.891   -3.998  1.00 18.96 ? 46  PHE X C   1 
ATOM   334  O O   . PHE A 1 48  ? 16.093  3.967   -5.225  1.00 18.01 ? 46  PHE X O   1 
ATOM   335  C CB  . PHE A 1 48  ? 14.043  4.885   -2.763  1.00 19.54 ? 46  PHE X CB  1 
ATOM   336  C CG  . PHE A 1 48  ? 13.042  5.080   -3.872  1.00 19.63 ? 46  PHE X CG  1 
ATOM   337  C CD1 . PHE A 1 48  ? 12.744  4.047   -4.751  1.00 20.08 ? 46  PHE X CD1 1 
ATOM   338  C CD2 . PHE A 1 48  ? 12.400  6.311   -4.043  1.00 19.86 ? 46  PHE X CD2 1 
ATOM   339  C CE1 . PHE A 1 48  ? 11.828  4.230   -5.784  1.00 19.88 ? 46  PHE X CE1 1 
ATOM   340  C CE2 . PHE A 1 48  ? 11.483  6.500   -5.066  1.00 19.55 ? 46  PHE X CE2 1 
ATOM   341  C CZ  . PHE A 1 48  ? 11.194  5.461   -5.935  1.00 19.96 ? 46  PHE X CZ  1 
ATOM   342  N N   . ALA A 1 49  ? 16.288  2.786   -3.318  1.00 18.05 ? 47  ALA X N   1 
ATOM   343  C CA  . ALA A 1 49  ? 16.636  1.555   -4.017  1.00 18.11 ? 47  ALA X CA  1 
ATOM   344  C C   . ALA A 1 49  ? 15.386  1.090   -4.760  1.00 18.37 ? 47  ALA X C   1 
ATOM   345  O O   . ALA A 1 49  ? 14.274  1.209   -4.234  1.00 18.29 ? 47  ALA X O   1 
ATOM   346  C CB  . ALA A 1 49  ? 17.118  0.492   -3.026  1.00 18.15 ? 47  ALA X CB  1 
ATOM   347  N N   . THR A 1 50  ? 15.556  0.614   -5.991  1.00 18.50 ? 48  THR X N   1 
ATOM   348  C CA  . THR A 1 50  ? 14.412  0.189   -6.818  1.00 18.75 ? 48  THR X CA  1 
ATOM   349  C C   . THR A 1 50  ? 14.478  -1.309  -7.096  1.00 18.41 ? 48  THR X C   1 
ATOM   350  O O   . THR A 1 50  ? 15.552  -1.855  -7.349  1.00 17.04 ? 48  THR X O   1 
ATOM   351  C CB  . THR A 1 50  ? 14.346  0.939   -8.183  1.00 19.55 ? 48  THR X CB  1 
ATOM   352  O OG1 . THR A 1 50  ? 15.570  0.749   -8.896  1.00 20.16 ? 48  THR X OG1 1 
ATOM   353  C CG2 . THR A 1 50  ? 14.119  2.426   -7.990  1.00 19.52 ? 48  THR X CG2 1 
ATOM   354  N N   . GLU A 1 51  ? 13.322  -1.960  -7.030  1.00 17.85 ? 49  GLU X N   1 
ATOM   355  C CA  . GLU A 1 51  ? 13.184  -3.363  -7.398  1.00 17.59 ? 49  GLU X CA  1 
ATOM   356  C C   . GLU A 1 51  ? 12.011  -3.489  -8.347  1.00 16.97 ? 49  GLU X C   1 
ATOM   357  O O   . GLU A 1 51  ? 10.878  -3.144  -7.983  1.00 16.39 ? 49  GLU X O   1 
ATOM   358  C CB  . GLU A 1 51  ? 12.925  -4.224  -6.158  1.00 18.02 ? 49  GLU X CB  1 
ATOM   359  C CG  . GLU A 1 51  ? 14.138  -4.411  -5.260  1.00 19.45 ? 49  GLU X CG  1 
ATOM   360  C CD  . GLU A 1 51  ? 15.154  -5.369  -5.835  1.00 20.19 ? 49  GLU X CD  1 
ATOM   361  O OE1 . GLU A 1 51  ? 14.848  -6.046  -6.845  1.00 21.03 ? 49  GLU X OE1 1 
ATOM   362  O OE2 . GLU A 1 51  ? 16.264  -5.458  -5.266  1.00 20.77 ? 49  GLU X OE2 1 
ATOM   363  N N   . VAL A 1 52  ? 12.271  -3.944  -9.570  1.00 16.60 ? 50  VAL X N   1 
ATOM   364  C CA  . VAL A 1 52  ? 11.173  -4.223  -10.481 1.00 17.31 ? 50  VAL X CA  1 
ATOM   365  C C   . VAL A 1 52  ? 10.409  -5.415  -9.896  1.00 17.66 ? 50  VAL X C   1 
ATOM   366  O O   . VAL A 1 52  ? 10.972  -6.490  -9.659  1.00 17.60 ? 50  VAL X O   1 
ATOM   367  C CB  . VAL A 1 52  ? 11.626  -4.479  -11.943 1.00 17.92 ? 50  VAL X CB  1 
ATOM   368  C CG1 . VAL A 1 52  ? 10.448  -4.959  -12.792 1.00 17.97 ? 50  VAL X CG1 1 
ATOM   369  C CG2 . VAL A 1 52  ? 12.211  -3.208  -12.556 1.00 18.23 ? 50  VAL X CG2 1 
ATOM   370  N N   . MET A 1 53  ? 9.131   -5.186  -9.621  1.00 17.67 ? 51  MET X N   1 
ATOM   371  C CA  . MET A 1 53  ? 8.265   -6.206  -9.053  1.00 17.21 ? 51  MET X CA  1 
ATOM   372  C C   . MET A 1 53  ? 6.831   -5.781  -9.264  1.00 17.62 ? 51  MET X C   1 
ATOM   373  O O   . MET A 1 53  ? 6.356   -4.827  -8.640  1.00 18.24 ? 51  MET X O   1 
ATOM   374  C CB  . MET A 1 53  ? 8.557   -6.398  -7.565  1.00 17.32 ? 51  MET X CB  1 
ATOM   375  C CG  . MET A 1 53  ? 7.865   -7.597  -6.937  1.00 17.23 ? 51  MET X CG  1 
ATOM   376  S SD  . MET A 1 53  ? 8.121   -7.661  -5.156  1.00 17.81 ? 51  MET X SD  1 
ATOM   377  C CE  . MET A 1 53  ? 6.798   -6.573  -4.603  1.00 17.52 ? 51  MET X CE  1 
ATOM   378  N N   . ASP A 1 54  ? 6.150   -6.481  -10.162 1.00 17.37 ? 52  ASP X N   1 
ATOM   379  C CA  . ASP A 1 54  ? 4.720   -6.296  -10.348 1.00 17.23 ? 52  ASP X CA  1 
ATOM   380  C C   . ASP A 1 54  ? 4.003   -7.046  -9.243  1.00 16.93 ? 52  ASP X C   1 
ATOM   381  O O   . ASP A 1 54  ? 4.056   -8.288  -9.190  1.00 16.50 ? 52  ASP X O   1 
ATOM   382  C CB  . ASP A 1 54  ? 4.281   -6.838  -11.710 1.00 16.63 ? 52  ASP X CB  1 
ATOM   383  C CG  . ASP A 1 54  ? 2.850   -6.475  -12.051 1.00 16.76 ? 52  ASP X CG  1 
ATOM   384  O OD1 . ASP A 1 54  ? 2.134   -5.902  -11.206 1.00 16.63 ? 52  ASP X OD1 1 
ATOM   385  O OD2 . ASP A 1 54  ? 2.442   -6.749  -13.186 1.00 17.23 ? 52  ASP X OD2 1 
ATOM   386  N N   . VAL A 1 55  ? 3.336   -6.293  -8.366  1.00 16.19 ? 53  VAL X N   1 
ATOM   387  C CA  . VAL A 1 55  ? 2.568   -6.864  -7.254  1.00 16.01 ? 53  VAL X CA  1 
ATOM   388  C C   . VAL A 1 55  ? 1.536   -7.921  -7.705  1.00 15.62 ? 53  VAL X C   1 
ATOM   389  O O   . VAL A 1 55  ? 1.260   -8.884  -6.979  1.00 14.83 ? 53  VAL X O   1 
ATOM   390  C CB  . VAL A 1 55  ? 1.883   -5.762  -6.391  1.00 16.38 ? 53  VAL X CB  1 
ATOM   391  C CG1 . VAL A 1 55  ? 2.933   -4.850  -5.735  1.00 16.59 ? 53  VAL X CG1 1 
ATOM   392  C CG2 . VAL A 1 55  ? 0.930   -4.933  -7.220  1.00 16.01 ? 53  VAL X CG2 1 
ATOM   393  N N   . ALA A 1 56  ? 0.995   -7.747  -8.911  1.00 15.86 ? 54  ALA X N   1 
ATOM   394  C CA  . ALA A 1 56  ? 0.003   -8.672  -9.467  1.00 15.78 ? 54  ALA X CA  1 
ATOM   395  C C   . ALA A 1 56  ? 0.585   -10.043 -9.857  1.00 16.44 ? 54  ALA X C   1 
ATOM   396  O O   . ALA A 1 56  ? -0.159  -11.024 -9.990  1.00 16.78 ? 54  ALA X O   1 
ATOM   397  C CB  . ALA A 1 56  ? -0.708  -8.026  -10.664 1.00 15.50 ? 54  ALA X CB  1 
ATOM   398  N N   . ASP A 1 57  ? 1.909   -10.097 -10.016 1.00 15.79 ? 55  ASP X N   1 
ATOM   399  C CA  . ASP A 1 57  ? 2.647   -11.294 -10.447 1.00 15.32 ? 55  ASP X CA  1 
ATOM   400  C C   . ASP A 1 57  ? 3.153   -12.051 -9.217  1.00 15.16 ? 55  ASP X C   1 
ATOM   401  O O   . ASP A 1 57  ? 4.214   -11.724 -8.667  1.00 14.97 ? 55  ASP X O   1 
ATOM   402  C CB  . ASP A 1 57  ? 3.823   -10.858 -11.336 1.00 15.21 ? 55  ASP X CB  1 
ATOM   403  C CG  . ASP A 1 57  ? 4.556   -12.025 -12.013 1.00 15.84 ? 55  ASP X CG  1 
ATOM   404  O OD1 . ASP A 1 57  ? 4.459   -13.199 -11.587 1.00 16.25 ? 55  ASP X OD1 1 
ATOM   405  O OD2 . ASP A 1 57  ? 5.258   -11.744 -12.999 1.00 14.83 ? 55  ASP X OD2 1 
ATOM   406  N N   . ALA A 1 58  ? 2.400   -13.064 -8.793  1.00 14.29 ? 56  ALA X N   1 
ATOM   407  C CA  . ALA A 1 58  ? 2.709   -13.787 -7.554  1.00 14.39 ? 56  ALA X CA  1 
ATOM   408  C C   . ALA A 1 58  ? 4.112   -14.412 -7.523  1.00 14.51 ? 56  ALA X C   1 
ATOM   409  O O   . ALA A 1 58  ? 4.823   -14.314 -6.515  1.00 15.18 ? 56  ALA X O   1 
ATOM   410  C CB  . ALA A 1 58  ? 1.641   -14.839 -7.272  1.00 14.06 ? 56  ALA X CB  1 
ATOM   411  N N   . ALA A 1 59  ? 4.512   -15.042 -8.629  1.00 14.58 ? 57  ALA X N   1 
ATOM   412  C CA  . ALA A 1 59  ? 5.816   -15.720 -8.706  1.00 14.69 ? 57  ALA X CA  1 
ATOM   413  C C   . ALA A 1 59  ? 6.971   -14.733 -8.631  1.00 14.84 ? 57  ALA X C   1 
ATOM   414  O O   . ALA A 1 59  ? 8.003   -15.012 -8.016  1.00 15.81 ? 57  ALA X O   1 
ATOM   415  C CB  . ALA A 1 59  ? 5.911   -16.552 -9.984  1.00 14.49 ? 57  ALA X CB  1 
ATOM   416  N N   . GLN A 1 60  ? 6.807   -13.586 -9.275  1.00 14.72 ? 58  GLN X N   1 
ATOM   417  C CA  . GLN A 1 60  ? 7.820   -12.534 -9.220  1.00 15.13 ? 58  GLN X CA  1 
ATOM   418  C C   . GLN A 1 60  ? 7.927   -11.938 -7.823  1.00 14.97 ? 58  GLN X C   1 
ATOM   419  O O   . GLN A 1 60  ? 9.028   -11.727 -7.317  1.00 16.02 ? 58  GLN X O   1 
ATOM   420  C CB  . GLN A 1 60  ? 7.517   -11.436 -10.242 1.00 14.49 ? 58  GLN X CB  1 
ATOM   421  C CG  . GLN A 1 60  ? 8.620   -10.380 -10.350 1.00 14.19 ? 58  GLN X CG  1 
ATOM   422  C CD  . GLN A 1 60  ? 8.401   -9.478  -11.526 1.00 14.68 ? 58  GLN X CD  1 
ATOM   423  O OE1 . GLN A 1 60  ? 7.589   -8.549  -11.471 1.00 14.94 ? 58  GLN X OE1 1 
ATOM   424  N NE2 . GLN A 1 60  ? 9.114   -9.750  -12.618 1.00 14.92 ? 58  GLN X NE2 1 
ATOM   425  N N   . VAL A 1 61  ? 6.777   -11.674 -7.200  1.00 15.33 ? 59  VAL X N   1 
ATOM   426  C CA  . VAL A 1 61  ? 6.737   -11.144 -5.844  1.00 15.45 ? 59  VAL X CA  1 
ATOM   427  C C   . VAL A 1 61  ? 7.449   -12.136 -4.925  1.00 16.23 ? 59  VAL X C   1 
ATOM   428  O O   . VAL A 1 61  ? 8.255   -11.736 -4.079  1.00 16.84 ? 59  VAL X O   1 
ATOM   429  C CB  . VAL A 1 61  ? 5.267   -10.840 -5.373  1.00 14.96 ? 59  VAL X CB  1 
ATOM   430  C CG1 . VAL A 1 61  ? 5.210   -10.476 -3.896  1.00 14.58 ? 59  VAL X CG1 1 
ATOM   431  C CG2 . VAL A 1 61  ? 4.662   -9.702  -6.184  1.00 14.84 ? 59  VAL X CG2 1 
ATOM   432  N N   . ALA A 1 62  ? 7.170   -13.426 -5.118  1.00 17.00 ? 60  ALA X N   1 
ATOM   433  C CA  . ALA A 1 62  ? 7.843   -14.499 -4.375  1.00 17.82 ? 60  ALA X CA  1 
ATOM   434  C C   . ALA A 1 62  ? 9.368   -14.409 -4.480  1.00 18.09 ? 60  ALA X C   1 
ATOM   435  O O   . ALA A 1 62  ? 10.055  -14.326 -3.464  1.00 17.95 ? 60  ALA X O   1 
ATOM   436  C CB  . ALA A 1 62  ? 7.355   -15.877 -4.845  1.00 17.96 ? 60  ALA X CB  1 
ATOM   437  N N   . GLN A 1 63  ? 9.890   -14.416 -5.707  1.00 19.35 ? 61  GLN X N   1 
ATOM   438  C CA  . GLN A 1 63  ? 11.340  -14.372 -5.922  1.00 19.71 ? 61  GLN X CA  1 
ATOM   439  C C   . GLN A 1 63  ? 11.991  -13.129 -5.311  1.00 18.20 ? 61  GLN X C   1 
ATOM   440  O O   . GLN A 1 63  ? 12.982  -13.237 -4.595  1.00 17.61 ? 61  GLN X O   1 
ATOM   441  C CB  . GLN A 1 63  ? 11.685  -14.464 -7.414  1.00 21.42 ? 61  GLN X CB  1 
ATOM   442  C CG  . GLN A 1 63  ? 11.453  -15.837 -8.027  1.00 23.79 ? 61  GLN X CG  1 
ATOM   443  C CD  . GLN A 1 63  ? 12.383  -16.109 -9.194  1.00 25.26 ? 61  GLN X CD  1 
ATOM   444  O OE1 . GLN A 1 63  ? 11.949  -16.176 -10.343 1.00 26.95 ? 61  GLN X OE1 1 
ATOM   445  N NE2 . GLN A 1 63  ? 13.675  -16.246 -8.907  1.00 25.45 ? 61  GLN X NE2 1 
ATOM   446  N N   . VAL A 1 64  ? 11.427  -11.955 -5.594  1.00 17.53 ? 62  VAL X N   1 
ATOM   447  C CA  . VAL A 1 64  ? 12.021  -10.694 -5.146  1.00 17.12 ? 62  VAL X CA  1 
ATOM   448  C C   . VAL A 1 64  ? 11.992  -10.580 -3.626  1.00 17.76 ? 62  VAL X C   1 
ATOM   449  O O   . VAL A 1 64  ? 13.033  -10.350 -3.004  1.00 17.40 ? 62  VAL X O   1 
ATOM   450  C CB  . VAL A 1 64  ? 11.369  -9.445  -5.825  1.00 17.43 ? 62  VAL X CB  1 
ATOM   451  C CG1 . VAL A 1 64  ? 11.935  -8.145  -5.241  1.00 17.08 ? 62  VAL X CG1 1 
ATOM   452  C CG2 . VAL A 1 64  ? 11.601  -9.478  -7.323  1.00 16.34 ? 62  VAL X CG2 1 
ATOM   453  N N   . CYS A 1 65  ? 10.807  -10.750 -3.032  1.00 18.05 ? 63  CYS X N   1 
ATOM   454  C CA  . CYS A 1 65  ? 10.663  -10.665 -1.577  1.00 18.36 ? 63  CYS X CA  1 
ATOM   455  C C   . CYS A 1 65  ? 11.532  -11.674 -0.836  1.00 19.25 ? 63  CYS X C   1 
ATOM   456  O O   . CYS A 1 65  ? 12.144  -11.334 0.172   1.00 19.10 ? 63  CYS X O   1 
ATOM   457  C CB  . CYS A 1 65  ? 9.202   -10.827 -1.143  1.00 17.83 ? 63  CYS X CB  1 
ATOM   458  S SG  . CYS A 1 65  ? 8.185   -9.427  -1.626  1.00 17.43 ? 63  CYS X SG  1 
ATOM   459  N N   . GLN A 1 66  ? 11.576  -12.907 -1.331  1.00 19.64 ? 64  GLN X N   1 
ATOM   460  C CA  . GLN A 1 66  ? 12.370  -13.947 -0.687  1.00 20.89 ? 64  GLN X CA  1 
ATOM   461  C C   . GLN A 1 66  ? 13.867  -13.605 -0.677  1.00 20.49 ? 64  GLN X C   1 
ATOM   462  O O   . GLN A 1 66  ? 14.543  -13.826 0.334   1.00 21.06 ? 64  GLN X O   1 
ATOM   463  C CB  . GLN A 1 66  ? 12.068  -15.332 -1.289  1.00 21.14 ? 64  GLN X CB  1 
ATOM   464  C CG  . GLN A 1 66  ? 10.767  -15.936 -0.722  1.00 21.98 ? 64  GLN X CG  1 
ATOM   465  C CD  . GLN A 1 66  ? 10.165  -17.066 -1.563  1.00 23.17 ? 64  GLN X CD  1 
ATOM   466  O OE1 . GLN A 1 66  ? 8.936   -17.193 -1.663  1.00 24.74 ? 64  GLN X OE1 1 
ATOM   467  N NE2 . GLN A 1 66  ? 11.014  -17.889 -2.156  1.00 23.29 ? 64  GLN X NE2 1 
ATOM   468  N N   . ARG A 1 67  ? 14.366  -13.034 -1.775  1.00 20.19 ? 65  ARG X N   1 
ATOM   469  C CA  . ARG A 1 67  ? 15.763  -12.595 -1.850  1.00 20.57 ? 65  ARG X CA  1 
ATOM   470  C C   . ARG A 1 67  ? 16.021  -11.468 -0.861  1.00 20.33 ? 65  ARG X C   1 
ATOM   471  O O   . ARG A 1 67  ? 16.963  -11.535 -0.073  1.00 20.73 ? 65  ARG X O   1 
ATOM   472  C CB  . ARG A 1 67  ? 16.148  -12.137 -3.267  1.00 20.41 ? 65  ARG X CB  1 
ATOM   473  C CG  . ARG A 1 67  ? 17.457  -11.318 -3.309  1.00 21.08 ? 65  ARG X CG  1 
ATOM   474  C CD  . ARG A 1 67  ? 17.966  -11.019 -4.723  1.00 21.81 ? 65  ARG X CD  1 
ATOM   475  N NE  . ARG A 1 67  ? 16.929  -10.494 -5.614  1.00 22.31 ? 65  ARG X NE  1 
ATOM   476  C CZ  . ARG A 1 67  ? 16.574  -9.216  -5.726  1.00 22.15 ? 65  ARG X CZ  1 
ATOM   477  N NH1 . ARG A 1 67  ? 17.170  -8.270  -5.008  1.00 21.87 ? 65  ARG X NH1 1 
ATOM   478  N NH2 . ARG A 1 67  ? 15.618  -8.884  -6.580  1.00 22.44 ? 65  ARG X NH2 1 
ATOM   479  N N   . LEU A 1 68  ? 15.174  -10.441 -0.906  1.00 19.74 ? 66  LEU X N   1 
ATOM   480  C CA  . LEU A 1 68  ? 15.319  -9.273  -0.036  1.00 20.18 ? 66  LEU X CA  1 
ATOM   481  C C   . LEU A 1 68  ? 15.199  -9.601  1.459   1.00 20.35 ? 66  LEU X C   1 
ATOM   482  O O   . LEU A 1 68  ? 15.976  -9.093  2.276   1.00 19.48 ? 66  LEU X O   1 
ATOM   483  C CB  . LEU A 1 68  ? 14.330  -8.166  -0.448  1.00 20.09 ? 66  LEU X CB  1 
ATOM   484  C CG  . LEU A 1 68  ? 14.573  -7.480  -1.804  1.00 19.93 ? 66  LEU X CG  1 
ATOM   485  C CD1 . LEU A 1 68  ? 13.467  -6.475  -2.088  1.00 19.83 ? 66  LEU X CD1 1 
ATOM   486  C CD2 . LEU A 1 68  ? 15.945  -6.798  -1.873  1.00 20.44 ? 66  LEU X CD2 1 
ATOM   487  N N   . LEU A 1 69  ? 14.248  -10.459 1.818   1.00 21.18 ? 67  LEU X N   1 
ATOM   488  C CA  . LEU A 1 69  ? 14.046  -10.794 3.232   1.00 22.68 ? 67  LEU X CA  1 
ATOM   489  C C   . LEU A 1 69  ? 15.209  -11.576 3.862   1.00 23.98 ? 67  LEU X C   1 
ATOM   490  O O   . LEU A 1 69  ? 15.486  -11.435 5.063   1.00 23.61 ? 67  LEU X O   1 
ATOM   491  C CB  . LEU A 1 69  ? 12.695  -11.480 3.463   1.00 21.82 ? 67  LEU X CB  1 
ATOM   492  C CG  . LEU A 1 69  ? 11.481  -10.562 3.262   1.00 21.95 ? 67  LEU X CG  1 
ATOM   493  C CD1 . LEU A 1 69  ? 10.200  -11.366 3.314   1.00 21.62 ? 67  LEU X CD1 1 
ATOM   494  C CD2 . LEU A 1 69  ? 11.441  -9.424  4.290   1.00 21.62 ? 67  LEU X CD2 1 
ATOM   495  N N   . ALA A 1 70  ? 15.900  -12.368 3.041   1.00 25.73 ? 68  ALA X N   1 
ATOM   496  C CA  . ALA A 1 70  ? 17.098  -13.096 3.467   1.00 27.86 ? 68  ALA X CA  1 
ATOM   497  C C   . ALA A 1 70  ? 18.246  -12.162 3.880   1.00 29.39 ? 68  ALA X C   1 
ATOM   498  O O   . ALA A 1 70  ? 19.125  -12.561 4.648   1.00 29.82 ? 68  ALA X O   1 
ATOM   499  C CB  . ALA A 1 70  ? 17.554  -14.074 2.369   1.00 27.43 ? 68  ALA X CB  1 
ATOM   500  N N   . GLU A 1 71  ? 18.215  -10.924 3.387   1.00 30.85 ? 69  GLU X N   1 
ATOM   501  C CA  . GLU A 1 71  ? 19.269  -9.937  3.644   1.00 33.23 ? 69  GLU X CA  1 
ATOM   502  C C   . GLU A 1 71  ? 18.885  -8.885  4.697   1.00 33.28 ? 69  GLU X C   1 
ATOM   503  O O   . GLU A 1 71  ? 19.752  -8.170  5.196   1.00 33.88 ? 69  GLU X O   1 
ATOM   504  C CB  . GLU A 1 71  ? 19.670  -9.232  2.338   1.00 33.69 ? 69  GLU X CB  1 
ATOM   505  C CG  . GLU A 1 71  ? 20.247  -10.157 1.260   1.00 35.47 ? 69  GLU X CG  1 
ATOM   506  C CD  . GLU A 1 71  ? 20.117  -9.595  -0.160  1.00 35.86 ? 69  GLU X CD  1 
ATOM   507  O OE1 . GLU A 1 71  ? 19.743  -8.408  -0.320  1.00 37.19 ? 69  GLU X OE1 1 
ATOM   508  O OE2 . GLU A 1 71  ? 20.398  -10.347 -1.124  1.00 37.31 ? 69  GLU X OE2 1 
ATOM   509  N N   . THR A 1 72  ? 17.600  -8.785  5.028   1.00 33.09 ? 70  THR X N   1 
ATOM   510  C CA  . THR A 1 72  ? 17.127  -7.757  5.972   1.00 33.97 ? 70  THR X CA  1 
ATOM   511  C C   . THR A 1 72  ? 16.768  -8.306  7.357   1.00 33.08 ? 70  THR X C   1 
ATOM   512  O O   . THR A 1 72  ? 16.117  -9.344  7.478   1.00 32.97 ? 70  THR X O   1 
ATOM   513  C CB  . THR A 1 72  ? 15.937  -6.934  5.403   1.00 34.65 ? 70  THR X CB  1 
ATOM   514  O OG1 . THR A 1 72  ? 15.565  -5.911  6.341   1.00 35.91 ? 70  THR X OG1 1 
ATOM   515  C CG2 . THR A 1 72  ? 14.736  -7.813  5.144   1.00 34.51 ? 70  THR X CG2 1 
ATOM   516  N N   . GLU A 1 73  ? 17.204  -7.597  8.394   1.00 32.31 ? 71  GLU X N   1 
ATOM   517  C CA  . GLU A 1 73  ? 16.928  -7.998  9.772   1.00 32.31 ? 71  GLU X CA  1 
ATOM   518  C C   . GLU A 1 73  ? 15.507  -7.630  10.205  1.00 30.64 ? 71  GLU X C   1 
ATOM   519  O O   . GLU A 1 73  ? 14.876  -8.367  10.955  1.00 30.73 ? 71  GLU X O   1 
ATOM   520  C CB  . GLU A 1 73  ? 17.981  -7.446  10.749  1.00 32.76 ? 71  GLU X CB  1 
ATOM   521  C CG  . GLU A 1 73  ? 18.244  -5.938  10.665  1.00 33.95 ? 71  GLU X CG  1 
ATOM   522  C CD  . GLU A 1 73  ? 19.282  -5.454  11.681  1.00 34.29 ? 71  GLU X CD  1 
ATOM   523  O OE1 . GLU A 1 73  ? 19.415  -6.088  12.751  1.00 34.32 ? 71  GLU X OE1 1 
ATOM   524  O OE2 . GLU A 1 73  ? 19.959  -4.434  11.409  1.00 35.43 ? 71  GLU X OE2 1 
ATOM   525  N N   . ARG A 1 74  ? 15.004  -6.491  9.736   1.00 29.04 ? 72  ARG X N   1 
ATOM   526  C CA  . ARG A 1 74  ? 13.602  -6.158  9.966   1.00 27.18 ? 72  ARG X CA  1 
ATOM   527  C C   . ARG A 1 74  ? 12.980  -5.205  8.958   1.00 25.25 ? 72  ARG X C   1 
ATOM   528  O O   . ARG A 1 74  ? 13.662  -4.365  8.365   1.00 24.62 ? 72  ARG X O   1 
ATOM   529  C CB  . ARG A 1 74  ? 13.319  -5.740  11.428  1.00 28.03 ? 72  ARG X CB  1 
ATOM   530  C CG  . ARG A 1 74  ? 13.755  -4.380  11.875  1.00 28.18 ? 72  ARG X CG  1 
ATOM   531  C CD  . ARG A 1 74  ? 13.348  -4.167  13.353  1.00 28.01 ? 72  ARG X CD  1 
ATOM   532  N NE  . ARG A 1 74  ? 11.981  -3.661  13.513  1.00 28.35 ? 72  ARG X NE  1 
ATOM   533  C CZ  . ARG A 1 74  ? 10.998  -4.282  14.166  1.00 28.87 ? 72  ARG X CZ  1 
ATOM   534  N NH1 . ARG A 1 74  ? 11.199  -5.459  14.751  1.00 28.63 ? 72  ARG X NH1 1 
ATOM   535  N NH2 . ARG A 1 74  ? 9.800   -3.712  14.247  1.00 29.19 ? 72  ARG X NH2 1 
ATOM   536  N N   . LEU A 1 75  ? 11.683  -5.400  8.740   1.00 23.21 ? 73  LEU X N   1 
ATOM   537  C CA  . LEU A 1 75  ? 10.889  -4.555  7.866   1.00 21.96 ? 73  LEU X CA  1 
ATOM   538  C C   . LEU A 1 75  ? 10.006  -3.663  8.726   1.00 21.51 ? 73  LEU X C   1 
ATOM   539  O O   . LEU A 1 75  ? 8.958   -4.086  9.219   1.00 21.17 ? 73  LEU X O   1 
ATOM   540  C CB  . LEU A 1 75  ? 10.067  -5.420  6.902   1.00 22.06 ? 73  LEU X CB  1 
ATOM   541  C CG  . LEU A 1 75  ? 9.164   -4.724  5.886   1.00 21.34 ? 73  LEU X CG  1 
ATOM   542  C CD1 . LEU A 1 75  ? 9.963   -3.734  5.034   1.00 21.54 ? 73  LEU X CD1 1 
ATOM   543  C CD2 . LEU A 1 75  ? 8.447   -5.752  5.023   1.00 21.62 ? 73  LEU X CD2 1 
ATOM   544  N N   . ASP A 1 76  ? 10.462  -2.432  8.929   1.00 20.39 ? 74  ASP X N   1 
ATOM   545  C CA  . ASP A 1 76  ? 9.822   -1.512  9.848   1.00 19.65 ? 74  ASP X CA  1 
ATOM   546  C C   . ASP A 1 76  ? 8.481   -1.011  9.335   1.00 19.11 ? 74  ASP X C   1 
ATOM   547  O O   . ASP A 1 76  ? 7.542   -0.841  10.118  1.00 19.34 ? 74  ASP X O   1 
ATOM   548  C CB  . ASP A 1 76  ? 10.760  -0.347  10.161  1.00 19.92 ? 74  ASP X CB  1 
ATOM   549  C CG  . ASP A 1 76  ? 11.989  -0.799  10.913  1.00 20.77 ? 74  ASP X CG  1 
ATOM   550  O OD1 . ASP A 1 76  ? 11.847  -1.160  12.106  1.00 20.83 ? 74  ASP X OD1 1 
ATOM   551  O OD2 . ASP A 1 76  ? 13.082  -0.828  10.300  1.00 20.02 ? 74  ASP X OD2 1 
ATOM   552  N N   . ALA A 1 77  ? 8.398   -0.774  8.027   1.00 18.01 ? 75  ALA X N   1 
ATOM   553  C CA  . ALA A 1 77  ? 7.141   -0.378  7.409   1.00 17.16 ? 75  ALA X CA  1 
ATOM   554  C C   . ALA A 1 77  ? 6.948   -0.904  5.996   1.00 16.22 ? 75  ALA X C   1 
ATOM   555  O O   . ALA A 1 77  ? 7.852   -0.836  5.156   1.00 16.03 ? 75  ALA X O   1 
ATOM   556  C CB  . ALA A 1 77  ? 6.952   1.142   7.461   1.00 16.37 ? 75  ALA X CB  1 
ATOM   557  N N   . LEU A 1 78  ? 5.756   -1.446  5.753   1.00 15.85 ? 76  LEU X N   1 
ATOM   558  C CA  . LEU A 1 78  ? 5.322   -1.811  4.411   1.00 15.14 ? 76  LEU X CA  1 
ATOM   559  C C   . LEU A 1 78  ? 4.171   -0.903  4.004   1.00 14.91 ? 76  LEU X C   1 
ATOM   560  O O   . LEU A 1 78  ? 3.166   -0.817  4.711   1.00 13.93 ? 76  LEU X O   1 
ATOM   561  C CB  . LEU A 1 78  ? 4.868   -3.277  4.346   1.00 14.87 ? 76  LEU X CB  1 
ATOM   562  C CG  . LEU A 1 78  ? 4.178   -3.717  3.045   1.00 15.57 ? 76  LEU X CG  1 
ATOM   563  C CD1 . LEU A 1 78  ? 5.162   -3.670  1.837   1.00 15.71 ? 76  LEU X CD1 1 
ATOM   564  C CD2 . LEU A 1 78  ? 3.531   -5.103  3.203   1.00 15.03 ? 76  LEU X CD2 1 
ATOM   565  N N   . VAL A 1 79  ? 4.328   -0.234  2.868   1.00 14.37 ? 77  VAL X N   1 
ATOM   566  C CA  . VAL A 1 79  ? 3.261   0.570   2.301   1.00 15.31 ? 77  VAL X CA  1 
ATOM   567  C C   . VAL A 1 79  ? 2.826   -0.075  0.981   1.00 15.31 ? 77  VAL X C   1 
ATOM   568  O O   . VAL A 1 79  ? 3.625   -0.198  0.044   1.00 14.64 ? 77  VAL X O   1 
ATOM   569  C CB  . VAL A 1 79  ? 3.688   2.052   2.074   1.00 15.98 ? 77  VAL X CB  1 
ATOM   570  C CG1 . VAL A 1 79  ? 2.526   2.875   1.489   1.00 15.74 ? 77  VAL X CG1 1 
ATOM   571  C CG2 . VAL A 1 79  ? 4.200   2.680   3.370   1.00 16.25 ? 77  VAL X CG2 1 
ATOM   572  N N   . ASN A 1 80  ? 1.567   -0.506  0.936   1.00 15.14 ? 78  ASN X N   1 
ATOM   573  C CA  . ASN A 1 80  ? 0.930   -0.968  -0.294  1.00 15.41 ? 78  ASN X CA  1 
ATOM   574  C C   . ASN A 1 80  ? 0.308   0.243   -0.990  1.00 16.14 ? 78  ASN X C   1 
ATOM   575  O O   . ASN A 1 80  ? -0.737  0.747   -0.545  1.00 15.89 ? 78  ASN X O   1 
ATOM   576  C CB  . ASN A 1 80  ? -0.163  -2.006  0.015   1.00 15.02 ? 78  ASN X CB  1 
ATOM   577  C CG  . ASN A 1 80  ? 0.390   -3.300  0.598   1.00 15.64 ? 78  ASN X CG  1 
ATOM   578  O OD1 . ASN A 1 80  ? 1.248   -3.951  -0.001  1.00 15.39 ? 78  ASN X OD1 1 
ATOM   579  N ND2 . ASN A 1 80  ? -0.114  -3.684  1.766   1.00 15.74 ? 78  ASN X ND2 1 
ATOM   580  N N   . ALA A 1 81  ? 0.955   0.733   -2.052  1.00 15.75 ? 79  ALA X N   1 
ATOM   581  C CA  . ALA A 1 81  ? 0.415   1.885   -2.798  1.00 15.98 ? 79  ALA X CA  1 
ATOM   582  C C   . ALA A 1 81  ? 0.292   1.641   -4.310  1.00 16.40 ? 79  ALA X C   1 
ATOM   583  O O   . ALA A 1 81  ? 0.108   2.578   -5.097  1.00 15.75 ? 79  ALA X O   1 
ATOM   584  C CB  . ALA A 1 81  ? 1.210   3.152   -2.502  1.00 15.87 ? 79  ALA X CB  1 
ATOM   585  N N   . ALA A 1 82  ? 0.375   0.380   -4.713  1.00 16.74 ? 80  ALA X N   1 
ATOM   586  C CA  . ALA A 1 82  ? 0.164   0.040   -6.116  1.00 17.75 ? 80  ALA X CA  1 
ATOM   587  C C   . ALA A 1 82  ? -1.334  0.052   -6.377  1.00 18.53 ? 80  ALA X C   1 
ATOM   588  O O   . ALA A 1 82  ? -2.122  -0.287  -5.498  1.00 19.96 ? 80  ALA X O   1 
ATOM   589  C CB  . ALA A 1 82  ? 0.751   -1.322  -6.433  1.00 17.35 ? 80  ALA X CB  1 
ATOM   590  N N   . GLY A 1 83  ? -1.732  0.440   -7.580  1.00 18.13 ? 81  GLY X N   1 
ATOM   591  C CA  . GLY A 1 83  ? -3.140  0.383   -7.947  1.00 18.22 ? 81  GLY X CA  1 
ATOM   592  C C   . GLY A 1 83  ? -3.375  0.857   -9.364  1.00 18.29 ? 81  GLY X C   1 
ATOM   593  O O   . GLY A 1 83  ? -2.568  1.604   -9.907  1.00 18.01 ? 81  GLY X O   1 
ATOM   594  N N   . ILE A 1 84  ? -4.470  0.404   -9.965  1.00 18.27 ? 82  ILE X N   1 
ATOM   595  C CA  . ILE A 1 84  ? -4.898  0.917   -11.260 1.00 20.06 ? 82  ILE X CA  1 
ATOM   596  C C   . ILE A 1 84  ? -6.363  1.337   -11.214 1.00 20.03 ? 82  ILE X C   1 
ATOM   597  O O   . ILE A 1 84  ? -7.155  0.807   -10.426 1.00 20.72 ? 82  ILE X O   1 
ATOM   598  C CB  . ILE A 1 84  ? -4.659  -0.081  -12.440 1.00 20.75 ? 82  ILE X CB  1 
ATOM   599  C CG1 . ILE A 1 84  ? -5.411  -1.397  -12.229 1.00 21.24 ? 82  ILE X CG1 1 
ATOM   600  C CG2 . ILE A 1 84  ? -3.162  -0.312  -12.663 1.00 22.33 ? 82  ILE X CG2 1 
ATOM   601  C CD1 . ILE A 1 84  ? -5.612  -2.192  -13.529 1.00 21.32 ? 82  ILE X CD1 1 
ATOM   602  N N   . LEU A 1 85  ? -6.708  2.301   -12.055 1.00 19.94 ? 83  LEU X N   1 
ATOM   603  C CA  . LEU A 1 85  ? -8.064  2.818   -12.119 1.00 19.60 ? 83  LEU X CA  1 
ATOM   604  C C   . LEU A 1 85  ? -8.626  2.605   -13.524 1.00 20.32 ? 83  LEU X C   1 
ATOM   605  O O   . LEU A 1 85  ? -8.101  3.152   -14.500 1.00 19.53 ? 83  LEU X O   1 
ATOM   606  C CB  . LEU A 1 85  ? -8.068  4.307   -11.764 1.00 19.72 ? 83  LEU X CB  1 
ATOM   607  C CG  . LEU A 1 85  ? -9.336  5.124   -12.039 1.00 20.07 ? 83  LEU X CG  1 
ATOM   608  C CD1 . LEU A 1 85  ? -10.485 4.645   -11.162 1.00 19.79 ? 83  LEU X CD1 1 
ATOM   609  C CD2 . LEU A 1 85  ? -9.063  6.614   -11.819 1.00 19.82 ? 83  LEU X CD2 1 
ATOM   610  N N   . ARG A 1 86  ? -9.682  1.801   -13.617 1.00 20.15 ? 84  ARG X N   1 
ATOM   611  C CA  . ARG A 1 86  ? -10.391 1.595   -14.872 1.00 21.20 ? 84  ARG X CA  1 
ATOM   612  C C   . ARG A 1 86  ? -11.867 1.900   -14.658 1.00 21.30 ? 84  ARG X C   1 
ATOM   613  O O   . ARG A 1 86  ? -12.542 1.243   -13.865 1.00 21.33 ? 84  ARG X O   1 
ATOM   614  C CB  . ARG A 1 86  ? -10.204 0.163   -15.390 1.00 22.02 ? 84  ARG X CB  1 
ATOM   615  C CG  . ARG A 1 86  ? -8.765  -0.212  -15.713 1.00 23.65 ? 84  ARG X CG  1 
ATOM   616  C CD  . ARG A 1 86  ? -8.245  0.481   -16.983 1.00 24.48 ? 84  ARG X CD  1 
ATOM   617  N NE  . ARG A 1 86  ? -6.878  0.053   -17.260 1.00 26.40 ? 84  ARG X NE  1 
ATOM   618  C CZ  . ARG A 1 86  ? -5.784  0.668   -16.814 1.00 27.50 ? 84  ARG X CZ  1 
ATOM   619  N NH1 . ARG A 1 86  ? -5.869  1.773   -16.080 1.00 27.16 ? 84  ARG X NH1 1 
ATOM   620  N NH2 . ARG A 1 86  ? -4.585  0.180   -17.117 1.00 28.88 ? 84  ARG X NH2 1 
ATOM   621  N N   . MET A 1 87  ? -12.363 2.899   -15.373 1.00 21.92 ? 85  MET X N   1 
ATOM   622  C CA  . MET A 1 87  ? -13.726 3.372   -15.165 1.00 23.45 ? 85  MET X CA  1 
ATOM   623  C C   . MET A 1 87  ? -14.723 2.892   -16.220 1.00 22.60 ? 85  MET X C   1 
ATOM   624  O O   . MET A 1 87  ? -14.331 2.357   -17.261 1.00 22.42 ? 85  MET X O   1 
ATOM   625  C CB  . MET A 1 87  ? -13.726 4.895   -15.042 1.00 24.08 ? 85  MET X CB  1 
ATOM   626  C CG  . MET A 1 87  ? -13.096 5.364   -13.747 1.00 25.18 ? 85  MET X CG  1 
ATOM   627  S SD  . MET A 1 87  ? -13.017 7.148   -13.594 1.00 26.95 ? 85  MET X SD  1 
ATOM   628  C CE  . MET A 1 87  ? -11.807 7.556   -14.859 1.00 27.51 ? 85  MET X CE  1 
ATOM   629  N N   . GLY A 1 88  ? -16.014 3.071   -15.931 1.00 22.29 ? 86  GLY X N   1 
ATOM   630  C CA  . GLY A 1 88  ? -17.084 2.702   -16.858 1.00 20.67 ? 86  GLY X CA  1 
ATOM   631  C C   . GLY A 1 88  ? -18.316 2.245   -16.113 1.00 20.23 ? 86  GLY X C   1 
ATOM   632  O O   . GLY A 1 88  ? -18.216 1.782   -14.965 1.00 20.66 ? 86  GLY X O   1 
ATOM   633  N N   . ALA A 1 89  ? -19.483 2.392   -16.742 1.00 18.39 ? 87  ALA X N   1 
ATOM   634  C CA  . ALA A 1 89  ? -20.718 1.804   -16.202 1.00 18.28 ? 87  ALA X CA  1 
ATOM   635  C C   . ALA A 1 89  ? -20.515 0.304   -15.984 1.00 17.80 ? 87  ALA X C   1 
ATOM   636  O O   . ALA A 1 89  ? -19.762 -0.336  -16.729 1.00 17.01 ? 87  ALA X O   1 
ATOM   637  C CB  . ALA A 1 89  ? -21.898 2.059   -17.144 1.00 18.35 ? 87  ALA X CB  1 
ATOM   638  N N   . THR A 1 90  ? -21.161 -0.253  -14.961 1.00 17.21 ? 88  THR X N   1 
ATOM   639  C CA  . THR A 1 90  ? -20.948 -1.668  -14.611 1.00 17.61 ? 88  THR X CA  1 
ATOM   640  C C   . THR A 1 90  ? -21.158 -2.612  -15.806 1.00 17.94 ? 88  THR X C   1 
ATOM   641  O O   . THR A 1 90  ? -20.356 -3.522  -16.024 1.00 16.99 ? 88  THR X O   1 
ATOM   642  C CB  . THR A 1 90  ? -21.813 -2.119  -13.408 1.00 17.15 ? 88  THR X CB  1 
ATOM   643  O OG1 . THR A 1 90  ? -21.504 -1.306  -12.268 1.00 16.97 ? 88  THR X OG1 1 
ATOM   644  C CG2 . THR A 1 90  ? -21.560 -3.587  -13.054 1.00 16.74 ? 88  THR X CG2 1 
ATOM   645  N N   . ASP A 1 91  ? -22.221 -2.386  -16.573 1.00 18.55 ? 89  ASP X N   1 
ATOM   646  C CA  . ASP A 1 91  ? -22.549 -3.289  -17.675 1.00 20.52 ? 89  ASP X CA  1 
ATOM   647  C C   . ASP A 1 91  ? -21.790 -2.975  -18.976 1.00 21.17 ? 89  ASP X C   1 
ATOM   648  O O   . ASP A 1 91  ? -21.956 -3.674  -19.983 1.00 21.62 ? 89  ASP X O   1 
ATOM   649  C CB  . ASP A 1 91  ? -24.068 -3.357  -17.908 1.00 21.00 ? 89  ASP X CB  1 
ATOM   650  C CG  . ASP A 1 91  ? -24.690 -2.002  -18.228 1.00 21.85 ? 89  ASP X CG  1 
ATOM   651  O OD1 . ASP A 1 91  ? -24.124 -0.953  -17.844 1.00 21.75 ? 89  ASP X OD1 1 
ATOM   652  O OD2 . ASP A 1 91  ? -25.768 -1.995  -18.858 1.00 22.63 ? 89  ASP X OD2 1 
ATOM   653  N N   . GLN A 1 92  ? -20.948 -1.944  -18.944 1.00 21.22 ? 90  GLN X N   1 
ATOM   654  C CA  . GLN A 1 92  ? -20.123 -1.581  -20.103 1.00 22.42 ? 90  GLN X CA  1 
ATOM   655  C C   . GLN A 1 92  ? -18.632 -1.897  -19.923 1.00 21.65 ? 90  GLN X C   1 
ATOM   656  O O   . GLN A 1 92  ? -17.890 -1.992  -20.901 1.00 20.66 ? 90  GLN X O   1 
ATOM   657  C CB  . GLN A 1 92  ? -20.328 -0.108  -20.477 1.00 24.68 ? 90  GLN X CB  1 
ATOM   658  C CG  . GLN A 1 92  ? -21.758 0.201   -20.926 1.00 27.80 ? 90  GLN X CG  1 
ATOM   659  C CD  . GLN A 1 92  ? -21.875 1.519   -21.661 1.00 30.35 ? 90  GLN X CD  1 
ATOM   660  O OE1 . GLN A 1 92  ? -21.559 1.608   -22.852 1.00 32.24 ? 90  GLN X OE1 1 
ATOM   661  N NE2 . GLN A 1 92  ? -22.347 2.549   -20.962 1.00 31.01 ? 90  GLN X NE2 1 
ATOM   662  N N   . LEU A 1 93  ? -18.203 -2.060  -18.673 1.00 19.65 ? 91  LEU X N   1 
ATOM   663  C CA  . LEU A 1 93  ? -16.808 -2.367  -18.375 1.00 18.75 ? 91  LEU X CA  1 
ATOM   664  C C   . LEU A 1 93  ? -16.349 -3.666  -19.047 1.00 18.48 ? 91  LEU X C   1 
ATOM   665  O O   . LEU A 1 93  ? -17.051 -4.683  -18.996 1.00 17.44 ? 91  LEU X O   1 
ATOM   666  C CB  . LEU A 1 93  ? -16.608 -2.450  -16.858 1.00 18.53 ? 91  LEU X CB  1 
ATOM   667  C CG  . LEU A 1 93  ? -15.164 -2.466  -16.358 1.00 18.29 ? 91  LEU X CG  1 
ATOM   668  C CD1 . LEU A 1 93  ? -14.552 -1.072  -16.424 1.00 17.58 ? 91  LEU X CD1 1 
ATOM   669  C CD2 . LEU A 1 93  ? -15.135 -3.003  -14.932 1.00 17.85 ? 91  LEU X CD2 1 
ATOM   670  N N   . SER A 1 94  ? -15.171 -3.638  -19.668 1.00 18.13 ? 92  SER X N   1 
ATOM   671  C CA  . SER A 1 94  ? -14.656 -4.836  -20.329 1.00 18.77 ? 92  SER X CA  1 
ATOM   672  C C   . SER A 1 94  ? -14.165 -5.847  -19.312 1.00 19.47 ? 92  SER X C   1 
ATOM   673  O O   . SER A 1 94  ? -13.757 -5.483  -18.194 1.00 18.25 ? 92  SER X O   1 
ATOM   674  C CB  . SER A 1 94  ? -13.523 -4.497  -21.294 1.00 18.36 ? 92  SER X CB  1 
ATOM   675  O OG  . SER A 1 94  ? -12.351 -4.139  -20.588 1.00 18.00 ? 92  SER X OG  1 
ATOM   676  N N   . LYS A 1 95  ? -14.185 -7.118  -19.704 1.00 20.78 ? 93  LYS X N   1 
ATOM   677  C CA  . LYS A 1 95  ? -13.685 -8.169  -18.825 1.00 22.79 ? 93  LYS X CA  1 
ATOM   678  C C   . LYS A 1 95  ? -12.196 -8.033  -18.527 1.00 22.27 ? 93  LYS X C   1 
ATOM   679  O O   . LYS A 1 95  ? -11.755 -8.348  -17.422 1.00 21.12 ? 93  LYS X O   1 
ATOM   680  C CB  . LYS A 1 95  ? -14.052 -9.559  -19.359 1.00 25.07 ? 93  LYS X CB  1 
ATOM   681  C CG  . LYS A 1 95  ? -15.502 -9.937  -19.006 1.00 27.69 ? 93  LYS X CG  1 
ATOM   682  C CD  . LYS A 1 95  ? -16.093 -10.950 -19.971 1.00 30.08 ? 93  LYS X CD  1 
ATOM   683  C CE  . LYS A 1 95  ? -17.528 -10.558 -20.284 1.00 32.12 ? 93  LYS X CE  1 
ATOM   684  N NZ  . LYS A 1 95  ? -18.283 -11.601 -21.026 1.00 34.00 ? 93  LYS X NZ  1 
ATOM   685  N N   . GLU A 1 96  ? -11.427 -7.537  -19.495 1.00 22.29 ? 94  GLU X N   1 
ATOM   686  C CA  . GLU A 1 96  ? -10.014 -7.258  -19.250 1.00 23.29 ? 94  GLU X CA  1 
ATOM   687  C C   . GLU A 1 96  ? -9.836  -6.225  -18.132 1.00 20.91 ? 94  GLU X C   1 
ATOM   688  O O   . GLU A 1 96  ? -9.008  -6.414  -17.241 1.00 19.81 ? 94  GLU X O   1 
ATOM   689  C CB  . GLU A 1 96  ? -9.279  -6.798  -20.517 1.00 24.40 ? 94  GLU X CB  1 
ATOM   690  C CG  . GLU A 1 96  ? -7.821  -6.412  -20.217 1.00 26.55 ? 94  GLU X CG  1 
ATOM   691  C CD  . GLU A 1 96  ? -6.953  -6.244  -21.448 1.00 27.76 ? 94  GLU X CD  1 
ATOM   692  O OE1 . GLU A 1 96  ? -7.273  -6.833  -22.509 1.00 30.03 ? 94  GLU X OE1 1 
ATOM   693  O OE2 . GLU A 1 96  ? -5.928  -5.528  -21.344 1.00 29.81 ? 94  GLU X OE2 1 
ATOM   694  N N   . ASP A 1 97  ? -10.605 -5.138  -18.195 1.00 19.51 ? 95  ASP X N   1 
ATOM   695  C CA  . ASP A 1 97  ? -10.535 -4.088  -17.172 1.00 18.57 ? 95  ASP X CA  1 
ATOM   696  C C   . ASP A 1 97  ? -10.953 -4.593  -15.801 1.00 17.90 ? 95  ASP X C   1 
ATOM   697  O O   . ASP A 1 97  ? -10.314 -4.257  -14.795 1.00 16.90 ? 95  ASP X O   1 
ATOM   698  C CB  . ASP A 1 97  ? -11.369 -2.872  -17.565 1.00 17.87 ? 95  ASP X CB  1 
ATOM   699  C CG  . ASP A 1 97  ? -10.658 -1.986  -18.573 1.00 18.39 ? 95  ASP X CG  1 
ATOM   700  O OD1 . ASP A 1 97  ? -9.489  -2.283  -18.918 1.00 17.99 ? 95  ASP X OD1 1 
ATOM   701  O OD2 . ASP A 1 97  ? -11.273 -1.001  -19.024 1.00 17.73 ? 95  ASP X OD2 1 
ATOM   702  N N   . TRP A 1 98  ? -12.019 -5.396  -15.768 1.00 16.79 ? 96  TRP X N   1 
ATOM   703  C CA  . TRP A 1 98  ? -12.487 -6.006  -14.526 1.00 16.44 ? 96  TRP X CA  1 
ATOM   704  C C   . TRP A 1 98  ? -11.385 -6.853  -13.882 1.00 17.34 ? 96  TRP X C   1 
ATOM   705  O O   . TRP A 1 98  ? -11.070 -6.689  -12.696 1.00 15.98 ? 96  TRP X O   1 
ATOM   706  C CB  . TRP A 1 98  ? -13.724 -6.869  -14.791 1.00 15.41 ? 96  TRP X CB  1 
ATOM   707  C CG  . TRP A 1 98  ? -14.148 -7.665  -13.596 1.00 14.62 ? 96  TRP X CG  1 
ATOM   708  C CD1 . TRP A 1 98  ? -13.866 -8.975  -13.342 1.00 14.96 ? 96  TRP X CD1 1 
ATOM   709  C CD2 . TRP A 1 98  ? -14.929 -7.197  -12.492 1.00 15.00 ? 96  TRP X CD2 1 
ATOM   710  N NE1 . TRP A 1 98  ? -14.429 -9.356  -12.145 1.00 14.88 ? 96  TRP X NE1 1 
ATOM   711  C CE2 . TRP A 1 98  ? -15.088 -8.281  -11.605 1.00 14.89 ? 96  TRP X CE2 1 
ATOM   712  C CE3 . TRP A 1 98  ? -15.519 -5.965  -12.168 1.00 14.38 ? 96  TRP X CE3 1 
ATOM   713  C CZ2 . TRP A 1 98  ? -15.809 -8.171  -10.412 1.00 15.32 ? 96  TRP X CZ2 1 
ATOM   714  C CZ3 . TRP A 1 98  ? -16.234 -5.860  -10.980 1.00 15.01 ? 96  TRP X CZ3 1 
ATOM   715  C CH2 . TRP A 1 98  ? -16.375 -6.960  -10.121 1.00 14.63 ? 96  TRP X CH2 1 
ATOM   716  N N   . GLN A 1 99  ? -10.811 -7.755  -14.675 1.00 18.55 ? 97  GLN X N   1 
ATOM   717  C CA  . GLN A 1 99  ? -9.778  -8.681  -14.197 1.00 21.28 ? 97  GLN X CA  1 
ATOM   718  C C   . GLN A 1 99  ? -8.487  -7.997  -13.729 1.00 20.07 ? 97  GLN X C   1 
ATOM   719  O O   . GLN A 1 99  ? -7.959  -8.339  -12.670 1.00 19.71 ? 97  GLN X O   1 
ATOM   720  C CB  . GLN A 1 99  ? -9.466  -9.755  -15.252 1.00 23.40 ? 97  GLN X CB  1 
ATOM   721  C CG  . GLN A 1 99  ? -10.666 -10.663 -15.638 1.00 27.67 ? 97  GLN X CG  1 
ATOM   722  C CD  . GLN A 1 99  ? -11.173 -11.571 -14.508 1.00 29.98 ? 97  GLN X CD  1 
ATOM   723  O OE1 . GLN A 1 99  ? -12.236 -12.186 -14.628 1.00 31.57 ? 97  GLN X OE1 1 
ATOM   724  N NE2 . GLN A 1 99  ? -10.412 -11.666 -13.420 1.00 32.21 ? 97  GLN X NE2 1 
ATOM   725  N N   . GLN A 1 100 ? -7.982  -7.047  -14.514 1.00 20.31 ? 98  GLN X N   1 
ATOM   726  C CA  . GLN A 1 100 ? -6.762  -6.317  -14.159 1.00 21.30 ? 98  GLN X CA  1 
ATOM   727  C C   . GLN A 1 100 ? -6.970  -5.466  -12.908 1.00 19.45 ? 98  GLN X C   1 
ATOM   728  O O   . GLN A 1 100 ? -6.083  -5.384  -12.064 1.00 18.99 ? 98  GLN X O   1 
ATOM   729  C CB  . GLN A 1 100 ? -6.266  -5.442  -15.317 1.00 22.67 ? 98  GLN X CB  1 
ATOM   730  C CG  . GLN A 1 100 ? -5.493  -6.197  -16.392 1.00 25.92 ? 98  GLN X CG  1 
ATOM   731  C CD  . GLN A 1 100 ? -4.894  -5.289  -17.465 1.00 26.43 ? 98  GLN X CD  1 
ATOM   732  O OE1 . GLN A 1 100 ? -4.903  -5.627  -18.649 1.00 29.23 ? 98  GLN X OE1 1 
ATOM   733  N NE2 . GLN A 1 100 ? -4.366  -4.135  -17.054 1.00 28.98 ? 98  GLN X NE2 1 
ATOM   734  N N   . THR A 1 101 ? -8.139  -4.838  -12.796 1.00 17.58 ? 99  THR X N   1 
ATOM   735  C CA  . THR A 1 101 ? -8.516  -4.083  -11.592 1.00 16.68 ? 99  THR X CA  1 
ATOM   736  C C   . THR A 1 101 ? -8.319  -4.934  -10.324 1.00 16.39 ? 99  THR X C   1 
ATOM   737  O O   . THR A 1 101 ? -7.628  -4.524  -9.388  1.00 15.69 ? 99  THR X O   1 
ATOM   738  C CB  . THR A 1 101 ? -9.982  -3.567  -11.686 1.00 15.98 ? 99  THR X CB  1 
ATOM   739  O OG1 . THR A 1 101 ? -10.070 -2.558  -12.698 1.00 14.85 ? 99  THR X OG1 1 
ATOM   740  C CG2 . THR A 1 101 ? -10.454 -2.974  -10.354 1.00 15.63 ? 99  THR X CG2 1 
ATOM   741  N N   . PHE A 1 102 ? -8.921  -6.119  -10.307 1.00 16.21 ? 100 PHE X N   1 
ATOM   742  C CA  . PHE A 1 102 ? -8.794  -7.005  -9.155  1.00 15.97 ? 100 PHE X CA  1 
ATOM   743  C C   . PHE A 1 102 ? -7.402  -7.604  -9.017  1.00 16.54 ? 100 PHE X C   1 
ATOM   744  O O   . PHE A 1 102 ? -6.885  -7.707  -7.898  1.00 16.63 ? 100 PHE X O   1 
ATOM   745  C CB  . PHE A 1 102 ? -9.888  -8.075  -9.149  1.00 15.17 ? 100 PHE X CB  1 
ATOM   746  C CG  . PHE A 1 102 ? -11.200 -7.563  -8.640  1.00 15.21 ? 100 PHE X CG  1 
ATOM   747  C CD1 . PHE A 1 102 ? -11.541 -7.697  -7.292  1.00 15.33 ? 100 PHE X CD1 1 
ATOM   748  C CD2 . PHE A 1 102 ? -12.077 -6.901  -9.492  1.00 15.05 ? 100 PHE X CD2 1 
ATOM   749  C CE1 . PHE A 1 102 ? -12.748 -7.200  -6.811  1.00 15.20 ? 100 PHE X CE1 1 
ATOM   750  C CE2 . PHE A 1 102 ? -13.281 -6.395  -9.014  1.00 15.38 ? 100 PHE X CE2 1 
ATOM   751  C CZ  . PHE A 1 102 ? -13.616 -6.540  -7.670  1.00 15.18 ? 100 PHE X CZ  1 
ATOM   752  N N   . ALA A 1 103 ? -6.795  -7.974  -10.145 1.00 16.06 ? 101 ALA X N   1 
ATOM   753  C CA  . ALA A 1 103 ? -5.444  -8.553  -10.126 1.00 16.92 ? 101 ALA X CA  1 
ATOM   754  C C   . ALA A 1 103 ? -4.444  -7.622  -9.447  1.00 15.81 ? 101 ALA X C   1 
ATOM   755  O O   . ALA A 1 103 ? -3.629  -8.056  -8.637  1.00 15.60 ? 101 ALA X O   1 
ATOM   756  C CB  . ALA A 1 103 ? -4.977  -8.904  -11.538 1.00 16.93 ? 101 ALA X CB  1 
ATOM   757  N N   . VAL A 1 104 ? -4.521  -6.339  -9.773  1.00 16.35 ? 102 VAL X N   1 
ATOM   758  C CA  . VAL A 1 104 ? -3.602  -5.354  -9.207  1.00 15.75 ? 102 VAL X CA  1 
ATOM   759  C C   . VAL A 1 104 ? -4.070  -4.862  -7.847  1.00 15.65 ? 102 VAL X C   1 
ATOM   760  O O   . VAL A 1 104 ? -3.296  -4.865  -6.878  1.00 15.41 ? 102 VAL X O   1 
ATOM   761  C CB  . VAL A 1 104 ? -3.398  -4.139  -10.154 1.00 15.43 ? 102 VAL X CB  1 
ATOM   762  C CG1 . VAL A 1 104 ? -2.510  -3.086  -9.495  1.00 15.16 ? 102 VAL X CG1 1 
ATOM   763  C CG2 . VAL A 1 104 ? -2.785  -4.583  -11.481 1.00 14.42 ? 102 VAL X CG2 1 
ATOM   764  N N   . ASN A 1 105 ? -5.326  -4.428  -7.771  1.00 15.23 ? 103 ASN X N   1 
ATOM   765  C CA  . ASN A 1 105 ? -5.800  -3.719  -6.573  1.00 15.63 ? 103 ASN X CA  1 
ATOM   766  C C   . ASN A 1 105 ? -6.001  -4.605  -5.346  1.00 15.20 ? 103 ASN X C   1 
ATOM   767  O O   . ASN A 1 105 ? -5.866  -4.132  -4.214  1.00 15.55 ? 103 ASN X O   1 
ATOM   768  C CB  . ASN A 1 105 ? -7.065  -2.895  -6.855  1.00 15.39 ? 103 ASN X CB  1 
ATOM   769  C CG  . ASN A 1 105 ? -6.812  -1.749  -7.817  1.00 16.08 ? 103 ASN X CG  1 
ATOM   770  O OD1 . ASN A 1 105 ? -5.667  -1.470  -8.182  1.00 17.18 ? 103 ASN X OD1 1 
ATOM   771  N ND2 . ASN A 1 105 ? -7.882  -1.085  -8.246  1.00 15.00 ? 103 ASN X ND2 1 
ATOM   772  N N   . VAL A 1 106 ? -6.310  -5.876  -5.564  1.00 15.28 ? 104 VAL X N   1 
ATOM   773  C CA  . VAL A 1 106 ? -6.464  -6.812  -4.442  1.00 16.26 ? 104 VAL X CA  1 
ATOM   774  C C   . VAL A 1 106 ? -5.358  -7.861  -4.431  1.00 15.95 ? 104 VAL X C   1 
ATOM   775  O O   . VAL A 1 106 ? -4.732  -8.102  -3.396  1.00 15.97 ? 104 VAL X O   1 
ATOM   776  C CB  . VAL A 1 106 ? -7.823  -7.568  -4.448  1.00 16.79 ? 104 VAL X CB  1 
ATOM   777  C CG1 . VAL A 1 106 ? -8.152  -8.042  -3.032  1.00 16.78 ? 104 VAL X CG1 1 
ATOM   778  C CG2 . VAL A 1 106 ? -8.945  -6.700  -4.999  1.00 18.00 ? 104 VAL X CG2 1 
ATOM   779  N N   . GLY A 1 107 ? -5.143  -8.506  -5.577  1.00 15.95 ? 105 GLY X N   1 
ATOM   780  C CA  . GLY A 1 107 ? -4.178  -9.591  -5.662  1.00 15.91 ? 105 GLY X CA  1 
ATOM   781  C C   . GLY A 1 107 ? -2.779  -9.134  -5.308  1.00 15.84 ? 105 GLY X C   1 
ATOM   782  O O   . GLY A 1 107 ? -1.987  -9.898  -4.753  1.00 16.30 ? 105 GLY X O   1 
ATOM   783  N N   . GLY A 1 108 ? -2.474  -7.885  -5.644  1.00 15.54 ? 106 GLY X N   1 
ATOM   784  C CA  . GLY A 1 108 ? -1.172  -7.306  -5.355  1.00 14.95 ? 106 GLY X CA  1 
ATOM   785  C C   . GLY A 1 108 ? -0.826  -7.320  -3.877  1.00 14.72 ? 106 GLY X C   1 
ATOM   786  O O   . GLY A 1 108 ? 0.203   -7.877  -3.480  1.00 13.34 ? 106 GLY X O   1 
ATOM   787  N N   . ALA A 1 109 ? -1.681  -6.710  -3.061  1.00 13.64 ? 107 ALA X N   1 
ATOM   788  C CA  . ALA A 1 109 ? -1.463  -6.689  -1.613  1.00 13.33 ? 107 ALA X CA  1 
ATOM   789  C C   . ALA A 1 109 ? -1.503  -8.091  -1.003  1.00 13.78 ? 107 ALA X C   1 
ATOM   790  O O   . ALA A 1 109 ? -0.757  -8.381  -0.069  1.00 13.04 ? 107 ALA X O   1 
ATOM   791  C CB  . ALA A 1 109 ? -2.474  -5.774  -0.929  1.00 13.86 ? 107 ALA X CB  1 
ATOM   792  N N   . PHE A 1 110 ? -2.379  -8.952  -1.533  1.00 14.13 ? 108 PHE X N   1 
ATOM   793  C CA  . PHE A 1 110 ? -2.431  -10.362 -1.145  1.00 15.44 ? 108 PHE X CA  1 
ATOM   794  C C   . PHE A 1 110 ? -1.069  -11.058 -1.318  1.00 15.64 ? 108 PHE X C   1 
ATOM   795  O O   . PHE A 1 110 ? -0.603  -11.765 -0.421  1.00 16.00 ? 108 PHE X O   1 
ATOM   796  C CB  . PHE A 1 110 ? -3.504  -11.098 -1.960  1.00 15.87 ? 108 PHE X CB  1 
ATOM   797  C CG  . PHE A 1 110 ? -3.503  -12.592 -1.761  1.00 16.69 ? 108 PHE X CG  1 
ATOM   798  C CD1 . PHE A 1 110 ? -3.890  -13.150 -0.545  1.00 16.47 ? 108 PHE X CD1 1 
ATOM   799  C CD2 . PHE A 1 110 ? -3.121  -13.445 -2.801  1.00 17.06 ? 108 PHE X CD2 1 
ATOM   800  C CE1 . PHE A 1 110 ? -3.896  -14.523 -0.365  1.00 16.50 ? 108 PHE X CE1 1 
ATOM   801  C CE2 . PHE A 1 110 ? -3.132  -14.834 -2.625  1.00 16.62 ? 108 PHE X CE2 1 
ATOM   802  C CZ  . PHE A 1 110 ? -3.519  -15.368 -1.415  1.00 16.42 ? 108 PHE X CZ  1 
ATOM   803  N N   . ASN A 1 111 ? -0.451  -10.863 -2.478  1.00 15.71 ? 109 ASN X N   1 
ATOM   804  C CA  . ASN A 1 111 ? 0.879   -11.411 -2.747  1.00 16.44 ? 109 ASN X CA  1 
ATOM   805  C C   . ASN A 1 111 ? 1.956   -10.873 -1.793  1.00 16.28 ? 109 ASN X C   1 
ATOM   806  O O   . ASN A 1 111 ? 2.767   -11.640 -1.262  1.00 16.86 ? 109 ASN X O   1 
ATOM   807  C CB  . ASN A 1 111 ? 1.261   -11.168 -4.210  1.00 16.48 ? 109 ASN X CB  1 
ATOM   808  C CG  . ASN A 1 111 ? 0.418   -11.981 -5.171  1.00 16.97 ? 109 ASN X CG  1 
ATOM   809  O OD1 . ASN A 1 111 ? -0.085  -13.049 -4.818  1.00 17.36 ? 109 ASN X OD1 1 
ATOM   810  N ND2 . ASN A 1 111 ? 0.268   -11.484 -6.395  1.00 15.98 ? 109 ASN X ND2 1 
ATOM   811  N N   . LEU A 1 112 ? 1.953   -9.562  -1.574  1.00 16.34 ? 110 LEU X N   1 
ATOM   812  C CA  . LEU A 1 112 ? 2.829   -8.956  -0.574  1.00 16.77 ? 110 LEU X CA  1 
ATOM   813  C C   . LEU A 1 112 ? 2.618   -9.553  0.812   1.00 16.25 ? 110 LEU X C   1 
ATOM   814  O O   . LEU A 1 112 ? 3.587   -9.917  1.479   1.00 15.59 ? 110 LEU X O   1 
ATOM   815  C CB  . LEU A 1 112 ? 2.653   -7.437  -0.512  1.00 17.03 ? 110 LEU X CB  1 
ATOM   816  C CG  . LEU A 1 112 ? 3.632   -6.552  -1.284  1.00 17.53 ? 110 LEU X CG  1 
ATOM   817  C CD1 . LEU A 1 112 ? 5.058   -6.763  -0.808  1.00 17.56 ? 110 LEU X CD1 1 
ATOM   818  C CD2 . LEU A 1 112 ? 3.511   -6.789  -2.797  1.00 17.88 ? 110 LEU X CD2 1 
ATOM   819  N N   . PHE A 1 113 ? 1.360   -9.645  1.243   1.00 16.04 ? 111 PHE X N   1 
ATOM   820  C CA  . PHE A 1 113 ? 1.030   -10.236 2.544   1.00 16.33 ? 111 PHE X CA  1 
ATOM   821  C C   . PHE A 1 113 ? 1.490   -11.694 2.635   1.00 17.06 ? 111 PHE X C   1 
ATOM   822  O O   . PHE A 1 113 ? 2.034   -12.116 3.652   1.00 17.49 ? 111 PHE X O   1 
ATOM   823  C CB  . PHE A 1 113 ? -0.473  -10.128 2.845   1.00 15.85 ? 111 PHE X CB  1 
ATOM   824  C CG  . PHE A 1 113 ? -0.956  -8.719  3.090   1.00 16.14 ? 111 PHE X CG  1 
ATOM   825  C CD1 . PHE A 1 113 ? -2.193  -8.304  2.595   1.00 16.17 ? 111 PHE X CD1 1 
ATOM   826  C CD2 . PHE A 1 113 ? -0.186  -7.811  3.804   1.00 16.11 ? 111 PHE X CD2 1 
ATOM   827  C CE1 . PHE A 1 113 ? -2.654  -7.010  2.816   1.00 15.89 ? 111 PHE X CE1 1 
ATOM   828  C CE2 . PHE A 1 113 ? -0.636  -6.514  4.027   1.00 15.88 ? 111 PHE X CE2 1 
ATOM   829  C CZ  . PHE A 1 113 ? -1.877  -6.115  3.538   1.00 15.92 ? 111 PHE X CZ  1 
ATOM   830  N N   . GLN A 1 114 ? 1.296   -12.459 1.564   1.00 16.96 ? 112 GLN X N   1 
ATOM   831  C CA  . GLN A 1 114 ? 1.776   -13.839 1.551   1.00 17.58 ? 112 GLN X CA  1 
ATOM   832  C C   . GLN A 1 114 ? 3.298   -13.926 1.747   1.00 17.87 ? 112 GLN X C   1 
ATOM   833  O O   . GLN A 1 114 ? 3.790   -14.832 2.436   1.00 18.28 ? 112 GLN X O   1 
ATOM   834  C CB  . GLN A 1 114 ? 1.324   -14.587 0.293   1.00 16.52 ? 112 GLN X CB  1 
ATOM   835  C CG  . GLN A 1 114 ? -0.169  -14.931 0.295   1.00 15.68 ? 112 GLN X CG  1 
ATOM   836  C CD  . GLN A 1 114 ? -0.479  -16.275 -0.356  1.00 15.55 ? 112 GLN X CD  1 
ATOM   837  O OE1 . GLN A 1 114 ? 0.005   -16.584 -1.446  1.00 15.50 ? 112 GLN X OE1 1 
ATOM   838  N NE2 . GLN A 1 114 ? -1.302  -17.074 0.314   1.00 15.32 ? 112 GLN X NE2 1 
ATOM   839  N N   . GLN A 1 115 ? 4.032   -12.967 1.179   1.00 16.95 ? 113 GLN X N   1 
ATOM   840  C CA  . GLN A 1 115 ? 5.498   -12.956 1.292   1.00 16.69 ? 113 GLN X CA  1 
ATOM   841  C C   . GLN A 1 115 ? 6.071   -12.292 2.545   1.00 17.07 ? 113 GLN X C   1 
ATOM   842  O O   . GLN A 1 115 ? 7.205   -12.590 2.913   1.00 17.36 ? 113 GLN X O   1 
ATOM   843  C CB  . GLN A 1 115 ? 6.159   -12.350 0.045   1.00 16.40 ? 113 GLN X CB  1 
ATOM   844  C CG  . GLN A 1 115 ? 5.873   -13.093 -1.254  1.00 16.85 ? 113 GLN X CG  1 
ATOM   845  C CD  . GLN A 1 115 ? 6.178   -14.586 -1.175  1.00 17.70 ? 113 GLN X CD  1 
ATOM   846  O OE1 . GLN A 1 115 ? 7.191   -15.000 -0.611  1.00 18.97 ? 113 GLN X OE1 1 
ATOM   847  N NE2 . GLN A 1 115 ? 5.301   -15.394 -1.746  1.00 17.80 ? 113 GLN X NE2 1 
ATOM   848  N N   . THR A 1 116 ? 5.315   -11.401 3.191   1.00 16.54 ? 114 THR X N   1 
ATOM   849  C CA  . THR A 1 116 ? 5.855   -10.615 4.313   1.00 16.78 ? 114 THR X CA  1 
ATOM   850  C C   . THR A 1 116 ? 5.283   -10.938 5.692   1.00 17.16 ? 114 THR X C   1 
ATOM   851  O O   . THR A 1 116 ? 5.879   -10.549 6.703   1.00 16.97 ? 114 THR X O   1 
ATOM   852  C CB  . THR A 1 116 ? 5.702   -9.092  4.094   1.00 16.67 ? 114 THR X CB  1 
ATOM   853  O OG1 . THR A 1 116 ? 4.312   -8.762  4.011   1.00 16.46 ? 114 THR X OG1 1 
ATOM   854  C CG2 . THR A 1 116 ? 6.424   -8.635  2.818   1.00 16.33 ? 114 THR X CG2 1 
ATOM   855  N N   . MET A 1 117 ? 4.146   -11.630 5.763   1.00 16.87 ? 115 MET X N   1 
ATOM   856  C CA  . MET A 1 117 ? 3.528   -11.869 7.078   1.00 17.34 ? 115 MET X CA  1 
ATOM   857  C C   . MET A 1 117 ? 4.439   -12.597 8.073   1.00 18.03 ? 115 MET X C   1 
ATOM   858  O O   . MET A 1 117 ? 4.501   -12.224 9.244   1.00 18.11 ? 115 MET X O   1 
ATOM   859  C CB  . MET A 1 117 ? 2.167   -12.552 6.954   1.00 16.95 ? 115 MET X CB  1 
ATOM   860  C CG  . MET A 1 117 ? 1.063   -11.583 6.497   1.00 17.00 ? 115 MET X CG  1 
ATOM   861  S SD  . MET A 1 117 ? -0.516  -12.398 6.231   1.00 16.63 ? 115 MET X SD  1 
ATOM   862  C CE  . MET A 1 117 ? -1.089  -12.602 7.919   1.00 17.33 ? 115 MET X CE  1 
ATOM   863  N N   . ASN A 1 118 ? 5.168   -13.607 7.615   1.00 19.43 ? 116 ASN X N   1 
ATOM   864  C CA  . ASN A 1 118 ? 6.045   -14.307 8.543   1.00 21.24 ? 116 ASN X CA  1 
ATOM   865  C C   . ASN A 1 118 ? 7.192   -13.454 9.070   1.00 20.47 ? 116 ASN X C   1 
ATOM   866  O O   . ASN A 1 118 ? 7.582   -13.602 10.221  1.00 21.07 ? 116 ASN X O   1 
ATOM   867  C CB  . ASN A 1 118 ? 6.549   -15.631 7.989   1.00 23.69 ? 116 ASN X CB  1 
ATOM   868  C CG  . ASN A 1 118 ? 6.484   -16.731 9.032   1.00 26.39 ? 116 ASN X CG  1 
ATOM   869  O OD1 . ASN A 1 118 ? 5.441   -16.926 9.687   1.00 27.54 ? 116 ASN X OD1 1 
ATOM   870  N ND2 . ASN A 1 118 ? 7.591   -17.443 9.213   1.00 26.91 ? 116 ASN X ND2 1 
ATOM   871  N N   . GLN A 1 119 ? 7.717   -12.560 8.233   1.00 19.84 ? 117 GLN X N   1 
ATOM   872  C CA  . GLN A 1 119 ? 8.707   -11.581 8.671   1.00 19.33 ? 117 GLN X CA  1 
ATOM   873  C C   . GLN A 1 119 ? 8.157   -10.731 9.822   1.00 19.15 ? 117 GLN X C   1 
ATOM   874  O O   . GLN A 1 119 ? 8.817   -10.578 10.851  1.00 18.73 ? 117 GLN X O   1 
ATOM   875  C CB  . GLN A 1 119 ? 9.160   -10.696 7.502   1.00 18.85 ? 117 GLN X CB  1 
ATOM   876  C CG  . GLN A 1 119 ? 10.133  -9.561  7.874   1.00 19.30 ? 117 GLN X CG  1 
ATOM   877  C CD  . GLN A 1 119 ? 11.462  -10.054 8.449   1.00 19.74 ? 117 GLN X CD  1 
ATOM   878  O OE1 . GLN A 1 119 ? 11.924  -9.563  9.485   1.00 19.89 ? 117 GLN X OE1 1 
ATOM   879  N NE2 . GLN A 1 119 ? 12.083  -11.021 7.775   1.00 18.92 ? 117 GLN X NE2 1 
ATOM   880  N N   . PHE A 1 120 ? 6.948   -10.195 9.645   1.00 18.93 ? 118 PHE X N   1 
ATOM   881  C CA  . PHE A 1 120 ? 6.295   -9.402  10.694  1.00 19.01 ? 118 PHE X CA  1 
ATOM   882  C C   . PHE A 1 120 ? 6.078   -10.192 11.988  1.00 19.75 ? 118 PHE X C   1 
ATOM   883  O O   . PHE A 1 120 ? 6.301   -9.660  13.082  1.00 20.25 ? 118 PHE X O   1 
ATOM   884  C CB  . PHE A 1 120 ? 4.973   -8.796  10.184  1.00 18.30 ? 118 PHE X CB  1 
ATOM   885  C CG  . PHE A 1 120 ? 5.164   -7.589  9.293   1.00 17.78 ? 118 PHE X CG  1 
ATOM   886  C CD1 . PHE A 1 120 ? 5.588   -6.373  9.825   1.00 17.98 ? 118 PHE X CD1 1 
ATOM   887  C CD2 . PHE A 1 120 ? 4.914   -7.668  7.925   1.00 17.67 ? 118 PHE X CD2 1 
ATOM   888  C CE1 . PHE A 1 120 ? 5.766   -5.253  9.013   1.00 17.74 ? 118 PHE X CE1 1 
ATOM   889  C CE2 . PHE A 1 120 ? 5.096   -6.555  7.095   1.00 17.69 ? 118 PHE X CE2 1 
ATOM   890  C CZ  . PHE A 1 120 ? 5.520   -5.346  7.639   1.00 18.08 ? 118 PHE X CZ  1 
ATOM   891  N N   . ARG A 1 121 ? 5.662   -11.455 11.866  1.00 20.21 ? 119 ARG X N   1 
ATOM   892  C CA  . ARG A 1 121 ? 5.459   -12.318 13.035  1.00 21.51 ? 119 ARG X CA  1 
ATOM   893  C C   . ARG A 1 121 ? 6.768   -12.536 13.786  1.00 22.53 ? 119 ARG X C   1 
ATOM   894  O O   . ARG A 1 121 ? 6.838   -12.354 15.003  1.00 22.56 ? 119 ARG X O   1 
ATOM   895  C CB  . ARG A 1 121 ? 4.885   -13.681 12.639  1.00 21.76 ? 119 ARG X CB  1 
ATOM   896  C CG  . ARG A 1 121 ? 3.425   -13.677 12.233  1.00 22.46 ? 119 ARG X CG  1 
ATOM   897  C CD  . ARG A 1 121 ? 2.912   -15.103 12.086  1.00 22.72 ? 119 ARG X CD  1 
ATOM   898  N NE  . ARG A 1 121 ? 1.670   -15.141 11.323  1.00 23.80 ? 119 ARG X NE  1 
ATOM   899  C CZ  . ARG A 1 121 ? 1.587   -15.411 10.024  1.00 23.40 ? 119 ARG X CZ  1 
ATOM   900  N NH1 . ARG A 1 121 ? 2.673   -15.699 9.322   1.00 22.63 ? 119 ARG X NH1 1 
ATOM   901  N NH2 . ARG A 1 121 ? 0.402   -15.416 9.432   1.00 23.94 ? 119 ARG X NH2 1 
ATOM   902  N N   . ARG A 1 122 ? 7.801   -12.915 13.044  1.00 23.50 ? 120 ARG X N   1 
ATOM   903  C CA  . ARG A 1 122 ? 9.101   -13.236 13.616  1.00 25.46 ? 120 ARG X CA  1 
ATOM   904  C C   . ARG A 1 122 ? 9.783   -12.027 14.262  1.00 24.90 ? 120 ARG X C   1 
ATOM   905  O O   . ARG A 1 122 ? 10.338  -12.137 15.355  1.00 24.13 ? 120 ARG X O   1 
ATOM   906  C CB  . ARG A 1 122 ? 9.983   -13.886 12.550  1.00 27.59 ? 120 ARG X CB  1 
ATOM   907  C CG  . ARG A 1 122 ? 9.637   -15.358 12.347  1.00 30.71 ? 120 ARG X CG  1 
ATOM   908  C CD  . ARG A 1 122 ? 9.851   -15.839 10.931  1.00 33.40 ? 120 ARG X CD  1 
ATOM   909  N NE  . ARG A 1 122 ? 11.190  -15.568 10.424  1.00 35.61 ? 120 ARG X NE  1 
ATOM   910  C CZ  . ARG A 1 122 ? 11.769  -16.258 9.444   1.00 37.20 ? 120 ARG X CZ  1 
ATOM   911  N NH1 . ARG A 1 122 ? 11.128  -17.276 8.870   1.00 37.68 ? 120 ARG X NH1 1 
ATOM   912  N NH2 . ARG A 1 122 ? 12.996  -15.937 9.044   1.00 37.61 ? 120 ARG X NH2 1 
ATOM   913  N N   . GLN A 1 123 ? 9.723   -10.874 13.598  1.00 24.72 ? 121 GLN X N   1 
ATOM   914  C CA  . GLN A 1 123 ? 10.318  -9.650  14.143  1.00 24.94 ? 121 GLN X CA  1 
ATOM   915  C C   . GLN A 1 123 ? 9.516   -9.042  15.299  1.00 25.91 ? 121 GLN X C   1 
ATOM   916  O O   . GLN A 1 123 ? 10.061  -8.273  16.096  1.00 26.27 ? 121 GLN X O   1 
ATOM   917  C CB  . GLN A 1 123 ? 10.527  -8.614  13.034  1.00 24.57 ? 121 GLN X CB  1 
ATOM   918  C CG  . GLN A 1 123 ? 9.255   -7.906  12.591  1.00 23.74 ? 121 GLN X CG  1 
ATOM   919  C CD  . GLN A 1 123 ? 9.464   -6.999  11.399  1.00 23.61 ? 121 GLN X CD  1 
ATOM   920  O OE1 . GLN A 1 123 ? 8.691   -6.070  11.179  1.00 23.25 ? 121 GLN X OE1 1 
ATOM   921  N NE2 . GLN A 1 123 ? 10.501  -7.265  10.621  1.00 22.35 ? 121 GLN X NE2 1 
ATOM   922  N N   . ARG A 1 124 ? 8.227   -9.381  15.365  1.00 26.85 ? 122 ARG X N   1 
ATOM   923  C CA  . ARG A 1 124 ? 7.296   -8.948  16.428  1.00 28.08 ? 122 ARG X CA  1 
ATOM   924  C C   . ARG A 1 124 ? 7.044   -7.447  16.566  1.00 27.75 ? 122 ARG X C   1 
ATOM   925  O O   . ARG A 1 124 ? 7.156   -6.890  17.661  1.00 29.21 ? 122 ARG X O   1 
ATOM   926  C CB  . ARG A 1 124 ? 7.654   -9.569  17.791  1.00 29.70 ? 122 ARG X CB  1 
ATOM   927  C CG  . ARG A 1 124 ? 6.840   -10.810 18.119  1.00 31.26 ? 122 ARG X CG  1 
ATOM   928  C CD  . ARG A 1 124 ? 7.469   -11.558 19.264  1.00 32.93 ? 122 ARG X CD  1 
ATOM   929  N NE  . ARG A 1 124 ? 7.138   -12.983 19.299  1.00 34.27 ? 122 ARG X NE  1 
ATOM   930  C CZ  . ARG A 1 124 ? 7.440   -13.867 18.349  1.00 35.20 ? 122 ARG X CZ  1 
ATOM   931  N NH1 . ARG A 1 124 ? 8.054   -13.496 17.235  1.00 35.71 ? 122 ARG X NH1 1 
ATOM   932  N NH2 . ARG A 1 124 ? 7.103   -15.139 18.504  1.00 36.59 ? 122 ARG X NH2 1 
ATOM   933  N N   . GLY A 1 125 ? 6.652   -6.811  15.471  1.00 25.83 ? 123 GLY X N   1 
ATOM   934  C CA  . GLY A 1 125 ? 6.305   -5.392  15.466  1.00 23.92 ? 123 GLY X CA  1 
ATOM   935  C C   . GLY A 1 125 ? 6.402   -4.820  14.059  1.00 22.82 ? 123 GLY X C   1 
ATOM   936  O O   . GLY A 1 125 ? 6.544   -5.562  13.088  1.00 22.70 ? 123 GLY X O   1 
ATOM   937  N N   . GLY A 1 126 ? 6.344   -3.496  13.955  1.00 22.08 ? 124 GLY X N   1 
ATOM   938  C CA  . GLY A 1 126 ? 6.362   -2.829  12.662  1.00 21.15 ? 124 GLY X CA  1 
ATOM   939  C C   . GLY A 1 126 ? 4.993   -2.315  12.266  1.00 20.67 ? 124 GLY X C   1 
ATOM   940  O O   . GLY A 1 126 ? 4.031   -2.403  13.041  1.00 20.23 ? 124 GLY X O   1 
ATOM   941  N N   . ALA A 1 127 ? 4.905   -1.779  11.054  1.00 19.53 ? 125 ALA X N   1 
ATOM   942  C CA  . ALA A 1 127 ? 3.700   -1.105  10.605  1.00 19.12 ? 125 ALA X CA  1 
ATOM   943  C C   . ALA A 1 127 ? 3.417   -1.384  9.141   1.00 19.11 ? 125 ALA X C   1 
ATOM   944  O O   . ALA A 1 127 ? 4.339   -1.438  8.312   1.00 19.37 ? 125 ALA X O   1 
ATOM   945  C CB  . ALA A 1 127 ? 3.812   0.406   10.848  1.00 18.65 ? 125 ALA X CB  1 
ATOM   946  N N   . ILE A 1 128 ? 2.131   -1.558  8.832   1.00 17.83 ? 126 ILE X N   1 
ATOM   947  C CA  . ILE A 1 128 ? 1.674   -1.705  7.460   1.00 16.56 ? 126 ILE X CA  1 
ATOM   948  C C   . ILE A 1 128 ? 0.654   -0.623  7.171   1.00 15.63 ? 126 ILE X C   1 
ATOM   949  O O   . ILE A 1 128 ? -0.272  -0.410  7.966   1.00 15.58 ? 126 ILE X O   1 
ATOM   950  C CB  . ILE A 1 128 ? 1.057   -3.101  7.206   1.00 16.39 ? 126 ILE X CB  1 
ATOM   951  C CG1 . ILE A 1 128 ? 2.064   -4.200  7.580   1.00 16.69 ? 126 ILE X CG1 1 
ATOM   952  C CG2 . ILE A 1 128 ? 0.662   -3.253  5.732   1.00 16.74 ? 126 ILE X CG2 1 
ATOM   953  C CD1 . ILE A 1 128 ? 1.519   -5.607  7.488   1.00 16.99 ? 126 ILE X CD1 1 
ATOM   954  N N   . VAL A 1 129 ? 0.830   0.070   6.047   1.00 14.89 ? 127 VAL X N   1 
ATOM   955  C CA  . VAL A 1 129 ? -0.174  1.038   5.580   1.00 14.67 ? 127 VAL X CA  1 
ATOM   956  C C   . VAL A 1 129 ? -0.584  0.663   4.168   1.00 14.23 ? 127 VAL X C   1 
ATOM   957  O O   . VAL A 1 129 ? 0.261   0.444   3.298   1.00 14.24 ? 127 VAL X O   1 
ATOM   958  C CB  . VAL A 1 129 ? 0.330   2.511   5.631   1.00 15.17 ? 127 VAL X CB  1 
ATOM   959  C CG1 . VAL A 1 129 ? -0.828  3.487   5.385   1.00 15.24 ? 127 VAL X CG1 1 
ATOM   960  C CG2 . VAL A 1 129 ? 0.980   2.816   6.973   1.00 15.33 ? 127 VAL X CG2 1 
ATOM   961  N N   . THR A 1 130 ? -1.890  0.559   3.957   1.00 13.54 ? 128 THR X N   1 
ATOM   962  C CA  . THR A 1 130 ? -2.434  0.165   2.669   1.00 13.16 ? 128 THR X CA  1 
ATOM   963  C C   . THR A 1 130 ? -3.295  1.286   2.108   1.00 13.71 ? 128 THR X C   1 
ATOM   964  O O   . THR A 1 130 ? -4.149  1.841   2.815   1.00 13.10 ? 128 THR X O   1 
ATOM   965  C CB  . THR A 1 130 ? -3.249  -1.133  2.797   1.00 13.35 ? 128 THR X CB  1 
ATOM   966  O OG1 . THR A 1 130 ? -2.381  -2.190  3.204   1.00 13.07 ? 128 THR X OG1 1 
ATOM   967  C CG2 . THR A 1 130 ? -3.895  -1.519  1.472   1.00 13.80 ? 128 THR X CG2 1 
ATOM   968  N N   . VAL A 1 131 ? -3.052  1.623   0.842   1.00 13.22 ? 129 VAL X N   1 
ATOM   969  C CA  . VAL A 1 131 ? -3.753  2.724   0.187   1.00 13.81 ? 129 VAL X CA  1 
ATOM   970  C C   . VAL A 1 131 ? -4.955  2.183   -0.569  1.00 14.55 ? 129 VAL X C   1 
ATOM   971  O O   . VAL A 1 131 ? -4.808  1.478   -1.568  1.00 14.52 ? 129 VAL X O   1 
ATOM   972  C CB  . VAL A 1 131 ? -2.821  3.527   -0.755  1.00 13.86 ? 129 VAL X CB  1 
ATOM   973  C CG1 . VAL A 1 131 ? -3.575  4.687   -1.418  1.00 13.87 ? 129 VAL X CG1 1 
ATOM   974  C CG2 . VAL A 1 131 ? -1.620  4.052   0.021   1.00 13.89 ? 129 VAL X CG2 1 
ATOM   975  N N   . ALA A 1 132 ? -6.144  2.496   -0.059  1.00 14.74 ? 130 ALA X N   1 
ATOM   976  C CA  . ALA A 1 132 ? -7.389  2.091   -0.694  1.00 14.89 ? 130 ALA X CA  1 
ATOM   977  C C   . ALA A 1 132 ? -7.932  3.270   -1.514  1.00 14.86 ? 130 ALA X C   1 
ATOM   978  O O   . ALA A 1 132 ? -7.237  3.781   -2.387  1.00 14.84 ? 130 ALA X O   1 
ATOM   979  C CB  . ALA A 1 132 ? -8.392  1.609   0.354   1.00 14.40 ? 130 ALA X CB  1 
ATOM   980  N N   . SER A 1 133 ? -9.161  3.697   -1.233  1.00 15.05 ? 131 SER X N   1 
ATOM   981  C CA  . SER A 1 133 ? -9.784  4.823   -1.938  1.00 15.52 ? 131 SER X CA  1 
ATOM   982  C C   . SER A 1 133 ? -11.079 5.174   -1.242  1.00 15.83 ? 131 SER X C   1 
ATOM   983  O O   . SER A 1 133 ? -11.720 4.297   -0.657  1.00 15.33 ? 131 SER X O   1 
ATOM   984  C CB  . SER A 1 133 ? -10.108 4.448   -3.390  1.00 15.02 ? 131 SER X CB  1 
ATOM   985  O OG  . SER A 1 133 ? -10.862 5.469   -4.021  1.00 14.67 ? 131 SER X OG  1 
ATOM   986  N N   . ASP A 1 134 ? -11.490 6.439   -1.330  1.00 15.90 ? 132 ASP X N   1 
ATOM   987  C CA  . ASP A 1 134 ? -12.821 6.808   -0.833  1.00 16.46 ? 132 ASP X CA  1 
ATOM   988  C C   . ASP A 1 134 ? -13.940 6.126   -1.633  1.00 16.14 ? 132 ASP X C   1 
ATOM   989  O O   . ASP A 1 134 ? -15.082 6.048   -1.176  1.00 16.23 ? 132 ASP X O   1 
ATOM   990  C CB  . ASP A 1 134 ? -13.007 8.340   -0.739  1.00 17.29 ? 132 ASP X CB  1 
ATOM   991  C CG  . ASP A 1 134 ? -13.095 9.034   -2.102  1.00 17.94 ? 132 ASP X CG  1 
ATOM   992  O OD1 . ASP A 1 134 ? -12.776 8.426   -3.139  1.00 18.56 ? 132 ASP X OD1 1 
ATOM   993  O OD2 . ASP A 1 134 ? -13.486 10.227  -2.132  1.00 19.07 ? 132 ASP X OD2 1 
ATOM   994  N N   . ALA A 1 135 ? -13.593 5.603   -2.812  1.00 15.95 ? 133 ALA X N   1 
ATOM   995  C CA  . ALA A 1 135 ? -14.522 4.811   -3.634  1.00 16.17 ? 133 ALA X CA  1 
ATOM   996  C C   . ALA A 1 135 ? -14.940 3.507   -2.948  1.00 15.92 ? 133 ALA X C   1 
ATOM   997  O O   . ALA A 1 135 ? -15.962 2.921   -3.285  1.00 16.05 ? 133 ALA X O   1 
ATOM   998  C CB  . ALA A 1 135 ? -13.916 4.526   -5.024  1.00 15.24 ? 133 ALA X CB  1 
ATOM   999  N N   . ALA A 1 136 ? -14.142 3.069   -1.978  1.00 16.55 ? 134 ALA X N   1 
ATOM   1000 C CA  . ALA A 1 136 ? -14.449 1.894   -1.170  1.00 17.69 ? 134 ALA X CA  1 
ATOM   1001 C C   . ALA A 1 136 ? -15.479 2.204   -0.072  1.00 18.25 ? 134 ALA X C   1 
ATOM   1002 O O   . ALA A 1 136 ? -15.999 1.292   0.568   1.00 17.43 ? 134 ALA X O   1 
ATOM   1003 C CB  . ALA A 1 136 ? -13.161 1.332   -0.546  1.00 17.27 ? 134 ALA X CB  1 
ATOM   1004 N N   . HIS A 1 137 ? -15.763 3.489   0.136   1.00 19.47 ? 135 HIS X N   1 
ATOM   1005 C CA  . HIS A 1 137 ? -16.598 3.936   1.255   1.00 21.17 ? 135 HIS X CA  1 
ATOM   1006 C C   . HIS A 1 137 ? -17.998 4.332   0.827   1.00 23.12 ? 135 HIS X C   1 
ATOM   1007 O O   . HIS A 1 137 ? -18.935 4.254   1.621   1.00 24.54 ? 135 HIS X O   1 
ATOM   1008 C CB  . HIS A 1 137 ? -15.948 5.130   1.946   1.00 20.69 ? 135 HIS X CB  1 
ATOM   1009 C CG  . HIS A 1 137 ? -14.739 4.778   2.750   1.00 20.43 ? 135 HIS X CG  1 
ATOM   1010 N ND1 . HIS A 1 137 ? -14.757 4.718   4.126   1.00 20.38 ? 135 HIS X ND1 1 
ATOM   1011 C CD2 . HIS A 1 137 ? -13.481 4.450   2.374   1.00 20.31 ? 135 HIS X CD2 1 
ATOM   1012 C CE1 . HIS A 1 137 ? -13.558 4.382   4.566   1.00 20.44 ? 135 HIS X CE1 1 
ATOM   1013 N NE2 . HIS A 1 137 ? -12.765 4.212   3.523   1.00 20.63 ? 135 HIS X NE2 1 
ATOM   1014 N N   . THR A 1 138 ? -18.125 4.787   -0.415  1.00 24.65 ? 136 THR X N   1 
ATOM   1015 C CA  . THR A 1 138 ? -19.390 5.290   -0.954  1.00 27.02 ? 136 THR X CA  1 
ATOM   1016 C C   . THR A 1 138 ? -19.423 4.992   -2.460  1.00 27.24 ? 136 THR X C   1 
ATOM   1017 O O   . THR A 1 138 ? -18.389 5.094   -3.124  1.00 27.44 ? 136 THR X O   1 
ATOM   1018 C CB  . THR A 1 138 ? -19.554 6.820   -0.661  1.00 27.77 ? 136 THR X CB  1 
ATOM   1019 O OG1 . THR A 1 138 ? -20.884 7.247   -0.978  1.00 29.28 ? 136 THR X OG1 1 
ATOM   1020 C CG2 . THR A 1 138 ? -18.556 7.659   -1.453  1.00 28.69 ? 136 THR X CG2 1 
ATOM   1021 N N   . PRO A 1 139 ? -20.597 4.587   -3.000  1.00 27.46 ? 137 PRO X N   1 
ATOM   1022 C CA  . PRO A 1 139 ? -20.638 4.303   -4.440  1.00 27.53 ? 137 PRO X CA  1 
ATOM   1023 C C   . PRO A 1 139 ? -20.366 5.559   -5.255  1.00 27.95 ? 137 PRO X C   1 
ATOM   1024 O O   . PRO A 1 139 ? -20.998 6.590   -5.027  1.00 27.57 ? 137 PRO X O   1 
ATOM   1025 C CB  . PRO A 1 139 ? -22.070 3.797   -4.669  1.00 27.65 ? 137 PRO X CB  1 
ATOM   1026 C CG  . PRO A 1 139 ? -22.864 4.309   -3.494  1.00 27.79 ? 137 PRO X CG  1 
ATOM   1027 C CD  . PRO A 1 139 ? -21.900 4.357   -2.347  1.00 27.34 ? 137 PRO X CD  1 
ATOM   1028 N N   . ARG A 1 140 ? -19.400 5.482   -6.162  1.00 28.60 ? 138 ARG X N   1 
ATOM   1029 C CA  . ARG A 1 140 ? -19.063 6.619   -7.014  1.00 30.35 ? 138 ARG X CA  1 
ATOM   1030 C C   . ARG A 1 140 ? -19.383 6.281   -8.464  1.00 30.24 ? 138 ARG X C   1 
ATOM   1031 O O   . ARG A 1 140 ? -19.154 5.150   -8.912  1.00 29.62 ? 138 ARG X O   1 
ATOM   1032 C CB  . ARG A 1 140 ? -17.594 7.045   -6.829  1.00 30.69 ? 138 ARG X CB  1 
ATOM   1033 C CG  . ARG A 1 140 ? -17.285 7.644   -5.440  1.00 31.66 ? 138 ARG X CG  1 
ATOM   1034 C CD  . ARG A 1 140 ? -15.821 8.087   -5.288  1.00 32.18 ? 138 ARG X CD  1 
ATOM   1035 N NE  . ARG A 1 140 ? -15.532 9.328   -6.013  1.00 33.44 ? 138 ARG X NE  1 
ATOM   1036 C CZ  . ARG A 1 140 ? -14.313 9.769   -6.329  1.00 33.92 ? 138 ARG X CZ  1 
ATOM   1037 N NH1 . ARG A 1 140 ? -13.217 9.083   -5.991  1.00 34.25 ? 138 ARG X NH1 1 
ATOM   1038 N NH2 . ARG A 1 140 ? -14.188 10.911  -6.996  1.00 34.20 ? 138 ARG X NH2 1 
ATOM   1039 N N   . ILE A 1 141 ? -19.949 7.250   -9.183  1.00 30.21 ? 139 ILE X N   1 
ATOM   1040 C CA  . ILE A 1 141 ? -20.319 7.052   -10.590 1.00 30.00 ? 139 ILE X CA  1 
ATOM   1041 C C   . ILE A 1 141 ? -19.120 6.626   -11.441 1.00 28.45 ? 139 ILE X C   1 
ATOM   1042 O O   . ILE A 1 141 ? -18.059 7.255   -11.397 1.00 28.43 ? 139 ILE X O   1 
ATOM   1043 C CB  . ILE A 1 141 ? -21.000 8.311   -11.213 1.00 30.77 ? 139 ILE X CB  1 
ATOM   1044 C CG1 . ILE A 1 141 ? -21.178 8.131   -12.729 1.00 30.99 ? 139 ILE X CG1 1 
ATOM   1045 C CG2 . ILE A 1 141 ? -20.197 9.581   -10.910 1.00 31.14 ? 139 ILE X CG2 1 
ATOM   1046 C CD1 . ILE A 1 141 ? -22.486 8.683   -13.271 1.00 32.32 ? 139 ILE X CD1 1 
ATOM   1047 N N   . GLY A 1 142 ? -19.293 5.547   -12.199 1.00 27.27 ? 140 GLY X N   1 
ATOM   1048 C CA  . GLY A 1 142 ? -18.263 5.091   -13.123 1.00 26.17 ? 140 GLY X CA  1 
ATOM   1049 C C   . GLY A 1 142 ? -17.147 4.290   -12.478 1.00 25.25 ? 140 GLY X C   1 
ATOM   1050 O O   . GLY A 1 142 ? -16.265 3.791   -13.173 1.00 24.58 ? 140 GLY X O   1 
ATOM   1051 N N   . MET A 1 143 ? -17.185 4.148   -11.154 1.00 24.51 ? 141 MET X N   1 
ATOM   1052 C CA  . MET A 1 143 ? -16.109 3.463   -10.437 1.00 24.11 ? 141 MET X CA  1 
ATOM   1053 C C   . MET A 1 143 ? -16.573 2.223   -9.676  1.00 21.52 ? 141 MET X C   1 
ATOM   1054 O O   . MET A 1 143 ? -15.995 1.877   -8.640  1.00 21.54 ? 141 MET X O   1 
ATOM   1055 C CB  . MET A 1 143 ? -15.410 4.428   -9.478  1.00 25.00 ? 141 MET X CB  1 
ATOM   1056 C CG  . MET A 1 143 ? -14.660 5.573   -10.144 1.00 26.20 ? 141 MET X CG  1 
ATOM   1057 S SD  . MET A 1 143 ? -14.101 6.718   -8.863  1.00 28.09 ? 141 MET X SD  1 
ATOM   1058 C CE  . MET A 1 143 ? -12.371 6.356   -8.761  1.00 29.14 ? 141 MET X CE  1 
ATOM   1059 N N   . SER A 1 144 ? -17.596 1.543   -10.191 1.00 19.48 ? 142 SER X N   1 
ATOM   1060 C CA  . SER A 1 144 ? -18.122 0.333   -9.536  1.00 18.02 ? 142 SER X CA  1 
ATOM   1061 C C   . SER A 1 144 ? -17.060 -0.745  -9.295  1.00 17.54 ? 142 SER X C   1 
ATOM   1062 O O   . SER A 1 144 ? -16.937 -1.233  -8.173  1.00 18.39 ? 142 SER X O   1 
ATOM   1063 C CB  . SER A 1 144 ? -19.324 -0.246  -10.288 1.00 17.77 ? 142 SER X CB  1 
ATOM   1064 O OG  . SER A 1 144 ? -18.939 -0.792  -11.532 1.00 17.86 ? 142 SER X OG  1 
ATOM   1065 N N   . ALA A 1 145 ? -16.290 -1.106  -10.325 1.00 16.22 ? 143 ALA X N   1 
ATOM   1066 C CA  . ALA A 1 145 ? -15.252 -2.142  -10.179 1.00 15.32 ? 143 ALA X CA  1 
ATOM   1067 C C   . ALA A 1 145 ? -14.073 -1.675  -9.331  1.00 14.71 ? 143 ALA X C   1 
ATOM   1068 O O   . ALA A 1 145 ? -13.588 -2.415  -8.474  1.00 14.66 ? 143 ALA X O   1 
ATOM   1069 C CB  . ALA A 1 145 ? -14.760 -2.633  -11.543 1.00 13.86 ? 143 ALA X CB  1 
ATOM   1070 N N   . TYR A 1 146 ? -13.618 -0.451  -9.591  1.00 14.54 ? 144 TYR X N   1 
ATOM   1071 C CA  . TYR A 1 146 ? -12.529 0.163   -8.840  1.00 14.37 ? 144 TYR X CA  1 
ATOM   1072 C C   . TYR A 1 146 ? -12.857 0.213   -7.351  1.00 14.24 ? 144 TYR X C   1 
ATOM   1073 O O   . TYR A 1 146 ? -12.067 -0.253  -6.516  1.00 14.63 ? 144 TYR X O   1 
ATOM   1074 C CB  . TYR A 1 146 ? -12.247 1.570   -9.372  1.00 15.34 ? 144 TYR X CB  1 
ATOM   1075 C CG  . TYR A 1 146 ? -11.150 2.308   -8.632  1.00 16.34 ? 144 TYR X CG  1 
ATOM   1076 C CD1 . TYR A 1 146 ? -9.807  1.954   -8.796  1.00 15.56 ? 144 TYR X CD1 1 
ATOM   1077 C CD2 . TYR A 1 146 ? -11.450 3.367   -7.780  1.00 16.14 ? 144 TYR X CD2 1 
ATOM   1078 C CE1 . TYR A 1 146 ? -8.803  2.630   -8.128  1.00 16.21 ? 144 TYR X CE1 1 
ATOM   1079 C CE2 . TYR A 1 146 ? -10.448 4.047   -7.099  1.00 16.64 ? 144 TYR X CE2 1 
ATOM   1080 C CZ  . TYR A 1 146 ? -9.131  3.677   -7.284  1.00 16.29 ? 144 TYR X CZ  1 
ATOM   1081 O OH  . TYR A 1 146 ? -8.137  4.353   -6.624  1.00 17.15 ? 144 TYR X OH  1 
ATOM   1082 N N   . GLY A 1 147 ? -14.023 0.762   -7.033  1.00 13.42 ? 145 GLY X N   1 
ATOM   1083 C CA  . GLY A 1 147 ? -14.507 0.850   -5.652  1.00 13.16 ? 145 GLY X CA  1 
ATOM   1084 C C   . GLY A 1 147 ? -14.628 -0.504  -4.982  1.00 13.17 ? 145 GLY X C   1 
ATOM   1085 O O   . GLY A 1 147 ? -14.214 -0.667  -3.828  1.00 13.69 ? 145 GLY X O   1 
ATOM   1086 N N   . ALA A 1 148 ? -15.189 -1.474  -5.708  1.00 13.25 ? 146 ALA X N   1 
ATOM   1087 C CA  . ALA A 1 148 ? -15.298 -2.865  -5.229  1.00 12.93 ? 146 ALA X CA  1 
ATOM   1088 C C   . ALA A 1 148 ? -13.935 -3.485  -4.923  1.00 13.08 ? 146 ALA X C   1 
ATOM   1089 O O   . ALA A 1 148 ? -13.770 -4.136  -3.883  1.00 13.52 ? 146 ALA X O   1 
ATOM   1090 C CB  . ALA A 1 148 ? -16.060 -3.732  -6.229  1.00 12.26 ? 146 ALA X CB  1 
ATOM   1091 N N   . SER A 1 149 ? -12.965 -3.276  -5.813  1.00 12.73 ? 147 SER X N   1 
ATOM   1092 C CA  . SER A 1 149 ? -11.617 -3.825  -5.613  1.00 12.75 ? 147 SER X CA  1 
ATOM   1093 C C   . SER A 1 149 ? -10.962 -3.178  -4.397  1.00 12.92 ? 147 SER X C   1 
ATOM   1094 O O   . SER A 1 149 ? -10.274 -3.843  -3.623  1.00 13.28 ? 147 SER X O   1 
ATOM   1095 C CB  . SER A 1 149 ? -10.738 -3.675  -6.866  1.00 12.23 ? 147 SER X CB  1 
ATOM   1096 O OG  . SER A 1 149 ? -10.387 -2.322  -7.125  1.00 12.15 ? 147 SER X OG  1 
ATOM   1097 N N   . LYS A 1 150 ? -11.222 -1.889  -4.216  1.00 12.94 ? 148 LYS X N   1 
ATOM   1098 C CA  . LYS A 1 150 ? -10.647 -1.134  -3.113  1.00 12.72 ? 148 LYS X CA  1 
ATOM   1099 C C   . LYS A 1 150 ? -11.316 -1.473  -1.777  1.00 12.59 ? 148 LYS X C   1 
ATOM   1100 O O   . LYS A 1 150 ? -10.670 -1.415  -0.730  1.00 12.76 ? 148 LYS X O   1 
ATOM   1101 C CB  . LYS A 1 150 ? -10.689 0.372   -3.423  1.00 13.50 ? 148 LYS X CB  1 
ATOM   1102 C CG  . LYS A 1 150 ? -9.747  0.810   -4.571  1.00 13.31 ? 148 LYS X CG  1 
ATOM   1103 C CD  . LYS A 1 150 ? -8.267  0.573   -4.214  1.00 14.52 ? 148 LYS X CD  1 
ATOM   1104 C CE  . LYS A 1 150 ? -7.323  1.551   -4.933  1.00 14.74 ? 148 LYS X CE  1 
ATOM   1105 N NZ  . LYS A 1 150 ? -5.911  1.383   -4.456  1.00 15.89 ? 148 LYS X NZ  1 
ATOM   1106 N N   . ALA A 1 151 ? -12.603 -1.839  -1.817  1.00 12.65 ? 149 ALA X N   1 
ATOM   1107 C CA  . ALA A 1 151 ? -13.290 -2.398  -0.638  1.00 12.38 ? 149 ALA X CA  1 
ATOM   1108 C C   . ALA A 1 151 ? -12.711 -3.758  -0.224  1.00 12.63 ? 149 ALA X C   1 
ATOM   1109 O O   . ALA A 1 151 ? -12.491 -4.004  0.959   1.00 12.60 ? 149 ALA X O   1 
ATOM   1110 C CB  . ALA A 1 151 ? -14.813 -2.488  -0.869  1.00 12.36 ? 149 ALA X CB  1 
ATOM   1111 N N   . ALA A 1 152 ? -12.467 -4.637  -1.197  1.00 12.46 ? 150 ALA X N   1 
ATOM   1112 C CA  . ALA A 1 152 ? -11.763 -5.897  -0.946  1.00 12.53 ? 150 ALA X CA  1 
ATOM   1113 C C   . ALA A 1 152 ? -10.378 -5.669  -0.341  1.00 12.62 ? 150 ALA X C   1 
ATOM   1114 O O   . ALA A 1 152 ? -10.002 -6.331  0.621   1.00 13.39 ? 150 ALA X O   1 
ATOM   1115 C CB  . ALA A 1 152 ? -11.651 -6.717  -2.221  1.00 12.46 ? 150 ALA X CB  1 
ATOM   1116 N N   . LEU A 1 153 ? -9.631  -4.727  -0.902  1.00 13.25 ? 151 LEU X N   1 
ATOM   1117 C CA  . LEU A 1 153 ? -8.304  -4.387  -0.393  1.00 13.42 ? 151 LEU X CA  1 
ATOM   1118 C C   . LEU A 1 153 ? -8.335  -3.923  1.065   1.00 13.59 ? 151 LEU X C   1 
ATOM   1119 O O   . LEU A 1 153 ? -7.525  -4.380  1.883   1.00 13.22 ? 151 LEU X O   1 
ATOM   1120 C CB  . LEU A 1 153 ? -7.650  -3.322  -1.272  1.00 13.25 ? 151 LEU X CB  1 
ATOM   1121 C CG  . LEU A 1 153 ? -6.274  -2.816  -0.825  1.00 13.70 ? 151 LEU X CG  1 
ATOM   1122 C CD1 . LEU A 1 153 ? -5.267  -3.968  -0.796  1.00 13.06 ? 151 LEU X CD1 1 
ATOM   1123 C CD2 . LEU A 1 153 ? -5.776  -1.703  -1.741  1.00 13.36 ? 151 LEU X CD2 1 
ATOM   1124 N N   . LYS A 1 154 ? -9.261  -3.023  1.387   1.00 13.77 ? 152 LYS X N   1 
ATOM   1125 C CA  . LYS A 1 154 ? -9.413  -2.554  2.760   1.00 14.48 ? 152 LYS X CA  1 
ATOM   1126 C C   . LYS A 1 154 ? -9.775  -3.703  3.707   1.00 14.39 ? 152 LYS X C   1 
ATOM   1127 O O   . LYS A 1 154 ? -9.192  -3.837  4.782   1.00 14.36 ? 152 LYS X O   1 
ATOM   1128 C CB  . LYS A 1 154 ? -10.467 -1.456  2.859   1.00 15.60 ? 152 LYS X CB  1 
ATOM   1129 C CG  . LYS A 1 154 ? -10.725 -1.046  4.307   1.00 17.68 ? 152 LYS X CG  1 
ATOM   1130 C CD  . LYS A 1 154 ? -12.002 -0.320  4.468   1.00 19.65 ? 152 LYS X CD  1 
ATOM   1131 C CE  . LYS A 1 154 ? -12.268 -0.071  5.930   1.00 19.88 ? 152 LYS X CE  1 
ATOM   1132 N NZ  . LYS A 1 154 ? -12.925 1.234   6.016   1.00 19.79 ? 152 LYS X NZ  1 
ATOM   1133 N N   . SER A 1 155 ? -10.752 -4.509  3.302   1.00 13.12 ? 153 SER X N   1 
ATOM   1134 C CA  . SER A 1 155 ? -11.169 -5.686  4.068   1.00 12.95 ? 153 SER X CA  1 
ATOM   1135 C C   . SER A 1 155 ? -9.975  -6.603  4.341   1.00 13.06 ? 153 SER X C   1 
ATOM   1136 O O   . SER A 1 155 ? -9.751  -7.003  5.479   1.00 12.46 ? 153 SER X O   1 
ATOM   1137 C CB  . SER A 1 155 ? -12.254 -6.441  3.298   1.00 13.04 ? 153 SER X CB  1 
ATOM   1138 O OG  . SER A 1 155 ? -12.672 -7.614  3.981   1.00 14.56 ? 153 SER X OG  1 
ATOM   1139 N N   . LEU A 1 156 ? -9.219  -6.927  3.289   1.00 13.52 ? 154 LEU X N   1 
ATOM   1140 C CA  . LEU A 1 156 ? -8.042  -7.798  3.400   1.00 13.88 ? 154 LEU X CA  1 
ATOM   1141 C C   . LEU A 1 156 ? -6.999  -7.211  4.345   1.00 14.14 ? 154 LEU X C   1 
ATOM   1142 O O   . LEU A 1 156 ? -6.420  -7.933  5.161   1.00 14.70 ? 154 LEU X O   1 
ATOM   1143 C CB  . LEU A 1 156 ? -7.397  -8.036  2.027   1.00 13.96 ? 154 LEU X CB  1 
ATOM   1144 C CG  . LEU A 1 156 ? -6.119  -8.894  2.030   1.00 13.84 ? 154 LEU X CG  1 
ATOM   1145 C CD1 . LEU A 1 156 ? -6.466  -10.370 2.298   1.00 14.07 ? 154 LEU X CD1 1 
ATOM   1146 C CD2 . LEU A 1 156 ? -5.394  -8.742  0.713   1.00 14.33 ? 154 LEU X CD2 1 
ATOM   1147 N N   . ALA A 1 157 ? -6.755  -5.910  4.211   1.00 14.33 ? 155 ALA X N   1 
ATOM   1148 C CA  . ALA A 1 157 ? -5.804  -5.200  5.065   1.00 15.09 ? 155 ALA X CA  1 
ATOM   1149 C C   . ALA A 1 157 ? -6.173  -5.268  6.551   1.00 15.62 ? 155 ALA X C   1 
ATOM   1150 O O   . ALA A 1 157 ? -5.299  -5.481  7.392   1.00 15.36 ? 155 ALA X O   1 
ATOM   1151 C CB  . ALA A 1 157 ? -5.645  -3.745  4.605   1.00 15.30 ? 155 ALA X CB  1 
ATOM   1152 N N   . LEU A 1 158 ? -7.451  -5.094  6.881   1.00 15.84 ? 156 LEU X N   1 
ATOM   1153 C CA  . LEU A 1 158 ? -7.869  -5.183  8.288   1.00 16.03 ? 156 LEU X CA  1 
ATOM   1154 C C   . LEU A 1 158 ? -7.813  -6.618  8.816   1.00 15.24 ? 156 LEU X C   1 
ATOM   1155 O O   . LEU A 1 158 ? -7.498  -6.841  9.987   1.00 15.43 ? 156 LEU X O   1 
ATOM   1156 C CB  . LEU A 1 158 ? -9.267  -4.575  8.521   1.00 17.62 ? 156 LEU X CB  1 
ATOM   1157 C CG  . LEU A 1 158 ? -9.572  -3.113  8.155   1.00 19.07 ? 156 LEU X CG  1 
ATOM   1158 C CD1 . LEU A 1 158 ? -10.724 -2.569  9.036   1.00 19.77 ? 156 LEU X CD1 1 
ATOM   1159 C CD2 . LEU A 1 158 ? -8.366  -2.197  8.229   1.00 19.07 ? 156 LEU X CD2 1 
ATOM   1160 N N   . SER A 1 159 ? -8.116  -7.582  7.949   1.00 14.29 ? 157 SER X N   1 
ATOM   1161 C CA  . SER A 1 159 ? -8.005  -8.995  8.294   1.00 14.63 ? 157 SER X CA  1 
ATOM   1162 C C   . SER A 1 159 ? -6.564  -9.409  8.600   1.00 14.53 ? 157 SER X C   1 
ATOM   1163 O O   . SER A 1 159 ? -6.311  -10.104 9.586   1.00 13.36 ? 157 SER X O   1 
ATOM   1164 C CB  . SER A 1 159 ? -8.622  -9.876  7.202   1.00 15.17 ? 157 SER X CB  1 
ATOM   1165 O OG  . SER A 1 159 ? -10.043 -9.837  7.288   1.00 15.52 ? 157 SER X OG  1 
ATOM   1166 N N   . VAL A 1 160 ? -5.630  -8.973  7.757   1.00 13.57 ? 158 VAL X N   1 
ATOM   1167 C CA  . VAL A 1 160 ? -4.211  -9.179  8.010   1.00 14.19 ? 158 VAL X CA  1 
ATOM   1168 C C   . VAL A 1 160 ? -3.806  -8.462  9.311   1.00 14.78 ? 158 VAL X C   1 
ATOM   1169 O O   . VAL A 1 160 ? -3.000  -8.977  10.089  1.00 14.67 ? 158 VAL X O   1 
ATOM   1170 C CB  . VAL A 1 160 ? -3.345  -8.708  6.806   1.00 14.00 ? 158 VAL X CB  1 
ATOM   1171 C CG1 . VAL A 1 160 ? -1.890  -8.632  7.181   1.00 13.24 ? 158 VAL X CG1 1 
ATOM   1172 C CG2 . VAL A 1 160 ? -3.528  -9.650  5.633   1.00 14.44 ? 158 VAL X CG2 1 
ATOM   1173 N N   . GLY A 1 161 ? -4.377  -7.280  9.540   1.00 14.92 ? 159 GLY X N   1 
ATOM   1174 C CA  . GLY A 1 161 ? -4.172  -6.542  10.786  1.00 15.32 ? 159 GLY X CA  1 
ATOM   1175 C C   . GLY A 1 161 ? -4.541  -7.343  12.023  1.00 16.39 ? 159 GLY X C   1 
ATOM   1176 O O   . GLY A 1 161 ? -3.798  -7.349  13.015  1.00 16.13 ? 159 GLY X O   1 
ATOM   1177 N N   . LEU A 1 162 ? -5.692  -8.010  11.960  1.00 16.05 ? 160 LEU X N   1 
ATOM   1178 C CA  . LEU A 1 162 ? -6.141  -8.897  13.033  1.00 17.62 ? 160 LEU X CA  1 
ATOM   1179 C C   . LEU A 1 162 ? -5.206  -10.110 13.187  1.00 17.52 ? 160 LEU X C   1 
ATOM   1180 O O   . LEU A 1 162 ? -4.857  -10.507 14.303  1.00 17.52 ? 160 LEU X O   1 
ATOM   1181 C CB  . LEU A 1 162 ? -7.584  -9.363  12.781  1.00 17.91 ? 160 LEU X CB  1 
ATOM   1182 C CG  . LEU A 1 162 ? -8.199  -10.303 13.835  1.00 19.04 ? 160 LEU X CG  1 
ATOM   1183 C CD1 . LEU A 1 162 ? -8.339  -9.598  15.190  1.00 19.04 ? 160 LEU X CD1 1 
ATOM   1184 C CD2 . LEU A 1 162 ? -9.543  -10.876 13.370  1.00 19.01 ? 160 LEU X CD2 1 
ATOM   1185 N N   . GLU A 1 163 ? -4.806  -10.700 12.065  1.00 17.16 ? 161 GLU X N   1 
ATOM   1186 C CA  . GLU A 1 163 ? -3.870  -11.829 12.098  1.00 18.91 ? 161 GLU X CA  1 
ATOM   1187 C C   . GLU A 1 163 ? -2.506  -11.449 12.691  1.00 19.31 ? 161 GLU X C   1 
ATOM   1188 O O   . GLU A 1 163 ? -1.841  -12.288 13.300  1.00 19.68 ? 161 GLU X O   1 
ATOM   1189 C CB  . GLU A 1 163 ? -3.683  -12.427 10.702  1.00 19.04 ? 161 GLU X CB  1 
ATOM   1190 C CG  . GLU A 1 163 ? -4.915  -13.135 10.152  1.00 19.80 ? 161 GLU X CG  1 
ATOM   1191 C CD  . GLU A 1 163 ? -4.744  -13.522 8.697   1.00 20.48 ? 161 GLU X CD  1 
ATOM   1192 O OE1 . GLU A 1 163 ? -4.747  -14.734 8.405   1.00 21.86 ? 161 GLU X OE1 1 
ATOM   1193 O OE2 . GLU A 1 163 ? -4.569  -12.622 7.852   1.00 20.39 ? 161 GLU X OE2 1 
ATOM   1194 N N   . LEU A 1 164 ? -2.105  -10.189 12.534  1.00 18.87 ? 162 LEU X N   1 
ATOM   1195 C CA  . LEU A 1 164 ? -0.783  -9.750  13.003  1.00 19.73 ? 162 LEU X CA  1 
ATOM   1196 C C   . LEU A 1 164 ? -0.820  -8.936  14.305  1.00 20.25 ? 162 LEU X C   1 
ATOM   1197 O O   . LEU A 1 164 ? 0.233   -8.531  14.815  1.00 20.06 ? 162 LEU X O   1 
ATOM   1198 C CB  . LEU A 1 164 ? -0.036  -8.975  11.900  1.00 18.86 ? 162 LEU X CB  1 
ATOM   1199 C CG  . LEU A 1 164 ? 0.311   -9.691  10.580  1.00 19.07 ? 162 LEU X CG  1 
ATOM   1200 C CD1 . LEU A 1 164 ? 0.963   -8.708  9.604   1.00 18.59 ? 162 LEU X CD1 1 
ATOM   1201 C CD2 . LEU A 1 164 ? 1.221   -10.904 10.784  1.00 17.93 ? 162 LEU X CD2 1 
ATOM   1202 N N   . ALA A 1 165 ? -2.021  -8.707  14.840  1.00 20.76 ? 163 ALA X N   1 
ATOM   1203 C CA  . ALA A 1 165 ? -2.189  -7.937  16.082  1.00 21.47 ? 163 ALA X CA  1 
ATOM   1204 C C   . ALA A 1 165 ? -1.425  -8.534  17.266  1.00 21.73 ? 163 ALA X C   1 
ATOM   1205 O O   . ALA A 1 165 ? -0.836  -7.802  18.059  1.00 21.35 ? 163 ALA X O   1 
ATOM   1206 C CB  . ALA A 1 165 ? -3.660  -7.790  16.428  1.00 21.53 ? 163 ALA X CB  1 
ATOM   1207 N N   . GLY A 1 166 ? -1.441  -9.862  17.372  1.00 22.20 ? 164 GLY X N   1 
ATOM   1208 C CA  . GLY A 1 166 ? -0.727  -10.578 18.436  1.00 23.36 ? 164 GLY X CA  1 
ATOM   1209 C C   . GLY A 1 166 ? 0.783   -10.388 18.386  1.00 24.08 ? 164 GLY X C   1 
ATOM   1210 O O   . GLY A 1 166 ? 1.465   -10.517 19.407  1.00 24.60 ? 164 GLY X O   1 
ATOM   1211 N N   . SER A 1 167 ? 1.301   -10.069 17.198  1.00 23.67 ? 165 SER X N   1 
ATOM   1212 C CA  . SER A 1 167 ? 2.732   -9.823  16.992  1.00 23.35 ? 165 SER X CA  1 
ATOM   1213 C C   . SER A 1 167 ? 3.102   -8.348  17.151  1.00 22.89 ? 165 SER X C   1 
ATOM   1214 O O   . SER A 1 167 ? 4.257   -7.970  16.955  1.00 23.60 ? 165 SER X O   1 
ATOM   1215 C CB  . SER A 1 167 ? 3.176   -10.325 15.617  1.00 23.40 ? 165 SER X CB  1 
ATOM   1216 O OG  . SER A 1 167 ? 2.775   -11.664 15.409  1.00 24.05 ? 165 SER X OG  1 
ATOM   1217 N N   . GLY A 1 168 ? 2.123   -7.523  17.498  1.00 22.15 ? 166 GLY X N   1 
ATOM   1218 C CA  . GLY A 1 168 ? 2.355   -6.104  17.757  1.00 21.73 ? 166 GLY X CA  1 
ATOM   1219 C C   . GLY A 1 168 ? 2.482   -5.235  16.518  1.00 21.76 ? 166 GLY X C   1 
ATOM   1220 O O   . GLY A 1 168 ? 2.968   -4.103  16.601  1.00 21.87 ? 166 GLY X O   1 
ATOM   1221 N N   . VAL A 1 169 ? 2.034   -5.754  15.372  1.00 20.90 ? 167 VAL X N   1 
ATOM   1222 C CA  . VAL A 1 169 ? 2.098   -5.020  14.101  1.00 20.33 ? 167 VAL X CA  1 
ATOM   1223 C C   . VAL A 1 169 ? 0.871   -4.116  13.976  1.00 19.99 ? 167 VAL X C   1 
ATOM   1224 O O   . VAL A 1 169 ? -0.251  -4.578  14.172  1.00 19.78 ? 167 VAL X O   1 
ATOM   1225 C CB  . VAL A 1 169 ? 2.134   -5.981  12.884  1.00 20.33 ? 167 VAL X CB  1 
ATOM   1226 C CG1 . VAL A 1 169 ? 2.402   -5.207  11.586  1.00 20.24 ? 167 VAL X CG1 1 
ATOM   1227 C CG2 . VAL A 1 169 ? 3.184   -7.088  13.085  1.00 20.03 ? 167 VAL X CG2 1 
ATOM   1228 N N   . ARG A 1 170 ? 1.086   -2.835  13.671  1.00 19.52 ? 168 ARG X N   1 
ATOM   1229 C CA  . ARG A 1 170 ? -0.024  -1.907  13.391  1.00 20.17 ? 168 ARG X CA  1 
ATOM   1230 C C   . ARG A 1 170 ? -0.344  -1.915  11.892  1.00 19.65 ? 168 ARG X C   1 
ATOM   1231 O O   . ARG A 1 170 ? 0.545   -1.756  11.051  1.00 20.08 ? 168 ARG X O   1 
ATOM   1232 C CB  . ARG A 1 170 ? 0.320   -0.489  13.850  1.00 21.44 ? 168 ARG X CB  1 
ATOM   1233 C CG  . ARG A 1 170 ? 0.639   -0.372  15.354  1.00 24.10 ? 168 ARG X CG  1 
ATOM   1234 C CD  . ARG A 1 170 ? 1.941   0.384   15.581  1.00 26.00 ? 168 ARG X CD  1 
ATOM   1235 N NE  . ARG A 1 170 ? 1.970   1.609   14.790  1.00 28.16 ? 168 ARG X NE  1 
ATOM   1236 C CZ  . ARG A 1 170 ? 3.066   2.176   14.297  1.00 29.17 ? 168 ARG X CZ  1 
ATOM   1237 N NH1 . ARG A 1 170 ? 4.271   1.647   14.506  1.00 29.58 ? 168 ARG X NH1 1 
ATOM   1238 N NH2 . ARG A 1 170 ? 2.944   3.285   13.587  1.00 29.51 ? 168 ARG X NH2 1 
ATOM   1239 N N   . CYS A 1 171 ? -1.611  -2.106  11.560  1.00 18.39 ? 169 CYS X N   1 
ATOM   1240 C CA  . CYS A 1 171 ? -2.023  -2.224  10.166  1.00 17.25 ? 169 CYS X CA  1 
ATOM   1241 C C   . CYS A 1 171 ? -3.186  -1.271  9.936   1.00 16.61 ? 169 CYS X C   1 
ATOM   1242 O O   . CYS A 1 171 ? -4.260  -1.449  10.511  1.00 15.54 ? 169 CYS X O   1 
ATOM   1243 C CB  A CYS A 1 171 ? -2.413  -3.661  9.831   0.50 16.84 ? 169 CYS X CB  1 
ATOM   1244 C CB  B CYS A 1 171 ? -2.436  -3.677  9.880   0.50 17.88 ? 169 CYS X CB  1 
ATOM   1245 S SG  A CYS A 1 171 ? -1.096  -4.854  10.124  0.50 16.28 ? 169 CYS X SG  1 
ATOM   1246 S SG  B CYS A 1 171 ? -2.577  -4.201  8.139   0.50 19.27 ? 169 CYS X SG  1 
ATOM   1247 N N   . ASN A 1 172 ? -2.948  -0.250  9.111   1.00 15.38 ? 170 ASN X N   1 
ATOM   1248 C CA  . ASN A 1 172 ? -3.924  0.801   8.854   1.00 15.40 ? 170 ASN X CA  1 
ATOM   1249 C C   . ASN A 1 172 ? -4.116  1.062   7.372   1.00 15.23 ? 170 ASN X C   1 
ATOM   1250 O O   . ASN A 1 172 ? -3.314  0.620   6.544   1.00 14.66 ? 170 ASN X O   1 
ATOM   1251 C CB  . ASN A 1 172 ? -3.511  2.092   9.569   1.00 14.58 ? 170 ASN X CB  1 
ATOM   1252 C CG  . ASN A 1 172 ? -3.629  1.968   11.072  1.00 15.03 ? 170 ASN X CG  1 
ATOM   1253 O OD1 . ASN A 1 172 ? -4.736  1.878   11.600  1.00 14.29 ? 170 ASN X OD1 1 
ATOM   1254 N ND2 . ASN A 1 172 ? -2.486  1.929   11.768  1.00 14.94 ? 170 ASN X ND2 1 
ATOM   1255 N N   . VAL A 1 173 ? -5.183  1.789   7.062   1.00 14.00 ? 171 VAL X N   1 
ATOM   1256 C CA  . VAL A 1 173 ? -5.570  2.085   5.689   1.00 14.17 ? 171 VAL X CA  1 
ATOM   1257 C C   . VAL A 1 173 ? -5.683  3.601   5.508   1.00 14.89 ? 171 VAL X C   1 
ATOM   1258 O O   . VAL A 1 173 ? -6.066  4.319   6.439   1.00 15.42 ? 171 VAL X O   1 
ATOM   1259 C CB  . VAL A 1 173 ? -6.906  1.368   5.315   1.00 13.35 ? 171 VAL X CB  1 
ATOM   1260 C CG1 . VAL A 1 173 ? -7.365  1.738   3.916   1.00 12.65 ? 171 VAL X CG1 1 
ATOM   1261 C CG2 . VAL A 1 173 ? -6.754  -0.158  5.437   1.00 12.48 ? 171 VAL X CG2 1 
ATOM   1262 N N   . VAL A 1 174 ? -5.298  4.088   4.329   1.00 14.30 ? 172 VAL X N   1 
ATOM   1263 C CA  . VAL A 1 174 ? -5.564  5.464   3.939   1.00 14.78 ? 172 VAL X CA  1 
ATOM   1264 C C   . VAL A 1 174 ? -6.428  5.400   2.685   1.00 15.48 ? 172 VAL X C   1 
ATOM   1265 O O   . VAL A 1 174 ? -6.108  4.660   1.752   1.00 15.33 ? 172 VAL X O   1 
ATOM   1266 C CB  . VAL A 1 174 ? -4.264  6.271   3.667   1.00 15.41 ? 172 VAL X CB  1 
ATOM   1267 C CG1 . VAL A 1 174 ? -4.596  7.709   3.303   1.00 15.02 ? 172 VAL X CG1 1 
ATOM   1268 C CG2 . VAL A 1 174 ? -3.370  6.266   4.892   1.00 16.39 ? 172 VAL X CG2 1 
ATOM   1269 N N   . SER A 1 175 ? -7.521  6.161   2.676   1.00 14.99 ? 173 SER X N   1 
ATOM   1270 C CA  . SER A 1 175 ? -8.464  6.177   1.553   1.00 15.58 ? 173 SER X CA  1 
ATOM   1271 C C   . SER A 1 175 ? -8.518  7.552   0.877   1.00 16.45 ? 173 SER X C   1 
ATOM   1272 O O   . SER A 1 175 ? -9.367  8.379   1.219   1.00 15.56 ? 173 SER X O   1 
ATOM   1273 C CB  . SER A 1 175 ? -9.864  5.764   2.018   1.00 14.53 ? 173 SER X CB  1 
ATOM   1274 O OG  . SER A 1 175 ? -9.895  4.407   2.405   1.00 14.10 ? 173 SER X OG  1 
ATOM   1275 N N   . PRO A 1 176 ? -7.624  7.791   -0.102  1.00 18.05 ? 174 PRO X N   1 
ATOM   1276 C CA  . PRO A 1 176 ? -7.586  9.088   -0.781  1.00 19.81 ? 174 PRO X CA  1 
ATOM   1277 C C   . PRO A 1 176 ? -8.760  9.235   -1.737  1.00 21.55 ? 174 PRO X C   1 
ATOM   1278 O O   . PRO A 1 176 ? -9.337  8.226   -2.163  1.00 21.01 ? 174 PRO X O   1 
ATOM   1279 C CB  . PRO A 1 176 ? -6.283  9.044   -1.600  1.00 19.73 ? 174 PRO X CB  1 
ATOM   1280 C CG  . PRO A 1 176 ? -5.699  7.683   -1.427  1.00 19.70 ? 174 PRO X CG  1 
ATOM   1281 C CD  . PRO A 1 176 ? -6.649  6.829   -0.651  1.00 18.87 ? 174 PRO X CD  1 
ATOM   1282 N N   . GLY A 1 177 ? -9.105  10.477  -2.068  1.00 22.95 ? 175 GLY X N   1 
ATOM   1283 C CA  . GLY A 1 177 ? -10.044 10.749  -3.149  1.00 26.49 ? 175 GLY X CA  1 
ATOM   1284 C C   . GLY A 1 177 ? -9.281  10.719  -4.460  1.00 29.34 ? 175 GLY X C   1 
ATOM   1285 O O   . GLY A 1 177 ? -8.145  10.247  -4.503  1.00 28.82 ? 175 GLY X O   1 
ATOM   1286 N N   . SER A 1 178 ? -9.901  11.221  -5.524  1.00 32.86 ? 176 SER X N   1 
ATOM   1287 C CA  . SER A 1 178 ? -9.234  11.363  -6.826  1.00 36.16 ? 176 SER X CA  1 
ATOM   1288 C C   . SER A 1 178 ? -7.916  12.132  -6.686  1.00 37.72 ? 176 SER X C   1 
ATOM   1289 O O   . SER A 1 178 ? -7.871  13.185  -6.034  1.00 38.36 ? 176 SER X O   1 
ATOM   1290 C CB  . SER A 1 178 ? -10.160 12.074  -7.816  1.00 37.39 ? 176 SER X CB  1 
ATOM   1291 O OG  . SER A 1 178 ? -9.607  12.092  -9.125  1.00 39.16 ? 176 SER X OG  1 
ATOM   1292 N N   . THR A 1 179 ? -6.853  11.591  -7.289  1.00 39.38 ? 177 THR X N   1 
ATOM   1293 C CA  . THR A 1 179 ? -5.499  12.151  -7.184  1.00 40.42 ? 177 THR X CA  1 
ATOM   1294 C C   . THR A 1 179 ? -5.391  13.585  -7.705  1.00 41.33 ? 177 THR X C   1 
ATOM   1295 O O   . THR A 1 179 ? -5.134  13.817  -8.892  1.00 42.08 ? 177 THR X O   1 
ATOM   1296 C CB  . THR A 1 179 ? -4.491  11.241  -7.891  1.00 40.81 ? 177 THR X CB  1 
ATOM   1297 N N   . ARG A 1 216 ? -1.740  16.673  -4.399  1.00 33.43 ? 214 ARG X N   1 
ATOM   1298 C CA  . ARG A 1 216 ? -2.463  15.801  -3.478  1.00 32.88 ? 214 ARG X CA  1 
ATOM   1299 C C   . ARG A 1 216 ? -1.613  14.609  -2.988  1.00 31.16 ? 214 ARG X C   1 
ATOM   1300 O O   . ARG A 1 216 ? -1.643  14.312  -1.798  1.00 30.59 ? 214 ARG X O   1 
ATOM   1301 C CB  . ARG A 1 216 ? -3.813  15.347  -4.079  1.00 34.59 ? 214 ARG X CB  1 
ATOM   1302 C CG  . ARG A 1 216 ? -4.833  14.807  -3.077  1.00 36.27 ? 214 ARG X CG  1 
ATOM   1303 C CD  . ARG A 1 216 ? -5.610  15.921  -2.341  1.00 37.92 ? 214 ARG X CD  1 
ATOM   1304 N NE  . ARG A 1 216 ? -6.855  16.293  -3.025  1.00 38.71 ? 214 ARG X NE  1 
ATOM   1305 C CZ  . ARG A 1 216 ? -7.069  17.443  -3.666  1.00 39.27 ? 214 ARG X CZ  1 
ATOM   1306 N NH1 . ARG A 1 216 ? -6.127  18.380  -3.731  1.00 39.47 ? 214 ARG X NH1 1 
ATOM   1307 N NH2 . ARG A 1 216 ? -8.241  17.660  -4.252  1.00 40.06 ? 214 ARG X NH2 1 
ATOM   1308 N N   . PRO A 1 217 ? -0.853  13.931  -3.887  1.00 29.74 ? 215 PRO X N   1 
ATOM   1309 C CA  . PRO A 1 217 ? -0.022  12.806  -3.415  1.00 29.12 ? 215 PRO X CA  1 
ATOM   1310 C C   . PRO A 1 217 ? 0.851   13.098  -2.183  1.00 28.57 ? 215 PRO X C   1 
ATOM   1311 O O   . PRO A 1 217 ? 1.012   12.223  -1.338  1.00 26.45 ? 215 PRO X O   1 
ATOM   1312 C CB  . PRO A 1 217 ? 0.852   12.480  -4.630  1.00 29.13 ? 215 PRO X CB  1 
ATOM   1313 C CG  . PRO A 1 217 ? -0.001  12.856  -5.791  1.00 29.51 ? 215 PRO X CG  1 
ATOM   1314 C CD  . PRO A 1 217 ? -0.720  14.109  -5.349  1.00 29.50 ? 215 PRO X CD  1 
ATOM   1315 N N   . GLN A 1 218 ? 1.390   14.315  -2.084  1.00 28.91 ? 216 GLN X N   1 
ATOM   1316 C CA  . GLN A 1 218 ? 2.191   14.715  -0.919  1.00 29.66 ? 216 GLN X CA  1 
ATOM   1317 C C   . GLN A 1 218 ? 1.411   14.740  0.392   1.00 29.30 ? 216 GLN X C   1 
ATOM   1318 O O   . GLN A 1 218 ? 1.970   14.448  1.452   1.00 29.03 ? 216 GLN X O   1 
ATOM   1319 C CB  . GLN A 1 218 ? 2.870   16.066  -1.156  1.00 31.20 ? 216 GLN X CB  1 
ATOM   1320 C CG  . GLN A 1 218 ? 4.113   15.982  -2.042  1.00 32.89 ? 216 GLN X CG  1 
ATOM   1321 C CD  . GLN A 1 218 ? 5.268   15.229  -1.387  1.00 33.90 ? 216 GLN X CD  1 
ATOM   1322 O OE1 . GLN A 1 218 ? 5.852   14.326  -1.985  1.00 34.80 ? 216 GLN X OE1 1 
ATOM   1323 N NE2 . GLN A 1 218 ? 5.593   15.595  -0.154  1.00 34.49 ? 216 GLN X NE2 1 
ATOM   1324 N N   . GLU A 1 219 ? 0.126   15.088  0.318   1.00 28.93 ? 217 GLU X N   1 
ATOM   1325 C CA  . GLU A 1 219 ? -0.757  15.075  1.482   1.00 27.98 ? 217 GLU X CA  1 
ATOM   1326 C C   . GLU A 1 219 ? -1.063  13.654  1.927   1.00 27.23 ? 217 GLU X C   1 
ATOM   1327 O O   . GLU A 1 219 ? -1.071  13.365  3.121   1.00 28.11 ? 217 GLU X O   1 
ATOM   1328 C CB  . GLU A 1 219 ? -2.060  15.841  1.192   1.00 28.91 ? 217 GLU X CB  1 
ATOM   1329 N N   . ILE A 1 220 ? -1.328  12.768  0.969   1.00 25.75 ? 218 ILE X N   1 
ATOM   1330 C CA  . ILE A 1 220 ? -1.522  11.353  1.284   1.00 24.36 ? 218 ILE X CA  1 
ATOM   1331 C C   . ILE A 1 220 ? -0.263  10.793  1.949   1.00 23.57 ? 218 ILE X C   1 
ATOM   1332 O O   . ILE A 1 220 ? -0.354  10.071  2.950   1.00 23.01 ? 218 ILE X O   1 
ATOM   1333 C CB  . ILE A 1 220 ? -1.903  10.516  0.034   1.00 23.88 ? 218 ILE X CB  1 
ATOM   1334 C CG1 . ILE A 1 220 ? -3.061  11.168  -0.735  1.00 24.27 ? 218 ILE X CG1 1 
ATOM   1335 C CG2 . ILE A 1 220 ? -2.237  9.081   0.422   1.00 23.82 ? 218 ILE X CG2 1 
ATOM   1336 C CD1 . ILE A 1 220 ? -4.352  11.307  0.071   1.00 25.16 ? 218 ILE X CD1 1 
ATOM   1337 N N   . ALA A 1 221 ? 0.902   11.148  1.403   1.00 22.09 ? 219 ALA X N   1 
ATOM   1338 C CA  . ALA A 1 221 ? 2.187   10.690  1.939   1.00 21.71 ? 219 ALA X CA  1 
ATOM   1339 C C   . ALA A 1 221 ? 2.361   11.089  3.406   1.00 21.28 ? 219 ALA X C   1 
ATOM   1340 O O   . ALA A 1 221 ? 2.866   10.306  4.212   1.00 20.82 ? 219 ALA X O   1 
ATOM   1341 C CB  . ALA A 1 221 ? 3.344   11.226  1.093   1.00 21.49 ? 219 ALA X CB  1 
ATOM   1342 N N   . ASN A 1 222 ? 1.921   12.301  3.745   1.00 21.22 ? 220 ASN X N   1 
ATOM   1343 C CA  . ASN A 1 222 ? 1.958   12.798  5.126   1.00 21.44 ? 220 ASN X CA  1 
ATOM   1344 C C   . ASN A 1 222 ? 1.112   11.961  6.074   1.00 20.54 ? 220 ASN X C   1 
ATOM   1345 O O   . ASN A 1 222 ? 1.519   11.702  7.204   1.00 20.45 ? 220 ASN X O   1 
ATOM   1346 C CB  . ASN A 1 222 ? 1.508   14.266  5.194   1.00 22.54 ? 220 ASN X CB  1 
ATOM   1347 C CG  . ASN A 1 222 ? 2.529   15.217  4.597   1.00 23.89 ? 220 ASN X CG  1 
ATOM   1348 O OD1 . ASN A 1 222 ? 3.735   14.954  4.629   1.00 24.91 ? 220 ASN X OD1 1 
ATOM   1349 N ND2 . ASN A 1 222 ? 2.054   16.335  4.062   1.00 24.24 ? 220 ASN X ND2 1 
ATOM   1350 N N   . THR A 1 223 ? -0.063  11.549  5.607   1.00 19.78 ? 221 THR X N   1 
ATOM   1351 C CA  . THR A 1 223 ? -0.942  10.687  6.396   1.00 19.27 ? 221 THR X CA  1 
ATOM   1352 C C   . THR A 1 223 ? -0.332  9.287   6.549   1.00 18.59 ? 221 THR X C   1 
ATOM   1353 O O   . THR A 1 223 ? -0.383  8.702   7.634   1.00 17.59 ? 221 THR X O   1 
ATOM   1354 C CB  . THR A 1 223 ? -2.365  10.638  5.809   1.00 19.37 ? 221 THR X CB  1 
ATOM   1355 O OG1 . THR A 1 223 ? -2.915  11.959  5.820   1.00 20.33 ? 221 THR X OG1 1 
ATOM   1356 C CG2 . THR A 1 223 ? -3.278  9.727   6.626   1.00 19.24 ? 221 THR X CG2 1 
ATOM   1357 N N   . ILE A 1 224 ? 0.266   8.768   5.475   1.00 17.23 ? 222 ILE X N   1 
ATOM   1358 C CA  . ILE A 1 224 ? 0.928   7.452   5.539   1.00 17.01 ? 222 ILE X CA  1 
ATOM   1359 C C   . ILE A 1 224 ? 2.096   7.451   6.529   1.00 16.43 ? 222 ILE X C   1 
ATOM   1360 O O   . ILE A 1 224 ? 2.221   6.527   7.338   1.00 17.72 ? 222 ILE X O   1 
ATOM   1361 C CB  . ILE A 1 224 ? 1.413   6.943   4.152   1.00 16.28 ? 222 ILE X CB  1 
ATOM   1362 C CG1 . ILE A 1 224 ? 0.232   6.663   3.221   1.00 16.03 ? 222 ILE X CG1 1 
ATOM   1363 C CG2 . ILE A 1 224 ? 2.238   5.662   4.316   1.00 16.01 ? 222 ILE X CG2 1 
ATOM   1364 C CD1 . ILE A 1 224 ? 0.637   6.461   1.741   1.00 16.31 ? 222 ILE X CD1 1 
ATOM   1365 N N   . LEU A 1 225 ? 2.933   8.487   6.476   1.00 16.65 ? 223 LEU X N   1 
ATOM   1366 C CA  . LEU A 1 225 ? 4.069   8.605   7.396   1.00 17.58 ? 223 LEU X CA  1 
ATOM   1367 C C   . LEU A 1 225 ? 3.626   8.662   8.848   1.00 18.07 ? 223 LEU X C   1 
ATOM   1368 O O   . LEU A 1 225 ? 4.244   8.034   9.707   1.00 19.01 ? 223 LEU X O   1 
ATOM   1369 C CB  . LEU A 1 225 ? 4.960   9.810   7.051   1.00 18.01 ? 223 LEU X CB  1 
ATOM   1370 C CG  . LEU A 1 225 ? 6.227   9.472   6.242   1.00 18.40 ? 223 LEU X CG  1 
ATOM   1371 C CD1 . LEU A 1 225 ? 5.866   8.969   4.845   1.00 18.61 ? 223 LEU X CD1 1 
ATOM   1372 C CD2 . LEU A 1 225 ? 7.164   10.666  6.147   1.00 18.54 ? 223 LEU X CD2 1 
ATOM   1373 N N   . PHE A 1 226 ? 2.551   9.404   9.110   1.00 18.77 ? 224 PHE X N   1 
ATOM   1374 C CA  . PHE A 1 226 ? 1.975   9.491   10.452  1.00 18.87 ? 224 PHE X CA  1 
ATOM   1375 C C   . PHE A 1 226 ? 1.555   8.116   10.963  1.00 18.53 ? 224 PHE X C   1 
ATOM   1376 O O   . PHE A 1 226 ? 1.917   7.734   12.073  1.00 19.10 ? 224 PHE X O   1 
ATOM   1377 C CB  . PHE A 1 226 ? 0.781   10.456  10.493  1.00 19.51 ? 224 PHE X CB  1 
ATOM   1378 C CG  . PHE A 1 226 ? 0.032   10.427  11.807  1.00 20.35 ? 224 PHE X CG  1 
ATOM   1379 C CD1 . PHE A 1 226 ? 0.560   11.054  12.938  1.00 20.47 ? 224 PHE X CD1 1 
ATOM   1380 C CD2 . PHE A 1 226 ? -1.182  9.750   11.921  1.00 20.35 ? 224 PHE X CD2 1 
ATOM   1381 C CE1 . PHE A 1 226 ? -0.119  11.015  14.163  1.00 20.61 ? 224 PHE X CE1 1 
ATOM   1382 C CE2 . PHE A 1 226 ? -1.871  9.703   13.145  1.00 20.75 ? 224 PHE X CE2 1 
ATOM   1383 C CZ  . PHE A 1 226 ? -1.332  10.338  14.264  1.00 20.37 ? 224 PHE X CZ  1 
ATOM   1384 N N   . LEU A 1 227 ? 0.789   7.385   10.152  1.00 17.98 ? 225 LEU X N   1 
ATOM   1385 C CA  . LEU A 1 227 ? 0.313   6.046   10.530  1.00 17.71 ? 225 LEU X CA  1 
ATOM   1386 C C   . LEU A 1 227 ? 1.444   5.040   10.683  1.00 17.96 ? 225 LEU X C   1 
ATOM   1387 O O   . LEU A 1 227 ? 1.313   4.074   11.428  1.00 18.64 ? 225 LEU X O   1 
ATOM   1388 C CB  . LEU A 1 227 ? -0.717  5.520   9.523   1.00 16.63 ? 225 LEU X CB  1 
ATOM   1389 C CG  . LEU A 1 227 ? -2.059  6.256   9.482   1.00 16.17 ? 225 LEU X CG  1 
ATOM   1390 C CD1 . LEU A 1 227 ? -2.870  5.806   8.282   1.00 16.03 ? 225 LEU X CD1 1 
ATOM   1391 C CD2 . LEU A 1 227 ? -2.848  6.047   10.779  1.00 15.98 ? 225 LEU X CD2 1 
ATOM   1392 N N   . ALA A 1 228 ? 2.549   5.270   9.974   1.00 18.60 ? 226 ALA X N   1 
ATOM   1393 C CA  . ALA A 1 228 ? 3.720   4.391   10.046  1.00 19.29 ? 226 ALA X CA  1 
ATOM   1394 C C   . ALA A 1 228 ? 4.636   4.747   11.218  1.00 20.65 ? 226 ALA X C   1 
ATOM   1395 O O   . ALA A 1 228 ? 5.539   3.972   11.564  1.00 21.18 ? 226 ALA X O   1 
ATOM   1396 C CB  . ALA A 1 228 ? 4.502   4.427   8.722   1.00 18.44 ? 226 ALA X CB  1 
ATOM   1397 N N   . SER A 1 229 ? 4.409   5.912   11.825  1.00 21.25 ? 227 SER X N   1 
ATOM   1398 C CA  . SER A 1 229 ? 5.302   6.427   12.863  1.00 22.31 ? 227 SER X CA  1 
ATOM   1399 C C   . SER A 1 229 ? 4.903   5.953   14.241  1.00 23.49 ? 227 SER X C   1 
ATOM   1400 O O   . SER A 1 229 ? 3.813   5.415   14.434  1.00 22.95 ? 227 SER X O   1 
ATOM   1401 C CB  . SER A 1 229 ? 5.330   7.954   12.859  1.00 21.99 ? 227 SER X CB  1 
ATOM   1402 O OG  . SER A 1 229 ? 4.141   8.482   13.424  1.00 21.39 ? 227 SER X OG  1 
ATOM   1403 N N   . ASP A 1 230 ? 5.797   6.181   15.198  1.00 25.28 ? 228 ASP X N   1 
ATOM   1404 C CA  . ASP A 1 230 ? 5.568   5.840   16.599  1.00 27.94 ? 228 ASP X CA  1 
ATOM   1405 C C   . ASP A 1 230 ? 4.594   6.800   17.290  1.00 28.20 ? 228 ASP X C   1 
ATOM   1406 O O   . ASP A 1 230 ? 4.167   6.545   18.415  1.00 28.69 ? 228 ASP X O   1 
ATOM   1407 C CB  . ASP A 1 230 ? 6.903   5.776   17.349  1.00 29.96 ? 228 ASP X CB  1 
ATOM   1408 C CG  . ASP A 1 230 ? 7.877   4.787   16.714  1.00 31.84 ? 228 ASP X CG  1 
ATOM   1409 O OD1 . ASP A 1 230 ? 7.418   3.758   16.170  1.00 32.95 ? 228 ASP X OD1 1 
ATOM   1410 O OD2 . ASP A 1 230 ? 9.101   5.037   16.749  1.00 33.30 ? 228 ASP X OD2 1 
ATOM   1411 N N   . LEU A 1 231 ? 4.244   7.894   16.615  1.00 28.36 ? 229 LEU X N   1 
ATOM   1412 C CA  . LEU A 1 231 ? 3.180   8.782   17.083  1.00 29.08 ? 229 LEU X CA  1 
ATOM   1413 C C   . LEU A 1 231 ? 1.831   8.062   17.055  1.00 29.38 ? 229 LEU X C   1 
ATOM   1414 O O   . LEU A 1 231 ? 0.933   8.382   17.832  1.00 30.48 ? 229 LEU X O   1 
ATOM   1415 C CB  . LEU A 1 231 ? 3.093   10.040  16.217  1.00 28.94 ? 229 LEU X CB  1 
ATOM   1416 C CG  . LEU A 1 231 ? 4.311   10.942  16.006  1.00 29.15 ? 229 LEU X CG  1 
ATOM   1417 C CD1 . LEU A 1 231 ? 3.930   12.041  15.032  1.00 29.21 ? 229 LEU X CD1 1 
ATOM   1418 C CD2 . LEU A 1 231 ? 4.835   11.543  17.315  1.00 29.03 ? 229 LEU X CD2 1 
ATOM   1419 N N   . ALA A 1 232 ? 1.696   7.093   16.152  1.00 29.29 ? 230 ALA X N   1 
ATOM   1420 C CA  . ALA A 1 232 ? 0.434   6.384   15.959  1.00 29.27 ? 230 ALA X CA  1 
ATOM   1421 C C   . ALA A 1 232 ? 0.476   4.963   16.527  1.00 28.99 ? 230 ALA X C   1 
ATOM   1422 O O   . ALA A 1 232 ? -0.209  4.067   16.024  1.00 29.09 ? 230 ALA X O   1 
ATOM   1423 C CB  . ALA A 1 232 ? 0.075   6.366   14.474  1.00 29.14 ? 230 ALA X CB  1 
ATOM   1424 N N   . SER A 1 233 ? 1.256   4.766   17.590  1.00 28.33 ? 231 SER X N   1 
ATOM   1425 C CA  . SER A 1 233 ? 1.565   3.415   18.070  1.00 28.15 ? 231 SER X CA  1 
ATOM   1426 C C   . SER A 1 233 ? 0.371   2.641   18.645  1.00 27.71 ? 231 SER X C   1 
ATOM   1427 O O   . SER A 1 233 ? 0.429   1.415   18.763  1.00 27.38 ? 231 SER X O   1 
ATOM   1428 C CB  . SER A 1 233 ? 2.727   3.441   19.071  1.00 28.88 ? 231 SER X CB  1 
ATOM   1429 O OG  . SER A 1 233 ? 2.400   4.211   20.217  1.00 29.97 ? 231 SER X OG  1 
ATOM   1430 N N   . HIS A 1 234 ? -0.704  3.340   18.995  1.00 26.27 ? 232 HIS X N   1 
ATOM   1431 C CA  . HIS A 1 234 ? -1.910  2.658   19.462  1.00 26.61 ? 232 HIS X CA  1 
ATOM   1432 C C   . HIS A 1 234 ? -3.076  2.755   18.472  1.00 24.78 ? 232 HIS X C   1 
ATOM   1433 O O   . HIS A 1 234 ? -4.228  2.510   18.834  1.00 24.78 ? 232 HIS X O   1 
ATOM   1434 C CB  . HIS A 1 234 ? -2.312  3.145   20.858  1.00 29.43 ? 232 HIS X CB  1 
ATOM   1435 C CG  . HIS A 1 234 ? -1.392  2.671   21.942  1.00 31.80 ? 232 HIS X CG  1 
ATOM   1436 N ND1 . HIS A 1 234 ? -1.264  1.340   22.276  1.00 33.41 ? 232 HIS X ND1 1 
ATOM   1437 C CD2 . HIS A 1 234 ? -0.539  3.345   22.749  1.00 33.16 ? 232 HIS X CD2 1 
ATOM   1438 C CE1 . HIS A 1 234 ? -0.382  1.215   23.253  1.00 33.80 ? 232 HIS X CE1 1 
ATOM   1439 N NE2 . HIS A 1 234 ? 0.070   2.417   23.562  1.00 33.81 ? 232 HIS X NE2 1 
ATOM   1440 N N   . ILE A 1 235 ? -2.757  3.102   17.225  1.00 22.26 ? 233 ILE X N   1 
ATOM   1441 C CA  . ILE A 1 235 ? -3.744  3.159   16.144  1.00 20.17 ? 233 ILE X CA  1 
ATOM   1442 C C   . ILE A 1 235 ? -3.553  1.946   15.244  1.00 19.83 ? 233 ILE X C   1 
ATOM   1443 O O   . ILE A 1 235 ? -2.522  1.813   14.569  1.00 18.69 ? 233 ILE X O   1 
ATOM   1444 C CB  . ILE A 1 235 ? -3.594  4.428   15.278  1.00 19.61 ? 233 ILE X CB  1 
ATOM   1445 C CG1 . ILE A 1 235 ? -3.811  5.693   16.109  1.00 19.38 ? 233 ILE X CG1 1 
ATOM   1446 C CG2 . ILE A 1 235 ? -4.561  4.387   14.085  1.00 19.12 ? 233 ILE X CG2 1 
ATOM   1447 C CD1 . ILE A 1 235 ? -3.501  6.987   15.355  1.00 19.36 ? 233 ILE X CD1 1 
ATOM   1448 N N   . THR A 1 236 ? -4.533  1.052   15.255  1.00 18.74 ? 234 THR X N   1 
ATOM   1449 C CA  . THR A 1 236 ? -4.529  -0.058  14.307  1.00 17.96 ? 234 THR X CA  1 
ATOM   1450 C C   . THR A 1 236 ? -5.947  -0.384  13.805  1.00 17.89 ? 234 THR X C   1 
ATOM   1451 O O   . THR A 1 236 ? -6.948  -0.090  14.484  1.00 17.72 ? 234 THR X O   1 
ATOM   1452 C CB  . THR A 1 236 ? -3.790  -1.310  14.871  1.00 17.95 ? 234 THR X CB  1 
ATOM   1453 O OG1 . THR A 1 236 ? -3.485  -2.219  13.805  1.00 17.31 ? 234 THR X OG1 1 
ATOM   1454 C CG2 . THR A 1 236 ? -4.631  -2.023  15.922  1.00 18.07 ? 234 THR X CG2 1 
ATOM   1455 N N   . LEU A 1 237 ? -6.016  -0.978  12.612  1.00 16.90 ? 235 LEU X N   1 
ATOM   1456 C CA  . LEU A 1 237 ? -7.282  -1.323  11.942  1.00 16.78 ? 235 LEU X CA  1 
ATOM   1457 C C   . LEU A 1 237 ? -8.145  -0.104  11.580  1.00 16.87 ? 235 LEU X C   1 
ATOM   1458 O O   . LEU A 1 237 ? -9.364  -0.220  11.371  1.00 17.21 ? 235 LEU X O   1 
ATOM   1459 C CB  . LEU A 1 237 ? -8.077  -2.369  12.741  1.00 17.53 ? 235 LEU X CB  1 
ATOM   1460 C CG  . LEU A 1 237 ? -7.342  -3.600  13.297  1.00 18.39 ? 235 LEU X CG  1 
ATOM   1461 C CD1 . LEU A 1 237 ? -8.323  -4.618  13.906  1.00 18.99 ? 235 LEU X CD1 1 
ATOM   1462 C CD2 . LEU A 1 237 ? -6.489  -4.263  12.246  1.00 18.34 ? 235 LEU X CD2 1 
ATOM   1463 N N   . GLN A 1 238 ? -7.495  1.050   11.472  1.00 16.13 ? 236 GLN X N   1 
ATOM   1464 C CA  . GLN A 1 238 ? -8.172  2.291   11.129  1.00 16.46 ? 236 GLN X CA  1 
ATOM   1465 C C   . GLN A 1 238 ? -8.031  2.629   9.653   1.00 16.75 ? 236 GLN X C   1 
ATOM   1466 O O   . GLN A 1 238 ? -7.149  2.115   8.967   1.00 16.75 ? 236 GLN X O   1 
ATOM   1467 C CB  . GLN A 1 238 ? -7.669  3.441   12.013  1.00 17.06 ? 236 GLN X CB  1 
ATOM   1468 C CG  . GLN A 1 238 ? -8.228  3.381   13.434  1.00 18.02 ? 236 GLN X CG  1 
ATOM   1469 C CD  . GLN A 1 238 ? -9.710  3.657   13.466  1.00 18.26 ? 236 GLN X CD  1 
ATOM   1470 O OE1 . GLN A 1 238 ? -10.139 4.779   13.227  1.00 18.35 ? 236 GLN X OE1 1 
ATOM   1471 N NE2 . GLN A 1 238 ? -10.505 2.632   13.758  1.00 18.76 ? 236 GLN X NE2 1 
ATOM   1472 N N   . ASP A 1 239 ? -8.914  3.492   9.166   1.00 16.17 ? 237 ASP X N   1 
ATOM   1473 C CA  . ASP A 1 239 ? -8.909  3.874   7.772   1.00 17.09 ? 237 ASP X CA  1 
ATOM   1474 C C   . ASP A 1 239 ? -9.206  5.355   7.716   1.00 16.58 ? 237 ASP X C   1 
ATOM   1475 O O   . ASP A 1 239 ? -10.316 5.782   8.047   1.00 17.25 ? 237 ASP X O   1 
ATOM   1476 C CB  . ASP A 1 239 ? -9.962  3.053   7.006   1.00 17.94 ? 237 ASP X CB  1 
ATOM   1477 C CG  . ASP A 1 239 ? -10.057 3.415   5.530   1.00 19.24 ? 237 ASP X CG  1 
ATOM   1478 O OD1 . ASP A 1 239 ? -9.287  4.266   5.043   1.00 19.53 ? 237 ASP X OD1 1 
ATOM   1479 O OD2 . ASP A 1 239 ? -10.917 2.822   4.842   1.00 20.19 ? 237 ASP X OD2 1 
ATOM   1480 N N   . ILE A 1 240 ? -8.213  6.137   7.308   1.00 15.82 ? 238 ILE X N   1 
ATOM   1481 C CA  . ILE A 1 240 ? -8.361  7.592   7.238   1.00 16.05 ? 238 ILE X CA  1 
ATOM   1482 C C   . ILE A 1 240 ? -8.693  8.001   5.815   1.00 15.95 ? 238 ILE X C   1 
ATOM   1483 O O   . ILE A 1 240 ? -7.930  7.728   4.893   1.00 16.31 ? 238 ILE X O   1 
ATOM   1484 C CB  . ILE A 1 240 ? -7.092  8.337   7.712   1.00 15.90 ? 238 ILE X CB  1 
ATOM   1485 C CG1 . ILE A 1 240 ? -6.674  7.859   9.115   1.00 15.69 ? 238 ILE X CG1 1 
ATOM   1486 C CG2 . ILE A 1 240 ? -7.307  9.866   7.658   1.00 15.33 ? 238 ILE X CG2 1 
ATOM   1487 C CD1 . ILE A 1 240 ? -5.455  8.571   9.686   1.00 15.93 ? 238 ILE X CD1 1 
ATOM   1488 N N   . VAL A 1 241 ? -9.835  8.655   5.648   1.00 15.96 ? 239 VAL X N   1 
ATOM   1489 C CA  . VAL A 1 241 ? -10.286 9.108   4.342   1.00 16.09 ? 239 VAL X CA  1 
ATOM   1490 C C   . VAL A 1 241 ? -9.766  10.528  4.125   1.00 16.82 ? 239 VAL X C   1 
ATOM   1491 O O   . VAL A 1 241 ? -10.047 11.427  4.920   1.00 17.11 ? 239 VAL X O   1 
ATOM   1492 C CB  . VAL A 1 241 ? -11.834 9.053   4.215   1.00 16.04 ? 239 VAL X CB  1 
ATOM   1493 C CG1 . VAL A 1 241 ? -12.290 9.456   2.801   1.00 15.88 ? 239 VAL X CG1 1 
ATOM   1494 C CG2 . VAL A 1 241 ? -12.347 7.663   4.543   1.00 15.44 ? 239 VAL X CG2 1 
ATOM   1495 N N   . VAL A 1 242 ? -8.983  10.710  3.064   1.00 15.86 ? 240 VAL X N   1 
ATOM   1496 C CA  . VAL A 1 242 ? -8.390  12.012  2.754   1.00 17.17 ? 240 VAL X CA  1 
ATOM   1497 C C   . VAL A 1 242 ? -8.964  12.504  1.429   1.00 18.08 ? 240 VAL X C   1 
ATOM   1498 O O   . VAL A 1 242 ? -8.399  12.252  0.359   1.00 18.84 ? 240 VAL X O   1 
ATOM   1499 C CB  . VAL A 1 242 ? -6.838  11.936  2.692   1.00 16.52 ? 240 VAL X CB  1 
ATOM   1500 C CG1 . VAL A 1 242 ? -6.222  13.347  2.576   1.00 17.03 ? 240 VAL X CG1 1 
ATOM   1501 C CG2 . VAL A 1 242 ? -6.276  11.198  3.920   1.00 16.12 ? 240 VAL X CG2 1 
ATOM   1502 N N   . ASP A 1 243 ? -10.110 13.171  1.493   1.00 19.10 ? 241 ASP X N   1 
ATOM   1503 C CA  . ASP A 1 243 ? -10.801 13.610  0.277   1.00 20.13 ? 241 ASP X CA  1 
ATOM   1504 C C   . ASP A 1 243 ? -11.599 14.899  0.477   1.00 21.05 ? 241 ASP X C   1 
ATOM   1505 O O   . ASP A 1 243 ? -12.561 15.164  -0.257  1.00 21.63 ? 241 ASP X O   1 
ATOM   1506 C CB  . ASP A 1 243 ? -11.727 12.493  -0.235  1.00 20.25 ? 241 ASP X CB  1 
ATOM   1507 C CG  . ASP A 1 243 ? -12.873 12.183  0.723   1.00 19.85 ? 241 ASP X CG  1 
ATOM   1508 O OD1 . ASP A 1 243 ? -12.977 12.790  1.811   1.00 20.34 ? 241 ASP X OD1 1 
ATOM   1509 O OD2 . ASP A 1 243 ? -13.694 11.319  0.378   1.00 20.32 ? 241 ASP X OD2 1 
ATOM   1510 N N   . GLY A 1 244 ? -11.211 15.687  1.475   1.00 21.14 ? 242 GLY X N   1 
ATOM   1511 C CA  . GLY A 1 244 ? -11.909 16.932  1.796   1.00 21.85 ? 242 GLY X CA  1 
ATOM   1512 C C   . GLY A 1 244 ? -13.343 16.789  2.283   1.00 21.88 ? 242 GLY X C   1 
ATOM   1513 O O   . GLY A 1 244 ? -14.146 17.711  2.130   1.00 21.82 ? 242 GLY X O   1 
ATOM   1514 N N   . GLY A 1 245 ? -13.669 15.644  2.881   1.00 22.00 ? 243 GLY X N   1 
ATOM   1515 C CA  . GLY A 1 245 ? -14.998 15.426  3.454   1.00 22.58 ? 243 GLY X CA  1 
ATOM   1516 C C   . GLY A 1 245 ? -16.067 14.875  2.519   1.00 23.76 ? 243 GLY X C   1 
ATOM   1517 O O   . GLY A 1 245 ? -17.233 14.765  2.912   1.00 23.31 ? 243 GLY X O   1 
ATOM   1518 N N   . SER A 1 246 ? -15.664 14.513  1.297   1.00 24.38 ? 244 SER X N   1 
ATOM   1519 C CA  . SER A 1 246 ? -16.577 14.053  0.235   1.00 25.35 ? 244 SER X CA  1 
ATOM   1520 C C   . SER A 1 246 ? -17.547 12.951  0.643   1.00 24.91 ? 244 SER X C   1 
ATOM   1521 O O   . SER A 1 246 ? -18.669 12.906  0.142   1.00 26.16 ? 244 SER X O   1 
ATOM   1522 C CB  . SER A 1 246 ? -15.782 13.575  -0.993  1.00 25.79 ? 244 SER X CB  1 
ATOM   1523 O OG  . SER A 1 246 ? -15.324 14.668  -1.764  1.00 27.76 ? 244 SER X OG  1 
ATOM   1524 N N   . THR A 1 247 ? -17.113 12.052  1.522   1.00 24.21 ? 245 THR X N   1 
ATOM   1525 C CA  . THR A 1 247 ? -17.956 10.932  1.959   1.00 23.57 ? 245 THR X CA  1 
ATOM   1526 C C   . THR A 1 247 ? -18.823 11.287  3.176   1.00 23.49 ? 245 THR X C   1 
ATOM   1527 O O   . THR A 1 247 ? -19.593 10.454  3.661   1.00 22.35 ? 245 THR X O   1 
ATOM   1528 C CB  . THR A 1 247 ? -17.124 9.674   2.297   1.00 23.57 ? 245 THR X CB  1 
ATOM   1529 O OG1 . THR A 1 247 ? -16.329 9.918   3.467   1.00 23.16 ? 245 THR X OG1 1 
ATOM   1530 C CG2 . THR A 1 247 ? -16.221 9.279   1.136   1.00 23.48 ? 245 THR X CG2 1 
ATOM   1531 N N   . LEU A 1 248 ? -18.683 12.516  3.669   1.00 23.52 ? 246 LEU X N   1 
ATOM   1532 C CA  . LEU A 1 248 ? -19.461 13.012  4.818   1.00 24.19 ? 246 LEU X CA  1 
ATOM   1533 C C   . LEU A 1 248 ? -19.332 12.103  6.039   1.00 23.82 ? 246 LEU X C   1 
ATOM   1534 O O   . LEU A 1 248 ? -20.321 11.800  6.717   1.00 24.01 ? 246 LEU X O   1 
ATOM   1535 C CB  . LEU A 1 248 ? -20.940 13.229  4.439   1.00 24.76 ? 246 LEU X CB  1 
ATOM   1536 C CG  . LEU A 1 248 ? -21.231 14.111  3.221   1.00 25.62 ? 246 LEU X CG  1 
ATOM   1537 C CD1 . LEU A 1 248 ? -22.701 14.052  2.842   1.00 25.85 ? 246 LEU X CD1 1 
ATOM   1538 C CD2 . LEU A 1 248 ? -20.784 15.554  3.466   1.00 26.06 ? 246 LEU X CD2 1 
ATOM   1539 N N   . GLY A 1 249 ? -18.108 11.652  6.296   1.00 23.74 ? 247 GLY X N   1 
ATOM   1540 C CA  . GLY A 1 249 ? -17.840 10.753  7.413   1.00 23.63 ? 247 GLY X CA  1 
ATOM   1541 C C   . GLY A 1 249 ? -17.985 9.264   7.142   1.00 23.65 ? 247 GLY X C   1 
ATOM   1542 O O   . GLY A 1 249 ? -17.645 8.452   8.003   1.00 23.84 ? 247 GLY X O   1 
ATOM   1543 N N   . ALA A 1 250 ? -18.491 8.897   5.961   1.00 23.79 ? 248 ALA X N   1 
ATOM   1544 C CA  . ALA A 1 250 ? -18.602 7.477   5.576   1.00 23.71 ? 248 ALA X CA  1 
ATOM   1545 C C   . ALA A 1 250 ? -17.230 6.875   5.219   1.00 23.74 ? 248 ALA X C   1 
ATOM   1546 O O   . ALA A 1 250 ? -16.323 7.568   4.753   1.00 23.49 ? 248 ALA X O   1 
ATOM   1547 C CB  . ALA A 1 250 ? -19.589 7.297   4.416   1.00 23.77 ? 248 ALA X CB  1 
ATOM   1548 O OXT . ALA A 1 250 ? -17.000 5.676   5.379   1.00 22.82 ? 248 ALA X OXT 1 
HETATM 1549 O O   . HOH B 2 .   ? 14.901  -4.566  2.711   1.00 29.35 ? 249 HOH X O   1 
HETATM 1550 O O   . HOH B 2 .   ? 14.320  -0.898  2.251   1.00 19.09 ? 250 HOH X O   1 
HETATM 1551 O O   . HOH B 2 .   ? 1.121   -3.579  -2.745  1.00 15.73 ? 251 HOH X O   1 
HETATM 1552 O O   . HOH B 2 .   ? -1.334  -2.309  -3.123  1.00 21.30 ? 252 HOH X O   1 
HETATM 1553 O O   . HOH B 2 .   ? 1.332   4.749   -6.315  1.00 24.97 ? 253 HOH X O   1 
HETATM 1554 O O   . HOH B 2 .   ? -1.285  6.787   -6.894  1.00 26.19 ? 254 HOH X O   1 
HETATM 1555 O O   . HOH B 2 .   ? 13.098  10.043  -8.979  1.00 32.77 ? 255 HOH X O   1 
HETATM 1556 O O   . HOH B 2 .   ? 9.536   13.505  4.895   1.00 25.45 ? 256 HOH X O   1 
HETATM 1557 O O   . HOH B 2 .   ? 17.049  8.436   3.896   1.00 21.81 ? 257 HOH X O   1 
HETATM 1558 O O   . HOH B 2 .   ? 16.708  5.068   1.191   1.00 33.56 ? 258 HOH X O   1 
HETATM 1559 O O   . HOH B 2 .   ? 16.583  -2.955  -1.012  1.00 22.20 ? 259 HOH X O   1 
HETATM 1560 O O   . HOH B 2 .   ? 11.946  -1.402  -15.488 1.00 20.80 ? 260 HOH X O   1 
HETATM 1561 O O   . HOH B 2 .   ? 18.708  5.083   -9.066  1.00 33.36 ? 261 HOH X O   1 
HETATM 1562 O O   . HOH B 2 .   ? 17.820  3.555   -7.150  1.00 24.88 ? 262 HOH X O   1 
HETATM 1563 O O   . HOH B 2 .   ? 18.534  0.445   -6.758  1.00 29.88 ? 263 HOH X O   1 
HETATM 1564 O O   . HOH B 2 .   ? 13.516  -7.166  -9.061  1.00 17.31 ? 264 HOH X O   1 
HETATM 1565 O O   . HOH B 2 .   ? 14.905  -4.657  -10.644 1.00 22.06 ? 265 HOH X O   1 
HETATM 1566 O O   . HOH B 2 .   ? -2.790  -10.627 -9.011  1.00 18.26 ? 266 HOH X O   1 
HETATM 1567 O O   . HOH B 2 .   ? 0.187   -14.201 -10.309 1.00 25.23 ? 267 HOH X O   1 
HETATM 1568 O O   . HOH B 2 .   ? 2.836   -15.581 -11.124 1.00 22.42 ? 268 HOH X O   1 
HETATM 1569 O O   . HOH B 2 .   ? 3.741   -14.258 -3.847  1.00 23.50 ? 269 HOH X O   1 
HETATM 1570 O O   . HOH B 2 .   ? 1.047   -15.137 -3.441  1.00 16.57 ? 270 HOH X O   1 
HETATM 1571 O O   . HOH B 2 .   ? 8.579   -17.757 -7.621  1.00 27.59 ? 271 HOH X O   1 
HETATM 1572 O O   . HOH B 2 .   ? 10.352  -18.176 -5.430  1.00 40.62 ? 272 HOH X O   1 
HETATM 1573 O O   . HOH B 2 .   ? 8.970   -14.116 1.425   1.00 24.12 ? 273 HOH X O   1 
HETATM 1574 O O   . HOH B 2 .   ? 10.951  -15.314 3.065   1.00 34.94 ? 274 HOH X O   1 
HETATM 1575 O O   . HOH B 2 .   ? 10.036  -14.725 5.582   1.00 29.91 ? 275 HOH X O   1 
HETATM 1576 O O   . HOH B 2 .   ? 14.748  -11.667 7.773   1.00 25.66 ? 276 HOH X O   1 
HETATM 1577 O O   . HOH B 2 .   ? 9.600   -0.993  13.565  1.00 27.63 ? 277 HOH X O   1 
HETATM 1578 O O   . HOH B 2 .   ? -2.555  0.208   -2.886  1.00 27.77 ? 278 HOH X O   1 
HETATM 1579 O O   . HOH B 2 .   ? -4.789  -0.881  -5.096  1.00 20.62 ? 279 HOH X O   1 
HETATM 1580 O O   . HOH B 2 .   ? 0.486   2.383   -8.658  1.00 32.74 ? 280 HOH X O   1 
HETATM 1581 O O   . HOH B 2 .   ? -4.419  3.743   -13.453 1.00 24.86 ? 281 HOH X O   1 
HETATM 1582 O O   . HOH B 2 .   ? -10.507 0.015   -11.673 1.00 22.79 ? 282 HOH X O   1 
HETATM 1583 O O   . HOH B 2 .   ? -14.627 0.925   -12.036 1.00 15.49 ? 283 HOH X O   1 
HETATM 1584 O O   . HOH B 2 .   ? -10.780 4.561   -17.035 1.00 28.74 ? 284 HOH X O   1 
HETATM 1585 O O   . HOH B 2 .   ? -16.970 0.011   -13.241 1.00 18.39 ? 285 HOH X O   1 
HETATM 1586 O O   . HOH B 2 .   ? -19.533 2.184   -12.359 1.00 19.62 ? 286 HOH X O   1 
HETATM 1587 O O   . HOH B 2 .   ? -13.746 -0.936  -20.173 1.00 20.91 ? 287 HOH X O   1 
HETATM 1588 O O   . HOH B 2 .   ? -13.880 -0.919  -22.883 1.00 31.46 ? 288 HOH X O   1 
HETATM 1589 O O   . HOH B 2 .   ? -15.111 1.129   -19.480 1.00 23.98 ? 289 HOH X O   1 
HETATM 1590 O O   . HOH B 2 .   ? -17.138 2.028   -20.703 1.00 33.78 ? 290 HOH X O   1 
HETATM 1591 O O   . HOH B 2 .   ? -15.083 -7.937  -22.309 1.00 29.76 ? 291 HOH X O   1 
HETATM 1592 O O   . HOH B 2 .   ? -8.414  -7.943  -24.128 1.00 22.71 ? 292 HOH X O   1 
HETATM 1593 O O   . HOH B 2 .   ? -13.073 5.097   7.636   1.00 23.90 ? 293 HOH X O   1 
HETATM 1594 O O   . HOH B 2 .   ? -7.063  -2.672  -17.786 1.00 41.44 ? 294 HOH X O   1 
HETATM 1595 O O   . HOH B 2 .   ? -8.570  -10.649 -11.516 1.00 20.80 ? 295 HOH X O   1 
HETATM 1596 O O   . HOH B 2 .   ? -11.332 -11.113 -10.882 1.00 30.74 ? 296 HOH X O   1 
HETATM 1597 O O   . HOH B 2 .   ? -13.860 -11.833 -11.122 1.00 18.18 ? 297 HOH X O   1 
HETATM 1598 O O   . HOH B 2 .   ? -3.157  -4.421  -4.134  1.00 15.83 ? 298 HOH X O   1 
HETATM 1599 O O   . HOH B 2 .   ? 4.584   -15.048 5.204   1.00 16.37 ? 299 HOH X O   1 
HETATM 1600 O O   . HOH B 2 .   ? 7.723   -13.423 5.424   1.00 17.11 ? 300 HOH X O   1 
HETATM 1601 O O   . HOH B 2 .   ? 0.027   1.608   10.291  1.00 15.25 ? 301 HOH X O   1 
HETATM 1602 O O   . HOH B 2 .   ? -2.546  -2.084  5.990   1.00 13.48 ? 302 HOH X O   1 
HETATM 1603 O O   . HOH B 2 .   ? -6.155  5.587   -4.093  1.00 32.53 ? 303 HOH X O   1 
HETATM 1604 O O   . HOH B 2 .   ? -9.198  7.029   -5.194  1.00 31.96 ? 304 HOH X O   1 
HETATM 1605 O O   . HOH B 2 .   ? -5.581  3.590   -7.699  1.00 27.89 ? 305 HOH X O   1 
HETATM 1606 O O   . HOH B 2 .   ? -4.602  3.536   -5.475  1.00 33.20 ? 306 HOH X O   1 
HETATM 1607 O O   . HOH B 2 .   ? -14.312 -2.918  2.713   1.00 17.95 ? 307 HOH X O   1 
HETATM 1608 O O   . HOH B 2 .   ? -14.173 -7.428  6.021   1.00 18.94 ? 308 HOH X O   1 
HETATM 1609 O O   . HOH B 2 .   ? -11.917 -6.871  7.490   1.00 28.49 ? 309 HOH X O   1 
HETATM 1610 O O   . HOH B 2 .   ? -11.225 -9.856  4.821   1.00 23.25 ? 310 HOH X O   1 
HETATM 1611 O O   . HOH B 2 .   ? -2.943  -4.894  14.004  1.00 20.53 ? 311 HOH X O   1 
HETATM 1612 O O   . HOH B 2 .   ? -3.192  -11.772 16.212  1.00 29.91 ? 312 HOH X O   1 
HETATM 1613 O O   . HOH B 2 .   ? 0.082   -12.244 15.234  1.00 28.07 ? 313 HOH X O   1 
HETATM 1614 O O   . HOH B 2 .   ? -11.313 13.653  4.544   1.00 20.06 ? 314 HOH X O   1 
HETATM 1615 O O   . HOH B 2 .   ? -14.898 12.119  3.454   1.00 20.60 ? 315 HOH X O   1 
HETATM 1616 O O   . HOH B 2 .   ? 13.212  -0.458  14.172  1.00 36.88 ? 316 HOH X O   1 
HETATM 1617 O O   . HOH B 2 .   ? 15.324  -1.196  11.603  1.00 30.30 ? 317 HOH X O   1 
HETATM 1618 O O   . HOH B 2 .   ? 15.363  11.916  -2.006  1.00 29.85 ? 318 HOH X O   1 
HETATM 1619 O O   . HOH B 2 .   ? 17.208  -3.814  -3.556  1.00 22.98 ? 319 HOH X O   1 
HETATM 1620 O O   . HOH B 2 .   ? 18.319  -2.075  -5.198  1.00 35.77 ? 320 HOH X O   1 
HETATM 1621 O O   . HOH B 2 .   ? 19.578  5.579   -4.594  1.00 40.69 ? 321 HOH X O   1 
HETATM 1622 O O   . HOH B 2 .   ? 19.645  3.608   -3.095  1.00 43.85 ? 322 HOH X O   1 
HETATM 1623 O O   . HOH B 2 .   ? 0.154   -7.245  -14.626 1.00 27.63 ? 323 HOH X O   1 
HETATM 1624 O O   . HOH B 2 .   ? 2.495   -18.221 -9.382  1.00 33.46 ? 324 HOH X O   1 
HETATM 1625 O O   . HOH B 2 .   ? 4.022   -18.248 -7.269  1.00 40.21 ? 325 HOH X O   1 
HETATM 1626 O O   . HOH B 2 .   ? 6.302   -18.756 -6.375  1.00 29.20 ? 326 HOH X O   1 
HETATM 1627 O O   . HOH B 2 .   ? 14.345  -15.523 -4.537  1.00 24.76 ? 327 HOH X O   1 
HETATM 1628 O O   . HOH B 2 .   ? 13.628  -15.073 2.495   1.00 26.08 ? 328 HOH X O   1 
HETATM 1629 O O   . HOH B 2 .   ? 19.277  -8.145  -3.264  1.00 28.12 ? 329 HOH X O   1 
HETATM 1630 O O   . HOH B 2 .   ? 19.256  -5.517  -2.560  1.00 28.43 ? 330 HOH X O   1 
HETATM 1631 O O   . HOH B 2 .   ? 14.642  -11.010 10.375  1.00 32.59 ? 331 HOH X O   1 
HETATM 1632 O O   . HOH B 2 .   ? 20.805  -7.361  7.429   1.00 33.68 ? 332 HOH X O   1 
HETATM 1633 O O   . HOH B 2 .   ? -2.227  4.292   -5.166  1.00 33.74 ? 333 HOH X O   1 
HETATM 1634 O O   . HOH B 2 .   ? -11.821 1.502   -18.426 1.00 40.51 ? 334 HOH X O   1 
HETATM 1635 O O   . HOH B 2 .   ? -24.854 1.165   -19.821 1.00 38.77 ? 335 HOH X O   1 
HETATM 1636 O O   . HOH B 2 .   ? -23.246 -5.831  -20.826 1.00 34.05 ? 336 HOH X O   1 
HETATM 1637 O O   . HOH B 2 .   ? -10.538 -3.186  -22.318 1.00 25.80 ? 337 HOH X O   1 
HETATM 1638 O O   . HOH B 2 .   ? 7.279   1.958   11.432  1.00 43.83 ? 338 HOH X O   1 
HETATM 1639 O O   . HOH B 2 .   ? -17.414 3.379   -5.738  1.00 25.10 ? 339 HOH X O   1 
HETATM 1640 O O   . HOH B 2 .   ? -22.020 2.705   1.117   1.00 31.81 ? 340 HOH X O   1 
HETATM 1641 O O   . HOH B 2 .   ? 0.356   2.853   13.624  1.00 34.61 ? 341 HOH X O   1 
HETATM 1642 O O   . HOH B 2 .   ? -11.263 0.554   9.673   1.00 27.26 ? 342 HOH X O   1 
HETATM 1643 O O   . HOH B 2 .   ? -14.697 7.444   7.358   1.00 26.18 ? 343 HOH X O   1 
HETATM 1644 O O   . HOH B 2 .   ? -9.853  0.114   14.615  1.00 30.62 ? 344 HOH X O   1 
HETATM 1645 O O   . HOH B 2 .   ? 4.412   0.856   -13.627 1.00 37.33 ? 345 HOH X O   1 
HETATM 1646 O O   . HOH B 2 .   ? 15.401  -12.625 -7.013  1.00 34.24 ? 346 HOH X O   1 
HETATM 1647 O O   . HOH B 2 .   ? -19.240 3.314   -19.359 1.00 34.61 ? 347 HOH X O   1 
HETATM 1648 O O   . HOH B 2 .   ? -5.288  -12.351 -10.074 1.00 35.29 ? 348 HOH X O   1 
HETATM 1649 O O   . HOH B 2 .   ? 11.877  -13.657 7.044   1.00 30.64 ? 349 HOH X O   1 
HETATM 1650 O O   . HOH B 2 .   ? -13.191 12.073  -4.305  1.00 41.26 ? 350 HOH X O   1 
HETATM 1651 O O   . HOH B 2 .   ? -19.516 3.079   -8.005  1.00 34.92 ? 351 HOH X O   1 
HETATM 1652 O O   . HOH B 2 .   ? -14.540 -4.188  5.121   1.00 35.69 ? 352 HOH X O   1 
HETATM 1653 O O   . HOH B 2 .   ? -13.330 -4.798  7.359   1.00 41.63 ? 353 HOH X O   1 
HETATM 1654 O O   . HOH B 2 .   ? -5.885  -16.520 10.050  1.00 31.78 ? 354 HOH X O   1 
HETATM 1655 O O   . HOH B 2 .   ? 4.345   -13.606 16.596  1.00 35.88 ? 355 HOH X O   1 
HETATM 1656 O O   . HOH B 2 .   ? -9.885  14.063  -2.897  1.00 32.95 ? 356 HOH X O   1 
HETATM 1657 O O   . HOH B 2 .   ? -2.791  14.358  4.939   1.00 37.05 ? 357 HOH X O   1 
# 
